data_6KFD
# 
_entry.id   6KFD 
# 
_audit_conform.dict_name       mmcif_pdbx.dic 
_audit_conform.dict_version    5.397 
_audit_conform.dict_location   http://mmcif.pdb.org/dictionaries/ascii/mmcif_pdbx.dic 
# 
loop_
_database_2.database_id 
_database_2.database_code 
_database_2.pdbx_database_accession 
_database_2.pdbx_DOI 
PDB   6KFD         pdb_00006kfd 10.2210/pdb6kfd/pdb 
WWPDB D_1300012464 ?            ?                   
# 
loop_
_pdbx_audit_revision_history.ordinal 
_pdbx_audit_revision_history.data_content_type 
_pdbx_audit_revision_history.major_revision 
_pdbx_audit_revision_history.minor_revision 
_pdbx_audit_revision_history.revision_date 
1 'Structure model' 1 0 2020-07-08 
2 'Structure model' 1 1 2020-07-29 
3 'Structure model' 1 2 2021-06-23 
4 'Structure model' 1 3 2023-11-22 
5 'Structure model' 1 4 2024-10-16 
# 
loop_
_pdbx_audit_revision_details.ordinal 
_pdbx_audit_revision_details.revision_ordinal 
_pdbx_audit_revision_details.data_content_type 
_pdbx_audit_revision_details.provider 
_pdbx_audit_revision_details.type 
_pdbx_audit_revision_details.description 
_pdbx_audit_revision_details.details 
1 1 'Structure model' repository 'Initial release' ?                          ? 
2 2 'Structure model' repository Remediation       'Carbohydrate remediation' ? 
# 
loop_
_pdbx_audit_revision_group.ordinal 
_pdbx_audit_revision_group.revision_ordinal 
_pdbx_audit_revision_group.data_content_type 
_pdbx_audit_revision_group.group 
1 2 'Structure model' 'Data collection'        
2 2 'Structure model' 'Derived calculations'   
3 2 'Structure model' 'Structure summary'      
4 3 'Structure model' 'Database references'    
5 3 'Structure model' 'Structure summary'      
6 4 'Structure model' 'Data collection'        
7 4 'Structure model' 'Database references'    
8 4 'Structure model' 'Refinement description' 
9 5 'Structure model' 'Structure summary'      
# 
loop_
_pdbx_audit_revision_category.ordinal 
_pdbx_audit_revision_category.revision_ordinal 
_pdbx_audit_revision_category.data_content_type 
_pdbx_audit_revision_category.category 
1  2 'Structure model' chem_comp                     
2  2 'Structure model' entity                        
3  2 'Structure model' pdbx_chem_comp_identifier     
4  2 'Structure model' pdbx_entity_nonpoly           
5  2 'Structure model' struct_conn                   
6  2 'Structure model' struct_site                   
7  2 'Structure model' struct_site_gen               
8  3 'Structure model' chem_comp                     
9  3 'Structure model' citation                      
10 3 'Structure model' citation_author               
11 4 'Structure model' chem_comp_atom                
12 4 'Structure model' chem_comp_bond                
13 4 'Structure model' database_2                    
14 4 'Structure model' pdbx_initial_refinement_model 
15 5 'Structure model' pdbx_entry_details            
16 5 'Structure model' pdbx_modification_feature     
# 
loop_
_pdbx_audit_revision_item.ordinal 
_pdbx_audit_revision_item.revision_ordinal 
_pdbx_audit_revision_item.data_content_type 
_pdbx_audit_revision_item.item 
1  2 'Structure model' '_chem_comp.name'                              
2  2 'Structure model' '_entity.pdbx_description'                     
3  2 'Structure model' '_pdbx_entity_nonpoly.name'                    
4  2 'Structure model' '_struct_conn.pdbx_dist_value'                 
5  2 'Structure model' '_struct_conn.pdbx_role'                       
6  2 'Structure model' '_struct_conn.ptnr1_auth_seq_id'               
7  2 'Structure model' '_struct_conn.ptnr1_label_seq_id'              
8  2 'Structure model' '_struct_conn.ptnr2_auth_seq_id'               
9  2 'Structure model' '_struct_conn.ptnr2_label_seq_id'              
10 2 'Structure model' '_struct_conn.ptnr2_symmetry'                  
11 3 'Structure model' '_chem_comp.pdbx_synonyms'                     
12 3 'Structure model' '_citation.country'                            
13 3 'Structure model' '_citation.journal_abbrev'                     
14 3 'Structure model' '_citation.journal_id_CSD'                     
15 3 'Structure model' '_citation.journal_id_ISSN'                    
16 3 'Structure model' '_citation.journal_volume'                     
17 3 'Structure model' '_citation.page_first'                         
18 3 'Structure model' '_citation.page_last'                          
19 3 'Structure model' '_citation.pdbx_database_id_DOI'               
20 3 'Structure model' '_citation.pdbx_database_id_PubMed'            
21 3 'Structure model' '_citation.title'                              
22 3 'Structure model' '_citation.year'                               
23 4 'Structure model' '_database_2.pdbx_DOI'                         
24 4 'Structure model' '_database_2.pdbx_database_accession'          
25 5 'Structure model' '_pdbx_entry_details.has_protein_modification' 
# 
_pdbx_database_status.status_code                     REL 
_pdbx_database_status.status_code_sf                  REL 
_pdbx_database_status.status_code_mr                  ? 
_pdbx_database_status.entry_id                        6KFD 
_pdbx_database_status.recvd_initial_deposition_date   2019-07-07 
_pdbx_database_status.SG_entry                        N 
_pdbx_database_status.deposit_site                    PDBJ 
_pdbx_database_status.process_site                    PDBJ 
_pdbx_database_status.status_code_cs                  ? 
_pdbx_database_status.methods_development_category    ? 
_pdbx_database_status.pdb_format_compatible           Y 
_pdbx_database_status.status_code_nmr_data            ? 
# 
loop_
_audit_author.name 
_audit_author.pdbx_ordinal 
_audit_author.identifier_ORCID 
'Motojima, F.' 1 0000-0003-4461-8673 
'Izumi, A.'    2 ?                   
'Asano, Y.'    3 0000-0003-3645-3952 
# 
_citation.abstract                  ? 
_citation.abstract_id_CAS           ? 
_citation.book_id_ISBN              ? 
_citation.book_publisher            ? 
_citation.book_publisher_city       ? 
_citation.book_title                ? 
_citation.coordinate_linkage        ? 
_citation.country                   UK 
_citation.database_id_Medline       ? 
_citation.details                   ? 
_citation.id                        primary 
_citation.journal_abbrev            'Febs J.' 
_citation.journal_id_ASTM           ? 
_citation.journal_id_CSD            ? 
_citation.journal_id_ISSN           1742-464X 
_citation.journal_full              ? 
_citation.journal_issue             ? 
_citation.journal_volume            288 
_citation.language                  ? 
_citation.page_first                1679 
_citation.page_last                 1695 
_citation.title                     
;R-hydroxynitrile lyase from the cyanogenic millipede, Chamberlinius hualienensis-A new entry to the carrier protein family Lipocalines.
;
_citation.year                      2021 
_citation.database_id_CSD           ? 
_citation.pdbx_database_id_DOI      10.1111/febs.15490 
_citation.pdbx_database_id_PubMed   32679618 
_citation.unpublished_flag          ? 
# 
loop_
_citation_author.citation_id 
_citation_author.name 
_citation_author.ordinal 
_citation_author.identifier_ORCID 
primary 'Motojima, F.'    1 0000-0003-4461-8673 
primary 'Izumi, A.'       2 ?                   
primary 'Nuylert, A.'     3 0000-0002-8312-9592 
primary 'Zhai, Z.'        4 0000-0003-1691-5945 
primary 'Dadashipour, M.' 5 0000-0002-4842-9282 
primary 'Shichida, S.'    6 ?                   
primary 'Yamaguchi, T.'   7 0000-0002-7533-430X 
primary 'Nakano, S.'      8 0000-0002-6614-7158 
primary 'Asano, Y.'       9 0000-0003-3645-3952 
# 
loop_
_entity.id 
_entity.type 
_entity.src_method 
_entity.pdbx_description 
_entity.formula_weight 
_entity.pdbx_number_of_molecules 
_entity.pdbx_ec 
_entity.pdbx_mutation 
_entity.pdbx_fragment 
_entity.details 
1 polymer     nat 'Hydroxynitrile lyase'                   18241.252 1   ? ? ? ? 
2 non-polymer syn 'iodoacetic acid'                        185.948   1   ? ? ? ? 
3 non-polymer man 2-acetamido-2-deoxy-beta-D-glucopyranose 221.208   2   ? ? ? ? 
4 water       nat water                                    18.015    231 ? ? ? ? 
# 
_entity_poly.entity_id                      1 
_entity_poly.type                           'polypeptide(L)' 
_entity_poly.nstd_linkage                   no 
_entity_poly.nstd_monomer                   no 
_entity_poly.pdbx_seq_one_letter_code       
;LTCDQLPKAAINPIQEFIDSNPLEFEYVLTETFECTTRIYVQPARWSTTKAPTALDIKGTQIMAYDFVGGPENSAHLNEC
HTGDKQVWYFQYTNLLTDNGSSYCAYRCNGTEIIEYKCASNNNGTDPLQHQAMEVAKTVPNGDKIHYAKSNCPETHGCFA
FY
;
_entity_poly.pdbx_seq_one_letter_code_can   
;LTCDQLPKAAINPIQEFIDSNPLEFEYVLTETFECTTRIYVQPARWSTTKAPTALDIKGTQIMAYDFVGGPENSAHLNEC
HTGDKQVWYFQYTNLLTDNGSSYCAYRCNGTEIIEYKCASNNNGTDPLQHQAMEVAKTVPNGDKIHYAKSNCPETHGCFA
FY
;
_entity_poly.pdbx_strand_id                 A 
_entity_poly.pdbx_target_identifier         ? 
# 
loop_
_pdbx_entity_nonpoly.entity_id 
_pdbx_entity_nonpoly.name 
_pdbx_entity_nonpoly.comp_id 
2 'iodoacetic acid'                        04E 
3 2-acetamido-2-deoxy-beta-D-glucopyranose NAG 
4 water                                    HOH 
# 
loop_
_entity_poly_seq.entity_id 
_entity_poly_seq.num 
_entity_poly_seq.mon_id 
_entity_poly_seq.hetero 
1 1   LEU n 
1 2   THR n 
1 3   CYS n 
1 4   ASP n 
1 5   GLN n 
1 6   LEU n 
1 7   PRO n 
1 8   LYS n 
1 9   ALA n 
1 10  ALA n 
1 11  ILE n 
1 12  ASN n 
1 13  PRO n 
1 14  ILE n 
1 15  GLN n 
1 16  GLU n 
1 17  PHE n 
1 18  ILE n 
1 19  ASP n 
1 20  SER n 
1 21  ASN n 
1 22  PRO n 
1 23  LEU n 
1 24  GLU n 
1 25  PHE n 
1 26  GLU n 
1 27  TYR n 
1 28  VAL n 
1 29  LEU n 
1 30  THR n 
1 31  GLU n 
1 32  THR n 
1 33  PHE n 
1 34  GLU n 
1 35  CYS n 
1 36  THR n 
1 37  THR n 
1 38  ARG n 
1 39  ILE n 
1 40  TYR n 
1 41  VAL n 
1 42  GLN n 
1 43  PRO n 
1 44  ALA n 
1 45  ARG n 
1 46  TRP n 
1 47  SER n 
1 48  THR n 
1 49  THR n 
1 50  LYS n 
1 51  ALA n 
1 52  PRO n 
1 53  THR n 
1 54  ALA n 
1 55  LEU n 
1 56  ASP n 
1 57  ILE n 
1 58  LYS n 
1 59  GLY n 
1 60  THR n 
1 61  GLN n 
1 62  ILE n 
1 63  MET n 
1 64  ALA n 
1 65  TYR n 
1 66  ASP n 
1 67  PHE n 
1 68  VAL n 
1 69  GLY n 
1 70  GLY n 
1 71  PRO n 
1 72  GLU n 
1 73  ASN n 
1 74  SER n 
1 75  ALA n 
1 76  HIS n 
1 77  LEU n 
1 78  ASN n 
1 79  GLU n 
1 80  CYS n 
1 81  HIS n 
1 82  THR n 
1 83  GLY n 
1 84  ASP n 
1 85  LYS n 
1 86  GLN n 
1 87  VAL n 
1 88  TRP n 
1 89  TYR n 
1 90  PHE n 
1 91  GLN n 
1 92  TYR n 
1 93  THR n 
1 94  ASN n 
1 95  LEU n 
1 96  LEU n 
1 97  THR n 
1 98  ASP n 
1 99  ASN n 
1 100 GLY n 
1 101 SER n 
1 102 SER n 
1 103 TYR n 
1 104 CYS n 
1 105 ALA n 
1 106 TYR n 
1 107 ARG n 
1 108 CYS n 
1 109 ASN n 
1 110 GLY n 
1 111 THR n 
1 112 GLU n 
1 113 ILE n 
1 114 ILE n 
1 115 GLU n 
1 116 TYR n 
1 117 LYS n 
1 118 CYS n 
1 119 ALA n 
1 120 SER n 
1 121 ASN n 
1 122 ASN n 
1 123 ASN n 
1 124 GLY n 
1 125 THR n 
1 126 ASP n 
1 127 PRO n 
1 128 LEU n 
1 129 GLN n 
1 130 HIS n 
1 131 GLN n 
1 132 ALA n 
1 133 MET n 
1 134 GLU n 
1 135 VAL n 
1 136 ALA n 
1 137 LYS n 
1 138 THR n 
1 139 VAL n 
1 140 PRO n 
1 141 ASN n 
1 142 GLY n 
1 143 ASP n 
1 144 LYS n 
1 145 ILE n 
1 146 HIS n 
1 147 TYR n 
1 148 ALA n 
1 149 LYS n 
1 150 SER n 
1 151 ASN n 
1 152 CYS n 
1 153 PRO n 
1 154 GLU n 
1 155 THR n 
1 156 HIS n 
1 157 GLY n 
1 158 CYS n 
1 159 PHE n 
1 160 ALA n 
1 161 PHE n 
1 162 TYR n 
# 
_entity_src_nat.entity_id                  1 
_entity_src_nat.pdbx_src_id                1 
_entity_src_nat.pdbx_alt_source_flag       sample 
_entity_src_nat.pdbx_beg_seq_num           1 
_entity_src_nat.pdbx_end_seq_num           162 
_entity_src_nat.common_name                ? 
_entity_src_nat.pdbx_organism_scientific   'Chamberlinius hualienensis' 
_entity_src_nat.pdbx_ncbi_taxonomy_id      1551368 
_entity_src_nat.genus                      ? 
_entity_src_nat.species                    ? 
_entity_src_nat.strain                     ? 
_entity_src_nat.tissue                     ? 
_entity_src_nat.tissue_fraction            ? 
_entity_src_nat.pdbx_secretion             ? 
_entity_src_nat.pdbx_fragment              ? 
_entity_src_nat.pdbx_variant               ? 
_entity_src_nat.pdbx_cell_line             ? 
_entity_src_nat.pdbx_atcc                  ? 
_entity_src_nat.pdbx_cellular_location     ? 
_entity_src_nat.pdbx_organ                 ? 
_entity_src_nat.pdbx_organelle             ? 
_entity_src_nat.pdbx_cell                  ? 
_entity_src_nat.pdbx_plasmid_name          ? 
_entity_src_nat.pdbx_plasmid_details       ? 
_entity_src_nat.details                    ? 
# 
loop_
_chem_comp.id 
_chem_comp.type 
_chem_comp.mon_nstd_flag 
_chem_comp.name 
_chem_comp.pdbx_synonyms 
_chem_comp.formula 
_chem_comp.formula_weight 
04E non-polymer                  . 'iodoacetic acid'                        ? 'C2 H3 I O2'     185.948 
ALA 'L-peptide linking'          y ALANINE                                  ? 'C3 H7 N O2'     89.093  
ARG 'L-peptide linking'          y ARGININE                                 ? 'C6 H15 N4 O2 1' 175.209 
ASN 'L-peptide linking'          y ASPARAGINE                               ? 'C4 H8 N2 O3'    132.118 
ASP 'L-peptide linking'          y 'ASPARTIC ACID'                          ? 'C4 H7 N O4'     133.103 
CYS 'L-peptide linking'          y CYSTEINE                                 ? 'C3 H7 N O2 S'   121.158 
GLN 'L-peptide linking'          y GLUTAMINE                                ? 'C5 H10 N2 O3'   146.144 
GLU 'L-peptide linking'          y 'GLUTAMIC ACID'                          ? 'C5 H9 N O4'     147.129 
GLY 'peptide linking'            y GLYCINE                                  ? 'C2 H5 N O2'     75.067  
HIS 'L-peptide linking'          y HISTIDINE                                ? 'C6 H10 N3 O2 1' 156.162 
HOH non-polymer                  . WATER                                    ? 'H2 O'           18.015  
ILE 'L-peptide linking'          y ISOLEUCINE                               ? 'C6 H13 N O2'    131.173 
LEU 'L-peptide linking'          y LEUCINE                                  ? 'C6 H13 N O2'    131.173 
LYS 'L-peptide linking'          y LYSINE                                   ? 'C6 H15 N2 O2 1' 147.195 
MET 'L-peptide linking'          y METHIONINE                               ? 'C5 H11 N O2 S'  149.211 
NAG 'D-saccharide, beta linking' . 2-acetamido-2-deoxy-beta-D-glucopyranose 
;N-acetyl-beta-D-glucosamine; 2-acetamido-2-deoxy-beta-D-glucose; 2-acetamido-2-deoxy-D-glucose; 2-acetamido-2-deoxy-glucose; N-ACETYL-D-GLUCOSAMINE
;
'C8 H15 N O6'    221.208 
PHE 'L-peptide linking'          y PHENYLALANINE                            ? 'C9 H11 N O2'    165.189 
PRO 'L-peptide linking'          y PROLINE                                  ? 'C5 H9 N O2'     115.130 
SER 'L-peptide linking'          y SERINE                                   ? 'C3 H7 N O3'     105.093 
THR 'L-peptide linking'          y THREONINE                                ? 'C4 H9 N O3'     119.119 
TRP 'L-peptide linking'          y TRYPTOPHAN                               ? 'C11 H12 N2 O2'  204.225 
TYR 'L-peptide linking'          y TYROSINE                                 ? 'C9 H11 N O3'    181.189 
VAL 'L-peptide linking'          y VALINE                                   ? 'C5 H11 N O2'    117.146 
# 
loop_
_pdbx_chem_comp_identifier.comp_id 
_pdbx_chem_comp_identifier.type 
_pdbx_chem_comp_identifier.program 
_pdbx_chem_comp_identifier.program_version 
_pdbx_chem_comp_identifier.identifier 
NAG 'CONDENSED IUPAC CARBOHYDRATE SYMBOL' GMML     1.0 DGlcpNAcb                      
NAG 'COMMON NAME'                         GMML     1.0 N-acetyl-b-D-glucopyranosamine 
NAG 'IUPAC CARBOHYDRATE SYMBOL'           PDB-CARE 1.0 b-D-GlcpNAc                    
NAG 'SNFG CARBOHYDRATE SYMBOL'            GMML     1.0 GlcNAc                         
# 
loop_
_pdbx_poly_seq_scheme.asym_id 
_pdbx_poly_seq_scheme.entity_id 
_pdbx_poly_seq_scheme.seq_id 
_pdbx_poly_seq_scheme.mon_id 
_pdbx_poly_seq_scheme.ndb_seq_num 
_pdbx_poly_seq_scheme.pdb_seq_num 
_pdbx_poly_seq_scheme.auth_seq_num 
_pdbx_poly_seq_scheme.pdb_mon_id 
_pdbx_poly_seq_scheme.auth_mon_id 
_pdbx_poly_seq_scheme.pdb_strand_id 
_pdbx_poly_seq_scheme.pdb_ins_code 
_pdbx_poly_seq_scheme.hetero 
A 1 1   LEU 1   1   1   LEU LEU A . n 
A 1 2   THR 2   2   2   THR THR A . n 
A 1 3   CYS 3   3   3   CYS CYS A . n 
A 1 4   ASP 4   4   4   ASP ASP A . n 
A 1 5   GLN 5   5   5   GLN GLN A . n 
A 1 6   LEU 6   6   6   LEU LEU A . n 
A 1 7   PRO 7   7   7   PRO PRO A . n 
A 1 8   LYS 8   8   8   LYS LYS A . n 
A 1 9   ALA 9   9   9   ALA ALA A . n 
A 1 10  ALA 10  10  10  ALA ALA A . n 
A 1 11  ILE 11  11  11  ILE ILE A . n 
A 1 12  ASN 12  12  12  ASN ASN A . n 
A 1 13  PRO 13  13  13  PRO PRO A . n 
A 1 14  ILE 14  14  14  ILE ILE A . n 
A 1 15  GLN 15  15  15  GLN GLN A . n 
A 1 16  GLU 16  16  16  GLU GLU A . n 
A 1 17  PHE 17  17  17  PHE PHE A . n 
A 1 18  ILE 18  18  18  ILE ILE A . n 
A 1 19  ASP 19  19  19  ASP ASP A . n 
A 1 20  SER 20  20  20  SER SER A . n 
A 1 21  ASN 21  21  21  ASN ASN A . n 
A 1 22  PRO 22  22  22  PRO PRO A . n 
A 1 23  LEU 23  23  23  LEU LEU A . n 
A 1 24  GLU 24  24  24  GLU GLU A . n 
A 1 25  PHE 25  25  25  PHE PHE A . n 
A 1 26  GLU 26  26  26  GLU GLU A . n 
A 1 27  TYR 27  27  27  TYR TYR A . n 
A 1 28  VAL 28  28  28  VAL VAL A . n 
A 1 29  LEU 29  29  29  LEU LEU A . n 
A 1 30  THR 30  30  30  THR THR A . n 
A 1 31  GLU 31  31  31  GLU GLU A . n 
A 1 32  THR 32  32  32  THR THR A . n 
A 1 33  PHE 33  33  33  PHE PHE A . n 
A 1 34  GLU 34  34  34  GLU GLU A . n 
A 1 35  CYS 35  35  35  CYS CYS A . n 
A 1 36  THR 36  36  36  THR THR A . n 
A 1 37  THR 37  37  37  THR THR A . n 
A 1 38  ARG 38  38  38  ARG ARG A . n 
A 1 39  ILE 39  39  39  ILE ILE A . n 
A 1 40  TYR 40  40  40  TYR TYR A . n 
A 1 41  VAL 41  41  41  VAL VAL A . n 
A 1 42  GLN 42  42  42  GLN GLN A . n 
A 1 43  PRO 43  43  43  PRO PRO A . n 
A 1 44  ALA 44  44  44  ALA ALA A . n 
A 1 45  ARG 45  45  45  ARG ARG A . n 
A 1 46  TRP 46  46  46  TRP TRP A . n 
A 1 47  SER 47  47  47  SER SER A . n 
A 1 48  THR 48  48  48  THR THR A . n 
A 1 49  THR 49  49  49  THR THR A . n 
A 1 50  LYS 50  50  50  LYS LYS A . n 
A 1 51  ALA 51  51  51  ALA ALA A . n 
A 1 52  PRO 52  52  52  PRO PRO A . n 
A 1 53  THR 53  53  53  THR THR A . n 
A 1 54  ALA 54  54  54  ALA ALA A . n 
A 1 55  LEU 55  55  55  LEU LEU A . n 
A 1 56  ASP 56  56  56  ASP ASP A . n 
A 1 57  ILE 57  57  57  ILE ILE A . n 
A 1 58  LYS 58  58  58  LYS LYS A . n 
A 1 59  GLY 59  59  59  GLY GLY A . n 
A 1 60  THR 60  60  60  THR THR A . n 
A 1 61  GLN 61  61  61  GLN GLN A . n 
A 1 62  ILE 62  62  62  ILE ILE A . n 
A 1 63  MET 63  63  63  MET MET A . n 
A 1 64  ALA 64  64  64  ALA ALA A . n 
A 1 65  TYR 65  65  65  TYR TYR A . n 
A 1 66  ASP 66  66  66  ASP ASP A . n 
A 1 67  PHE 67  67  67  PHE PHE A . n 
A 1 68  VAL 68  68  68  VAL VAL A . n 
A 1 69  GLY 69  69  69  GLY GLY A . n 
A 1 70  GLY 70  70  70  GLY GLY A . n 
A 1 71  PRO 71  71  71  PRO PRO A . n 
A 1 72  GLU 72  72  72  GLU GLU A . n 
A 1 73  ASN 73  73  73  ASN ASN A . n 
A 1 74  SER 74  74  74  SER SER A . n 
A 1 75  ALA 75  75  75  ALA ALA A . n 
A 1 76  HIS 76  76  76  HIS HIS A . n 
A 1 77  LEU 77  77  77  LEU LEU A . n 
A 1 78  ASN 78  78  78  ASN ASN A . n 
A 1 79  GLU 79  79  79  GLU GLU A . n 
A 1 80  CYS 80  80  80  CYS CYS A . n 
A 1 81  HIS 81  81  81  HIS HIS A . n 
A 1 82  THR 82  82  82  THR THR A . n 
A 1 83  GLY 83  83  83  GLY GLY A . n 
A 1 84  ASP 84  84  84  ASP ASP A . n 
A 1 85  LYS 85  85  85  LYS LYS A . n 
A 1 86  GLN 86  86  86  GLN GLN A . n 
A 1 87  VAL 87  87  87  VAL VAL A . n 
A 1 88  TRP 88  88  88  TRP TRP A . n 
A 1 89  TYR 89  89  89  TYR TYR A . n 
A 1 90  PHE 90  90  90  PHE PHE A . n 
A 1 91  GLN 91  91  91  GLN GLN A . n 
A 1 92  TYR 92  92  92  TYR TYR A . n 
A 1 93  THR 93  93  93  THR THR A . n 
A 1 94  ASN 94  94  94  ASN ASN A . n 
A 1 95  LEU 95  95  95  LEU LEU A . n 
A 1 96  LEU 96  96  96  LEU LEU A . n 
A 1 97  THR 97  97  97  THR THR A . n 
A 1 98  ASP 98  98  98  ASP ASP A . n 
A 1 99  ASN 99  99  99  ASN ASN A . n 
A 1 100 GLY 100 100 100 GLY GLY A . n 
A 1 101 SER 101 101 101 SER SER A . n 
A 1 102 SER 102 102 102 SER SER A . n 
A 1 103 TYR 103 103 103 TYR TYR A . n 
A 1 104 CYS 104 104 104 CYS CYS A . n 
A 1 105 ALA 105 105 105 ALA ALA A . n 
A 1 106 TYR 106 106 106 TYR TYR A . n 
A 1 107 ARG 107 107 107 ARG ARG A . n 
A 1 108 CYS 108 108 108 CYS CYS A . n 
A 1 109 ASN 109 109 109 ASN ASN A . n 
A 1 110 GLY 110 110 110 GLY GLY A . n 
A 1 111 THR 111 111 111 THR THR A . n 
A 1 112 GLU 112 112 112 GLU GLU A . n 
A 1 113 ILE 113 113 113 ILE ILE A . n 
A 1 114 ILE 114 114 114 ILE ILE A . n 
A 1 115 GLU 115 115 115 GLU GLU A . n 
A 1 116 TYR 116 116 116 TYR TYR A . n 
A 1 117 LYS 117 117 117 LYS LYS A . n 
A 1 118 CYS 118 118 118 CYS CYS A . n 
A 1 119 ALA 119 119 119 ALA ALA A . n 
A 1 120 SER 120 120 120 SER SER A . n 
A 1 121 ASN 121 121 121 ASN ASN A . n 
A 1 122 ASN 122 122 122 ASN ASN A . n 
A 1 123 ASN 123 123 123 ASN ASN A . n 
A 1 124 GLY 124 124 124 GLY GLY A . n 
A 1 125 THR 125 125 125 THR THR A . n 
A 1 126 ASP 126 126 126 ASP ASP A . n 
A 1 127 PRO 127 127 127 PRO PRO A . n 
A 1 128 LEU 128 128 128 LEU LEU A . n 
A 1 129 GLN 129 129 129 GLN GLN A . n 
A 1 130 HIS 130 130 130 HIS HIS A . n 
A 1 131 GLN 131 131 131 GLN GLN A . n 
A 1 132 ALA 132 132 132 ALA ALA A . n 
A 1 133 MET 133 133 133 MET MET A . n 
A 1 134 GLU 134 134 134 GLU GLU A . n 
A 1 135 VAL 135 135 135 VAL VAL A . n 
A 1 136 ALA 136 136 136 ALA ALA A . n 
A 1 137 LYS 137 137 137 LYS LYS A . n 
A 1 138 THR 138 138 138 THR THR A . n 
A 1 139 VAL 139 139 139 VAL VAL A . n 
A 1 140 PRO 140 140 140 PRO PRO A . n 
A 1 141 ASN 141 141 141 ASN ASN A . n 
A 1 142 GLY 142 142 142 GLY GLY A . n 
A 1 143 ASP 143 143 143 ASP ASP A . n 
A 1 144 LYS 144 144 144 LYS LYS A . n 
A 1 145 ILE 145 145 145 ILE ILE A . n 
A 1 146 HIS 146 146 146 HIS HIS A . n 
A 1 147 TYR 147 147 147 TYR TYR A . n 
A 1 148 ALA 148 148 148 ALA ALA A . n 
A 1 149 LYS 149 149 149 LYS LYS A . n 
A 1 150 SER 150 150 150 SER SER A . n 
A 1 151 ASN 151 151 151 ASN ASN A . n 
A 1 152 CYS 152 152 152 CYS CYS A . n 
A 1 153 PRO 153 153 153 PRO PRO A . n 
A 1 154 GLU 154 154 154 GLU GLU A . n 
A 1 155 THR 155 155 155 THR THR A . n 
A 1 156 HIS 156 156 156 HIS HIS A . n 
A 1 157 GLY 157 157 157 GLY GLY A . n 
A 1 158 CYS 158 158 158 CYS CYS A . n 
A 1 159 PHE 159 159 159 PHE PHE A . n 
A 1 160 ALA 160 160 160 ALA ALA A . n 
A 1 161 PHE 161 161 161 PHE PHE A . n 
A 1 162 TYR 162 162 162 TYR TYR A . n 
# 
_pdbx_entity_instance_feature.ordinal        1 
_pdbx_entity_instance_feature.comp_id        NAG 
_pdbx_entity_instance_feature.asym_id        ? 
_pdbx_entity_instance_feature.seq_num        ? 
_pdbx_entity_instance_feature.auth_comp_id   NAG 
_pdbx_entity_instance_feature.auth_asym_id   ? 
_pdbx_entity_instance_feature.auth_seq_num   ? 
_pdbx_entity_instance_feature.feature_type   'SUBJECT OF INVESTIGATION' 
_pdbx_entity_instance_feature.details        ? 
# 
loop_
_pdbx_nonpoly_scheme.asym_id 
_pdbx_nonpoly_scheme.entity_id 
_pdbx_nonpoly_scheme.mon_id 
_pdbx_nonpoly_scheme.ndb_seq_num 
_pdbx_nonpoly_scheme.pdb_seq_num 
_pdbx_nonpoly_scheme.auth_seq_num 
_pdbx_nonpoly_scheme.pdb_mon_id 
_pdbx_nonpoly_scheme.auth_mon_id 
_pdbx_nonpoly_scheme.pdb_strand_id 
_pdbx_nonpoly_scheme.pdb_ins_code 
B 2 04E 1   201 201 04E 04E A . 
C 3 NAG 1   202 202 NAG NAG A . 
D 3 NAG 1   203 203 NAG NAG A . 
E 4 HOH 1   301 301 HOH HOH A . 
E 4 HOH 2   302 302 HOH HOH A . 
E 4 HOH 3   303 303 HOH HOH A . 
E 4 HOH 4   304 304 HOH HOH A . 
E 4 HOH 5   305 305 HOH HOH A . 
E 4 HOH 6   306 306 HOH HOH A . 
E 4 HOH 7   307 307 HOH HOH A . 
E 4 HOH 8   308 308 HOH HOH A . 
E 4 HOH 9   309 310 HOH HOH A . 
E 4 HOH 10  310 309 HOH HOH A . 
E 4 HOH 11  311 311 HOH HOH A . 
E 4 HOH 12  312 312 HOH HOH A . 
E 4 HOH 13  313 313 HOH HOH A . 
E 4 HOH 14  314 314 HOH HOH A . 
E 4 HOH 15  315 315 HOH HOH A . 
E 4 HOH 16  316 316 HOH HOH A . 
E 4 HOH 17  317 317 HOH HOH A . 
E 4 HOH 18  318 318 HOH HOH A . 
E 4 HOH 19  319 319 HOH HOH A . 
E 4 HOH 20  320 320 HOH HOH A . 
E 4 HOH 21  321 321 HOH HOH A . 
E 4 HOH 22  322 322 HOH HOH A . 
E 4 HOH 23  323 323 HOH HOH A . 
E 4 HOH 24  324 324 HOH HOH A . 
E 4 HOH 25  325 325 HOH HOH A . 
E 4 HOH 26  326 326 HOH HOH A . 
E 4 HOH 27  327 327 HOH HOH A . 
E 4 HOH 28  328 328 HOH HOH A . 
E 4 HOH 29  329 329 HOH HOH A . 
E 4 HOH 30  330 330 HOH HOH A . 
E 4 HOH 31  331 331 HOH HOH A . 
E 4 HOH 32  332 332 HOH HOH A . 
E 4 HOH 33  333 333 HOH HOH A . 
E 4 HOH 34  334 334 HOH HOH A . 
E 4 HOH 35  335 335 HOH HOH A . 
E 4 HOH 36  336 336 HOH HOH A . 
E 4 HOH 37  337 337 HOH HOH A . 
E 4 HOH 38  338 338 HOH HOH A . 
E 4 HOH 39  339 339 HOH HOH A . 
E 4 HOH 40  340 340 HOH HOH A . 
E 4 HOH 41  341 341 HOH HOH A . 
E 4 HOH 42  342 342 HOH HOH A . 
E 4 HOH 43  343 343 HOH HOH A . 
E 4 HOH 44  344 344 HOH HOH A . 
E 4 HOH 45  345 345 HOH HOH A . 
E 4 HOH 46  346 346 HOH HOH A . 
E 4 HOH 47  347 347 HOH HOH A . 
E 4 HOH 48  348 348 HOH HOH A . 
E 4 HOH 49  349 349 HOH HOH A . 
E 4 HOH 50  350 350 HOH HOH A . 
E 4 HOH 51  351 351 HOH HOH A . 
E 4 HOH 52  352 352 HOH HOH A . 
E 4 HOH 53  353 353 HOH HOH A . 
E 4 HOH 54  354 354 HOH HOH A . 
E 4 HOH 55  355 355 HOH HOH A . 
E 4 HOH 56  356 356 HOH HOH A . 
E 4 HOH 57  357 357 HOH HOH A . 
E 4 HOH 58  358 358 HOH HOH A . 
E 4 HOH 59  359 359 HOH HOH A . 
E 4 HOH 60  360 360 HOH HOH A . 
E 4 HOH 61  361 361 HOH HOH A . 
E 4 HOH 62  362 362 HOH HOH A . 
E 4 HOH 63  363 363 HOH HOH A . 
E 4 HOH 64  364 364 HOH HOH A . 
E 4 HOH 65  365 365 HOH HOH A . 
E 4 HOH 66  366 366 HOH HOH A . 
E 4 HOH 67  367 367 HOH HOH A . 
E 4 HOH 68  368 368 HOH HOH A . 
E 4 HOH 69  369 369 HOH HOH A . 
E 4 HOH 70  370 370 HOH HOH A . 
E 4 HOH 71  371 371 HOH HOH A . 
E 4 HOH 72  372 372 HOH HOH A . 
E 4 HOH 73  373 373 HOH HOH A . 
E 4 HOH 74  374 374 HOH HOH A . 
E 4 HOH 75  375 375 HOH HOH A . 
E 4 HOH 76  376 376 HOH HOH A . 
E 4 HOH 77  377 377 HOH HOH A . 
E 4 HOH 78  378 378 HOH HOH A . 
E 4 HOH 79  379 379 HOH HOH A . 
E 4 HOH 80  380 380 HOH HOH A . 
E 4 HOH 81  381 381 HOH HOH A . 
E 4 HOH 82  382 382 HOH HOH A . 
E 4 HOH 83  383 383 HOH HOH A . 
E 4 HOH 84  384 384 HOH HOH A . 
E 4 HOH 85  385 385 HOH HOH A . 
E 4 HOH 86  386 386 HOH HOH A . 
E 4 HOH 87  387 387 HOH HOH A . 
E 4 HOH 88  388 388 HOH HOH A . 
E 4 HOH 89  389 389 HOH HOH A . 
E 4 HOH 90  390 390 HOH HOH A . 
E 4 HOH 91  391 392 HOH HOH A . 
E 4 HOH 92  392 391 HOH HOH A . 
E 4 HOH 93  393 393 HOH HOH A . 
E 4 HOH 94  394 394 HOH HOH A . 
E 4 HOH 95  395 395 HOH HOH A . 
E 4 HOH 96  396 396 HOH HOH A . 
E 4 HOH 97  397 397 HOH HOH A . 
E 4 HOH 98  398 398 HOH HOH A . 
E 4 HOH 99  399 399 HOH HOH A . 
E 4 HOH 100 400 400 HOH HOH A . 
E 4 HOH 101 401 401 HOH HOH A . 
E 4 HOH 102 402 402 HOH HOH A . 
E 4 HOH 103 403 403 HOH HOH A . 
E 4 HOH 104 404 404 HOH HOH A . 
E 4 HOH 105 405 405 HOH HOH A . 
E 4 HOH 106 406 406 HOH HOH A . 
E 4 HOH 107 407 407 HOH HOH A . 
E 4 HOH 108 408 408 HOH HOH A . 
E 4 HOH 109 409 409 HOH HOH A . 
E 4 HOH 110 410 410 HOH HOH A . 
E 4 HOH 111 411 411 HOH HOH A . 
E 4 HOH 112 412 412 HOH HOH A . 
E 4 HOH 113 413 413 HOH HOH A . 
E 4 HOH 114 414 414 HOH HOH A . 
E 4 HOH 115 415 415 HOH HOH A . 
E 4 HOH 116 416 416 HOH HOH A . 
E 4 HOH 117 417 417 HOH HOH A . 
E 4 HOH 118 418 418 HOH HOH A . 
E 4 HOH 119 419 419 HOH HOH A . 
E 4 HOH 120 420 420 HOH HOH A . 
E 4 HOH 121 421 421 HOH HOH A . 
E 4 HOH 122 422 422 HOH HOH A . 
E 4 HOH 123 423 423 HOH HOH A . 
E 4 HOH 124 424 424 HOH HOH A . 
E 4 HOH 125 425 425 HOH HOH A . 
E 4 HOH 126 426 426 HOH HOH A . 
E 4 HOH 127 427 427 HOH HOH A . 
E 4 HOH 128 428 428 HOH HOH A . 
E 4 HOH 129 429 429 HOH HOH A . 
E 4 HOH 130 430 430 HOH HOH A . 
E 4 HOH 131 431 431 HOH HOH A . 
E 4 HOH 132 432 432 HOH HOH A . 
E 4 HOH 133 433 433 HOH HOH A . 
E 4 HOH 134 434 434 HOH HOH A . 
E 4 HOH 135 435 435 HOH HOH A . 
E 4 HOH 136 436 436 HOH HOH A . 
E 4 HOH 137 437 437 HOH HOH A . 
E 4 HOH 138 438 438 HOH HOH A . 
E 4 HOH 139 439 439 HOH HOH A . 
E 4 HOH 140 440 440 HOH HOH A . 
E 4 HOH 141 441 441 HOH HOH A . 
E 4 HOH 142 442 442 HOH HOH A . 
E 4 HOH 143 443 443 HOH HOH A . 
E 4 HOH 144 444 444 HOH HOH A . 
E 4 HOH 145 445 445 HOH HOH A . 
E 4 HOH 146 446 446 HOH HOH A . 
E 4 HOH 147 447 447 HOH HOH A . 
E 4 HOH 148 448 448 HOH HOH A . 
E 4 HOH 149 449 449 HOH HOH A . 
E 4 HOH 150 450 450 HOH HOH A . 
E 4 HOH 151 451 451 HOH HOH A . 
E 4 HOH 152 452 452 HOH HOH A . 
E 4 HOH 153 453 453 HOH HOH A . 
E 4 HOH 154 454 454 HOH HOH A . 
E 4 HOH 155 455 455 HOH HOH A . 
E 4 HOH 156 456 456 HOH HOH A . 
E 4 HOH 157 457 457 HOH HOH A . 
E 4 HOH 158 458 458 HOH HOH A . 
E 4 HOH 159 459 459 HOH HOH A . 
E 4 HOH 160 460 460 HOH HOH A . 
E 4 HOH 161 461 461 HOH HOH A . 
E 4 HOH 162 462 462 HOH HOH A . 
E 4 HOH 163 463 463 HOH HOH A . 
E 4 HOH 164 464 464 HOH HOH A . 
E 4 HOH 165 465 465 HOH HOH A . 
E 4 HOH 166 466 466 HOH HOH A . 
E 4 HOH 167 467 467 HOH HOH A . 
E 4 HOH 168 468 468 HOH HOH A . 
E 4 HOH 169 469 469 HOH HOH A . 
E 4 HOH 170 470 470 HOH HOH A . 
E 4 HOH 171 471 471 HOH HOH A . 
E 4 HOH 172 472 472 HOH HOH A . 
E 4 HOH 173 473 473 HOH HOH A . 
E 4 HOH 174 474 474 HOH HOH A . 
E 4 HOH 175 475 475 HOH HOH A . 
E 4 HOH 176 476 476 HOH HOH A . 
E 4 HOH 177 477 477 HOH HOH A . 
E 4 HOH 178 478 478 HOH HOH A . 
E 4 HOH 179 479 479 HOH HOH A . 
E 4 HOH 180 480 480 HOH HOH A . 
E 4 HOH 181 481 481 HOH HOH A . 
E 4 HOH 182 482 482 HOH HOH A . 
E 4 HOH 183 483 483 HOH HOH A . 
E 4 HOH 184 484 484 HOH HOH A . 
E 4 HOH 185 485 485 HOH HOH A . 
E 4 HOH 186 486 486 HOH HOH A . 
E 4 HOH 187 487 487 HOH HOH A . 
E 4 HOH 188 488 488 HOH HOH A . 
E 4 HOH 189 489 489 HOH HOH A . 
E 4 HOH 190 490 490 HOH HOH A . 
E 4 HOH 191 491 491 HOH HOH A . 
E 4 HOH 192 492 492 HOH HOH A . 
E 4 HOH 193 493 493 HOH HOH A . 
E 4 HOH 194 494 494 HOH HOH A . 
E 4 HOH 195 495 495 HOH HOH A . 
E 4 HOH 196 496 496 HOH HOH A . 
E 4 HOH 197 497 497 HOH HOH A . 
E 4 HOH 198 498 498 HOH HOH A . 
E 4 HOH 199 499 499 HOH HOH A . 
E 4 HOH 200 500 500 HOH HOH A . 
E 4 HOH 201 501 501 HOH HOH A . 
E 4 HOH 202 502 502 HOH HOH A . 
E 4 HOH 203 503 503 HOH HOH A . 
E 4 HOH 204 504 504 HOH HOH A . 
E 4 HOH 205 505 505 HOH HOH A . 
E 4 HOH 206 506 506 HOH HOH A . 
E 4 HOH 207 507 507 HOH HOH A . 
E 4 HOH 208 508 508 HOH HOH A . 
E 4 HOH 209 509 509 HOH HOH A . 
E 4 HOH 210 510 510 HOH HOH A . 
E 4 HOH 211 511 511 HOH HOH A . 
E 4 HOH 212 512 512 HOH HOH A . 
E 4 HOH 213 513 513 HOH HOH A . 
E 4 HOH 214 514 514 HOH HOH A . 
E 4 HOH 215 515 515 HOH HOH A . 
E 4 HOH 216 516 516 HOH HOH A . 
E 4 HOH 217 517 517 HOH HOH A . 
E 4 HOH 218 518 518 HOH HOH A . 
E 4 HOH 219 519 519 HOH HOH A . 
E 4 HOH 220 520 520 HOH HOH A . 
E 4 HOH 221 521 521 HOH HOH A . 
E 4 HOH 222 522 522 HOH HOH A . 
E 4 HOH 223 523 523 HOH HOH A . 
E 4 HOH 224 524 524 HOH HOH A . 
E 4 HOH 225 525 525 HOH HOH A . 
E 4 HOH 226 526 526 HOH HOH A . 
E 4 HOH 227 527 527 HOH HOH A . 
E 4 HOH 228 528 528 HOH HOH A . 
E 4 HOH 229 529 529 HOH HOH A . 
E 4 HOH 230 530 530 HOH HOH A . 
E 4 HOH 231 531 531 HOH HOH A . 
# 
loop_
_software.citation_id 
_software.classification 
_software.compiler_name 
_software.compiler_version 
_software.contact_author 
_software.contact_author_email 
_software.date 
_software.description 
_software.dependencies 
_software.hardware 
_software.language 
_software.location 
_software.mods 
_software.name 
_software.os 
_software.os_version 
_software.type 
_software.version 
_software.pdbx_ordinal 
? refinement       ? ? ? ? ? ? ? ? ? ? ? REFMAC ? ? ? 5.8.0158 1 
? 'data reduction' ? ? ? ? ? ? ? ? ? ? ? XDS    ? ? ? 0.48     2 
? 'data scaling'   ? ? ? ? ? ? ? ? ? ? ? SCALA  ? ? ? 3.3.22   3 
? phasing          ? ? ? ? ? ? ? ? ? ? ? MOLREP ? ? ? 11.2.08  4 
# 
_cell.angle_alpha                  90.00 
_cell.angle_alpha_esd              ? 
_cell.angle_beta                   90.00 
_cell.angle_beta_esd               ? 
_cell.angle_gamma                  120.00 
_cell.angle_gamma_esd              ? 
_cell.entry_id                     6KFD 
_cell.details                      ? 
_cell.formula_units_Z              ? 
_cell.length_a                     58.091 
_cell.length_a_esd                 ? 
_cell.length_b                     58.091 
_cell.length_b_esd                 ? 
_cell.length_c                     225.456 
_cell.length_c_esd                 ? 
_cell.volume                       ? 
_cell.volume_esd                   ? 
_cell.Z_PDB                        12 
_cell.reciprocal_angle_alpha       ? 
_cell.reciprocal_angle_beta        ? 
_cell.reciprocal_angle_gamma       ? 
_cell.reciprocal_angle_alpha_esd   ? 
_cell.reciprocal_angle_beta_esd    ? 
_cell.reciprocal_angle_gamma_esd   ? 
_cell.reciprocal_length_a          ? 
_cell.reciprocal_length_b          ? 
_cell.reciprocal_length_c          ? 
_cell.reciprocal_length_a_esd      ? 
_cell.reciprocal_length_b_esd      ? 
_cell.reciprocal_length_c_esd      ? 
_cell.pdbx_unique_axis             ? 
# 
_symmetry.entry_id                         6KFD 
_symmetry.cell_setting                     ? 
_symmetry.Int_Tables_number                178 
_symmetry.space_group_name_Hall            ? 
_symmetry.space_group_name_H-M             'P 61 2 2' 
_symmetry.pdbx_full_space_group_name_H-M   ? 
# 
_exptl.absorpt_coefficient_mu     ? 
_exptl.absorpt_correction_T_max   ? 
_exptl.absorpt_correction_T_min   ? 
_exptl.absorpt_correction_type    ? 
_exptl.absorpt_process_details    ? 
_exptl.entry_id                   6KFD 
_exptl.crystals_number            1 
_exptl.details                    ? 
_exptl.method                     'X-RAY DIFFRACTION' 
_exptl.method_details             ? 
# 
_exptl_crystal.colour                      ? 
_exptl_crystal.density_diffrn              ? 
_exptl_crystal.density_Matthews            3.06 
_exptl_crystal.density_method              ? 
_exptl_crystal.density_percent_sol         59.83 
_exptl_crystal.description                 bipyramid 
_exptl_crystal.F_000                       ? 
_exptl_crystal.id                          1 
_exptl_crystal.preparation                 ? 
_exptl_crystal.size_max                    ? 
_exptl_crystal.size_mid                    ? 
_exptl_crystal.size_min                    ? 
_exptl_crystal.size_rad                    ? 
_exptl_crystal.colour_lustre               ? 
_exptl_crystal.colour_modifier             ? 
_exptl_crystal.colour_primary              ? 
_exptl_crystal.density_meas                ? 
_exptl_crystal.density_meas_esd            ? 
_exptl_crystal.density_meas_gt             ? 
_exptl_crystal.density_meas_lt             ? 
_exptl_crystal.density_meas_temp           ? 
_exptl_crystal.density_meas_temp_esd       ? 
_exptl_crystal.density_meas_temp_gt        ? 
_exptl_crystal.density_meas_temp_lt        ? 
_exptl_crystal.pdbx_crystal_image_url      ? 
_exptl_crystal.pdbx_crystal_image_format   ? 
_exptl_crystal.pdbx_mosaicity              ? 
_exptl_crystal.pdbx_mosaicity_esd          ? 
# 
_exptl_crystal_grow.apparatus       ? 
_exptl_crystal_grow.atmosphere      ? 
_exptl_crystal_grow.crystal_id      1 
_exptl_crystal_grow.details         ? 
_exptl_crystal_grow.method          'VAPOR DIFFUSION, HANGING DROP' 
_exptl_crystal_grow.method_ref      ? 
_exptl_crystal_grow.pH              5.0 
_exptl_crystal_grow.pressure        ? 
_exptl_crystal_grow.pressure_esd    ? 
_exptl_crystal_grow.seeding         ? 
_exptl_crystal_grow.seeding_ref     ? 
_exptl_crystal_grow.temp            293 
_exptl_crystal_grow.temp_details    ? 
_exptl_crystal_grow.temp_esd        ? 
_exptl_crystal_grow.time            ? 
_exptl_crystal_grow.pdbx_details    
'0.2 M ammonium sulfate, 0.1 M sodium acetate (pH 5.0), 28-32% (w/v) PEG monomethyl ether 2000, 0.3 M NDSB-195' 
_exptl_crystal_grow.pdbx_pH_range   ? 
# 
_diffrn.ambient_environment              ? 
_diffrn.ambient_temp                     100 
_diffrn.ambient_temp_details             N2 
_diffrn.ambient_temp_esd                 ? 
_diffrn.crystal_id                       1 
_diffrn.crystal_support                  ? 
_diffrn.crystal_treatment                ? 
_diffrn.details                          ? 
_diffrn.id                               1 
_diffrn.ambient_pressure                 ? 
_diffrn.ambient_pressure_esd             ? 
_diffrn.ambient_pressure_gt              ? 
_diffrn.ambient_pressure_lt              ? 
_diffrn.ambient_temp_gt                  ? 
_diffrn.ambient_temp_lt                  ? 
_diffrn.pdbx_serial_crystal_experiment   N 
# 
_diffrn_detector.details                      ? 
_diffrn_detector.detector                     PIXEL 
_diffrn_detector.diffrn_id                    1 
_diffrn_detector.type                         'DECTRIS EIGER X 4M' 
_diffrn_detector.area_resol_mean              ? 
_diffrn_detector.dtime                        ? 
_diffrn_detector.pdbx_frames_total            ? 
_diffrn_detector.pdbx_collection_time_total   ? 
_diffrn_detector.pdbx_collection_date         2015-11-24 
_diffrn_detector.pdbx_frequency               ? 
# 
_diffrn_radiation.collimation                      ? 
_diffrn_radiation.diffrn_id                        1 
_diffrn_radiation.filter_edge                      ? 
_diffrn_radiation.inhomogeneity                    ? 
_diffrn_radiation.monochromator                    'Si(111)' 
_diffrn_radiation.polarisn_norm                    ? 
_diffrn_radiation.polarisn_ratio                   ? 
_diffrn_radiation.probe                            ? 
_diffrn_radiation.type                             ? 
_diffrn_radiation.xray_symbol                      ? 
_diffrn_radiation.wavelength_id                    1 
_diffrn_radiation.pdbx_monochromatic_or_laue_m_l   M 
_diffrn_radiation.pdbx_wavelength_list             ? 
_diffrn_radiation.pdbx_wavelength                  ? 
_diffrn_radiation.pdbx_diffrn_protocol             'SINGLE WAVELENGTH' 
_diffrn_radiation.pdbx_analyzer                    ? 
_diffrn_radiation.pdbx_scattering_type             x-ray 
# 
_diffrn_radiation_wavelength.id           1 
_diffrn_radiation_wavelength.wavelength   1.1 
_diffrn_radiation_wavelength.wt           1.0 
# 
_diffrn_source.current                     ? 
_diffrn_source.details                     ? 
_diffrn_source.diffrn_id                   1 
_diffrn_source.power                       ? 
_diffrn_source.size                        ? 
_diffrn_source.source                      SYNCHROTRON 
_diffrn_source.target                      ? 
_diffrn_source.type                        'PHOTON FACTORY BEAMLINE BL-1A' 
_diffrn_source.voltage                     ? 
_diffrn_source.take-off_angle              ? 
_diffrn_source.pdbx_wavelength_list        1.1 
_diffrn_source.pdbx_wavelength             ? 
_diffrn_source.pdbx_synchrotron_beamline   BL-1A 
_diffrn_source.pdbx_synchrotron_site       'Photon Factory' 
# 
_reflns.B_iso_Wilson_estimate            18.6 
_reflns.entry_id                         6KFD 
_reflns.data_reduction_details           ? 
_reflns.data_reduction_method            ? 
_reflns.d_resolution_high                1.55 
_reflns.d_resolution_low                 50.31 
_reflns.details                          ? 
_reflns.limit_h_max                      ? 
_reflns.limit_h_min                      ? 
_reflns.limit_k_max                      ? 
_reflns.limit_k_min                      ? 
_reflns.limit_l_max                      ? 
_reflns.limit_l_min                      ? 
_reflns.number_all                       ? 
_reflns.number_obs                       34029 
_reflns.observed_criterion               ? 
_reflns.observed_criterion_F_max         ? 
_reflns.observed_criterion_F_min         ? 
_reflns.observed_criterion_I_max         ? 
_reflns.observed_criterion_I_min         ? 
_reflns.observed_criterion_sigma_F       ? 
_reflns.observed_criterion_sigma_I       3 
_reflns.percent_possible_obs             100 
_reflns.R_free_details                   ? 
_reflns.Rmerge_F_all                     ? 
_reflns.Rmerge_F_obs                     ? 
_reflns.Friedel_coverage                 ? 
_reflns.number_gt                        ? 
_reflns.threshold_expression             ? 
_reflns.pdbx_redundancy                  17.9 
_reflns.pdbx_Rmerge_I_obs                0.066 
_reflns.pdbx_Rmerge_I_all                ? 
_reflns.pdbx_Rsym_value                  0.066 
_reflns.pdbx_netI_over_av_sigmaI         ? 
_reflns.pdbx_netI_over_sigmaI            25.1 
_reflns.pdbx_res_netI_over_av_sigmaI_2   ? 
_reflns.pdbx_res_netI_over_sigmaI_2      ? 
_reflns.pdbx_chi_squared                 ? 
_reflns.pdbx_scaling_rejects             ? 
_reflns.pdbx_d_res_high_opt              ? 
_reflns.pdbx_d_res_low_opt               ? 
_reflns.pdbx_d_res_opt_method            ? 
_reflns.phase_calculation_details        ? 
_reflns.pdbx_Rrim_I_all                  0.069 
_reflns.pdbx_Rpim_I_all                  0.022 
_reflns.pdbx_d_opt                       ? 
_reflns.pdbx_number_measured_all         ? 
_reflns.pdbx_diffrn_id                   1 
_reflns.pdbx_ordinal                     1 
_reflns.pdbx_CC_half                     1.000 
_reflns.pdbx_R_split                     ? 
# 
_reflns_shell.d_res_high                  1.55 
_reflns_shell.d_res_low                   1.63 
_reflns_shell.meanI_over_sigI_all         ? 
_reflns_shell.meanI_over_sigI_obs         4.2 
_reflns_shell.number_measured_all         ? 
_reflns_shell.number_measured_obs         ? 
_reflns_shell.number_possible             ? 
_reflns_shell.number_unique_all           ? 
_reflns_shell.number_unique_obs           4822 
_reflns_shell.percent_possible_all        100 
_reflns_shell.percent_possible_obs        ? 
_reflns_shell.Rmerge_F_all                ? 
_reflns_shell.Rmerge_F_obs                ? 
_reflns_shell.Rmerge_I_all                ? 
_reflns_shell.Rmerge_I_obs                0.624 
_reflns_shell.meanI_over_sigI_gt          ? 
_reflns_shell.meanI_over_uI_all           ? 
_reflns_shell.meanI_over_uI_gt            ? 
_reflns_shell.number_measured_gt          ? 
_reflns_shell.number_unique_gt            ? 
_reflns_shell.percent_possible_gt         ? 
_reflns_shell.Rmerge_F_gt                 ? 
_reflns_shell.Rmerge_I_gt                 ? 
_reflns_shell.pdbx_redundancy             16.6 
_reflns_shell.pdbx_Rsym_value             0.624 
_reflns_shell.pdbx_chi_squared            ? 
_reflns_shell.pdbx_netI_over_sigmaI_all   ? 
_reflns_shell.pdbx_netI_over_sigmaI_obs   ? 
_reflns_shell.pdbx_Rrim_I_all             0.663 
_reflns_shell.pdbx_Rpim_I_all             0.223 
_reflns_shell.pdbx_rejects                ? 
_reflns_shell.pdbx_ordinal                1 
_reflns_shell.pdbx_diffrn_id              1 
_reflns_shell.pdbx_CC_half                0.956 
_reflns_shell.pdbx_R_split                ? 
# 
_refine.aniso_B[1][1]                            0.46 
_refine.aniso_B[1][2]                            0.23 
_refine.aniso_B[1][3]                            0.00 
_refine.aniso_B[2][2]                            0.46 
_refine.aniso_B[2][3]                            0.00 
_refine.aniso_B[3][3]                            -1.50 
_refine.B_iso_max                                ? 
_refine.B_iso_mean                               18.592 
_refine.B_iso_min                                ? 
_refine.correlation_coeff_Fo_to_Fc               0.967 
_refine.correlation_coeff_Fo_to_Fc_free          0.962 
_refine.details                                  'HYDROGENS HAVE BEEN ADDED IN THE RIDING POSITIONS' 
_refine.diff_density_max                         ? 
_refine.diff_density_max_esd                     ? 
_refine.diff_density_min                         ? 
_refine.diff_density_min_esd                     ? 
_refine.diff_density_rms                         ? 
_refine.diff_density_rms_esd                     ? 
_refine.entry_id                                 6KFD 
_refine.pdbx_refine_id                           'X-RAY DIFFRACTION' 
_refine.ls_abs_structure_details                 ? 
_refine.ls_abs_structure_Flack                   ? 
_refine.ls_abs_structure_Flack_esd               ? 
_refine.ls_abs_structure_Rogers                  ? 
_refine.ls_abs_structure_Rogers_esd              ? 
_refine.ls_d_res_high                            1.55 
_refine.ls_d_res_low                             50.31 
_refine.ls_extinction_coef                       ? 
_refine.ls_extinction_coef_esd                   ? 
_refine.ls_extinction_expression                 ? 
_refine.ls_extinction_method                     ? 
_refine.ls_goodness_of_fit_all                   ? 
_refine.ls_goodness_of_fit_all_esd               ? 
_refine.ls_goodness_of_fit_obs                   ? 
_refine.ls_goodness_of_fit_obs_esd               ? 
_refine.ls_hydrogen_treatment                    ? 
_refine.ls_matrix_type                           ? 
_refine.ls_number_constraints                    ? 
_refine.ls_number_parameters                     ? 
_refine.ls_number_reflns_all                     ? 
_refine.ls_number_reflns_obs                     32191 
_refine.ls_number_reflns_R_free                  1721 
_refine.ls_number_reflns_R_work                  ? 
_refine.ls_number_restraints                     ? 
_refine.ls_percent_reflns_obs                    99.99 
_refine.ls_percent_reflns_R_free                 5.1 
_refine.ls_R_factor_all                          ? 
_refine.ls_R_factor_obs                          0.16545 
_refine.ls_R_factor_R_free                       0.17891 
_refine.ls_R_factor_R_free_error                 ? 
_refine.ls_R_factor_R_free_error_details         ? 
_refine.ls_R_factor_R_work                       0.16468 
_refine.ls_R_Fsqd_factor_obs                     ? 
_refine.ls_R_I_factor_obs                        ? 
_refine.ls_redundancy_reflns_all                 ? 
_refine.ls_redundancy_reflns_obs                 ? 
_refine.ls_restrained_S_all                      ? 
_refine.ls_restrained_S_obs                      ? 
_refine.ls_shift_over_esd_max                    ? 
_refine.ls_shift_over_esd_mean                   ? 
_refine.ls_structure_factor_coef                 ? 
_refine.ls_weighting_details                     ? 
_refine.ls_weighting_scheme                      ? 
_refine.ls_wR_factor_all                         ? 
_refine.ls_wR_factor_obs                         ? 
_refine.ls_wR_factor_R_free                      ? 
_refine.ls_wR_factor_R_work                      ? 
_refine.occupancy_max                            ? 
_refine.occupancy_min                            ? 
_refine.solvent_model_details                    ? 
_refine.solvent_model_param_bsol                 ? 
_refine.solvent_model_param_ksol                 ? 
_refine.ls_R_factor_gt                           ? 
_refine.ls_goodness_of_fit_gt                    ? 
_refine.ls_goodness_of_fit_ref                   ? 
_refine.ls_shift_over_su_max                     ? 
_refine.ls_shift_over_su_max_lt                  ? 
_refine.ls_shift_over_su_mean                    ? 
_refine.ls_shift_over_su_mean_lt                 ? 
_refine.pdbx_ls_sigma_I                          ? 
_refine.pdbx_ls_sigma_F                          ? 
_refine.pdbx_ls_sigma_Fsqd                       ? 
_refine.pdbx_data_cutoff_high_absF               ? 
_refine.pdbx_data_cutoff_high_rms_absF           ? 
_refine.pdbx_data_cutoff_low_absF                ? 
_refine.pdbx_isotropic_thermal_model             ? 
_refine.pdbx_ls_cross_valid_method               THROUGHOUT 
_refine.pdbx_method_to_determine_struct          'MOLECULAR REPLACEMENT' 
_refine.pdbx_starting_model                      6KFA 
_refine.pdbx_stereochemistry_target_values       ? 
_refine.pdbx_R_Free_selection_details            RANDOM 
_refine.pdbx_stereochem_target_val_spec_case     ? 
_refine.pdbx_overall_ESU_R                       0.064 
_refine.pdbx_overall_ESU_R_Free                  0.062 
_refine.pdbx_solvent_vdw_probe_radii             1.20 
_refine.pdbx_solvent_ion_probe_radii             0.80 
_refine.pdbx_solvent_shrinkage_radii             0.80 
_refine.pdbx_real_space_R                        ? 
_refine.pdbx_density_correlation                 ? 
_refine.pdbx_pd_number_of_powder_patterns        ? 
_refine.pdbx_pd_number_of_points                 ? 
_refine.pdbx_pd_meas_number_of_points            ? 
_refine.pdbx_pd_proc_ls_prof_R_factor            ? 
_refine.pdbx_pd_proc_ls_prof_wR_factor           ? 
_refine.pdbx_pd_Marquardt_correlation_coeff      ? 
_refine.pdbx_pd_Fsqrd_R_factor                   ? 
_refine.pdbx_pd_ls_matrix_band_width             ? 
_refine.pdbx_overall_phase_error                 ? 
_refine.pdbx_overall_SU_R_free_Cruickshank_DPI   ? 
_refine.pdbx_overall_SU_R_free_Blow_DPI          ? 
_refine.pdbx_overall_SU_R_Blow_DPI               ? 
_refine.pdbx_TLS_residual_ADP_flag               ? 
_refine.pdbx_diffrn_id                           1 
_refine.overall_SU_B                             1.036 
_refine.overall_SU_ML                            0.038 
_refine.overall_SU_R_Cruickshank_DPI             ? 
_refine.overall_SU_R_free                        ? 
_refine.overall_FOM_free_R_set                   ? 
_refine.overall_FOM_work_R_set                   ? 
_refine.pdbx_average_fsc_overall                 ? 
_refine.pdbx_average_fsc_work                    ? 
_refine.pdbx_average_fsc_free                    ? 
# 
_refine_hist.pdbx_refine_id                   'X-RAY DIFFRACTION' 
_refine_hist.cycle_id                         1 
_refine_hist.details                          ? 
_refine_hist.d_res_high                       1.55 
_refine_hist.d_res_low                        50.31 
_refine_hist.number_atoms_solvent             231 
_refine_hist.number_atoms_total               1544 
_refine_hist.number_reflns_all                ? 
_refine_hist.number_reflns_obs                ? 
_refine_hist.number_reflns_R_free             ? 
_refine_hist.number_reflns_R_work             ? 
_refine_hist.R_factor_all                     ? 
_refine_hist.R_factor_obs                     ? 
_refine_hist.R_factor_R_free                  ? 
_refine_hist.R_factor_R_work                  ? 
_refine_hist.pdbx_number_residues_total       ? 
_refine_hist.pdbx_B_iso_mean_ligand           ? 
_refine_hist.pdbx_B_iso_mean_solvent          ? 
_refine_hist.pdbx_number_atoms_protein        1280 
_refine_hist.pdbx_number_atoms_nucleic_acid   0 
_refine_hist.pdbx_number_atoms_ligand         33 
_refine_hist.pdbx_number_atoms_lipid          ? 
_refine_hist.pdbx_number_atoms_carb           ? 
_refine_hist.pdbx_pseudo_atom_details         ? 
# 
loop_
_refine_ls_restr.pdbx_refine_id 
_refine_ls_restr.criterion 
_refine_ls_restr.dev_ideal 
_refine_ls_restr.dev_ideal_target 
_refine_ls_restr.number 
_refine_ls_restr.rejects 
_refine_ls_restr.type 
_refine_ls_restr.weight 
_refine_ls_restr.pdbx_restraint_function 
'X-RAY DIFFRACTION' ? 0.007  0.019  1390 ? r_bond_refined_d             ? ? 
'X-RAY DIFFRACTION' ? 0.002  0.020  1176 ? r_bond_other_d               ? ? 
'X-RAY DIFFRACTION' ? 1.275  1.961  1904 ? r_angle_refined_deg          ? ? 
'X-RAY DIFFRACTION' ? 0.897  3.000  2766 ? r_angle_other_deg            ? ? 
'X-RAY DIFFRACTION' ? 6.502  5.000  171  ? r_dihedral_angle_1_deg       ? ? 
'X-RAY DIFFRACTION' ? 34.124 25.522 67   ? r_dihedral_angle_2_deg       ? ? 
'X-RAY DIFFRACTION' ? 13.061 15.000 215  ? r_dihedral_angle_3_deg       ? ? 
'X-RAY DIFFRACTION' ? 9.057  15.000 3    ? r_dihedral_angle_4_deg       ? ? 
'X-RAY DIFFRACTION' ? 0.078  0.200  206  ? r_chiral_restr               ? ? 
'X-RAY DIFFRACTION' ? 0.005  0.021  1571 ? r_gen_planes_refined         ? ? 
'X-RAY DIFFRACTION' ? 0.002  0.020  270  ? r_gen_planes_other           ? ? 
'X-RAY DIFFRACTION' ? ?      ?      ?    ? r_nbd_refined                ? ? 
'X-RAY DIFFRACTION' ? ?      ?      ?    ? r_nbd_other                  ? ? 
'X-RAY DIFFRACTION' ? ?      ?      ?    ? r_nbtor_refined              ? ? 
'X-RAY DIFFRACTION' ? ?      ?      ?    ? r_nbtor_other                ? ? 
'X-RAY DIFFRACTION' ? ?      ?      ?    ? r_xyhbond_nbd_refined        ? ? 
'X-RAY DIFFRACTION' ? ?      ?      ?    ? r_xyhbond_nbd_other          ? ? 
'X-RAY DIFFRACTION' ? ?      ?      ?    ? r_metal_ion_refined          ? ? 
'X-RAY DIFFRACTION' ? ?      ?      ?    ? r_metal_ion_other            ? ? 
'X-RAY DIFFRACTION' ? ?      ?      ?    ? r_symmetry_vdw_refined       ? ? 
'X-RAY DIFFRACTION' ? ?      ?      ?    ? r_symmetry_vdw_other         ? ? 
'X-RAY DIFFRACTION' ? ?      ?      ?    ? r_symmetry_hbond_refined     ? ? 
'X-RAY DIFFRACTION' ? ?      ?      ?    ? r_symmetry_hbond_other       ? ? 
'X-RAY DIFFRACTION' ? ?      ?      ?    ? r_symmetry_metal_ion_refined ? ? 
'X-RAY DIFFRACTION' ? ?      ?      ?    ? r_symmetry_metal_ion_other   ? ? 
'X-RAY DIFFRACTION' ? 0.694  1.668  666  ? r_mcbond_it                  ? ? 
'X-RAY DIFFRACTION' ? 0.693  1.668  665  ? r_mcbond_other               ? ? 
'X-RAY DIFFRACTION' ? 1.150  2.503  837  ? r_mcangle_it                 ? ? 
'X-RAY DIFFRACTION' ? 1.149  2.503  838  ? r_mcangle_other              ? ? 
'X-RAY DIFFRACTION' ? 1.352  1.919  724  ? r_scbond_it                  ? ? 
'X-RAY DIFFRACTION' ? 1.351  1.924  725  ? r_scbond_other               ? ? 
'X-RAY DIFFRACTION' ? ?      ?      ?    ? r_scangle_it                 ? ? 
'X-RAY DIFFRACTION' ? 2.166  2.831  1066 ? r_scangle_other              ? ? 
'X-RAY DIFFRACTION' ? 4.457  22.282 1595 ? r_long_range_B_refined       ? ? 
'X-RAY DIFFRACTION' ? 4.059  20.915 1527 ? r_long_range_B_other         ? ? 
'X-RAY DIFFRACTION' ? ?      ?      ?    ? r_rigid_bond_restr           ? ? 
'X-RAY DIFFRACTION' ? ?      ?      ?    ? r_sphericity_free            ? ? 
'X-RAY DIFFRACTION' ? ?      ?      ?    ? r_sphericity_bonded          ? ? 
# 
_refine_ls_shell.pdbx_refine_id                   'X-RAY DIFFRACTION' 
_refine_ls_shell.d_res_high                       1.550 
_refine_ls_shell.d_res_low                        1.590 
_refine_ls_shell.number_reflns_all                ? 
_refine_ls_shell.number_reflns_obs                ? 
_refine_ls_shell.number_reflns_R_free             130 
_refine_ls_shell.number_reflns_R_work             2288 
_refine_ls_shell.percent_reflns_obs               100.00 
_refine_ls_shell.percent_reflns_R_free            ? 
_refine_ls_shell.R_factor_all                     ? 
_refine_ls_shell.R_factor_obs                     ? 
_refine_ls_shell.R_factor_R_free                  0.237 
_refine_ls_shell.R_factor_R_free_error            ? 
_refine_ls_shell.R_factor_R_work                  0.240 
_refine_ls_shell.redundancy_reflns_all            ? 
_refine_ls_shell.redundancy_reflns_obs            ? 
_refine_ls_shell.wR_factor_all                    ? 
_refine_ls_shell.wR_factor_obs                    ? 
_refine_ls_shell.wR_factor_R_free                 ? 
_refine_ls_shell.wR_factor_R_work                 ? 
_refine_ls_shell.pdbx_total_number_of_bins_used   20 
_refine_ls_shell.pdbx_phase_error                 ? 
_refine_ls_shell.pdbx_fsc_work                    ? 
_refine_ls_shell.pdbx_fsc_free                    ? 
# 
_struct.entry_id                     6KFD 
_struct.title                        
'Hydroxynitrile lyase from the millipede, Chamberlinius hualienensis, complexed with iodoacetate' 
_struct.pdbx_model_details           ? 
_struct.pdbx_formula_weight          ? 
_struct.pdbx_formula_weight_method   ? 
_struct.pdbx_model_type_details      ? 
_struct.pdbx_CASP_flag               N 
# 
_struct_keywords.entry_id        6KFD 
_struct_keywords.text            'Hydroxynitrile lyase, lipocalin fold, four disulfide bonds, dimer, LYASE' 
_struct_keywords.pdbx_keywords   LYASE 
# 
loop_
_struct_asym.id 
_struct_asym.pdbx_blank_PDB_chainid_flag 
_struct_asym.pdbx_modified 
_struct_asym.entity_id 
_struct_asym.details 
A N N 1 ? 
B N N 2 ? 
C N N 3 ? 
D N N 3 ? 
E N N 4 ? 
# 
_struct_ref.id                         1 
_struct_ref.db_name                    UNP 
_struct_ref.db_code                    A0A0H5BR52_9MYRI 
_struct_ref.pdbx_db_accession          A0A0H5BR52 
_struct_ref.pdbx_db_isoform            ? 
_struct_ref.entity_id                  1 
_struct_ref.pdbx_seq_one_letter_code   
;LTCDQLPKAAINPIQEFIDSNPLEFEYVLTETFECTTRIYVQPARWSTTKAPTALDIKGTQIMAYDFVGGPENSAHLNEC
HTGDKQVWYFQYTNLLTDNGSSYCAYRCNGTEIIEYKCASNNNGTDPLQHQAMEVAKTVPNGDKIHYAKSNCPETHGCFA
FY
;
_struct_ref.pdbx_align_begin           22 
# 
_struct_ref_seq.align_id                      1 
_struct_ref_seq.ref_id                        1 
_struct_ref_seq.pdbx_PDB_id_code              6KFD 
_struct_ref_seq.pdbx_strand_id                A 
_struct_ref_seq.seq_align_beg                 1 
_struct_ref_seq.pdbx_seq_align_beg_ins_code   ? 
_struct_ref_seq.seq_align_end                 162 
_struct_ref_seq.pdbx_seq_align_end_ins_code   ? 
_struct_ref_seq.pdbx_db_accession             A0A0H5BR52 
_struct_ref_seq.db_align_beg                  22 
_struct_ref_seq.pdbx_db_align_beg_ins_code    ? 
_struct_ref_seq.db_align_end                  183 
_struct_ref_seq.pdbx_db_align_end_ins_code    ? 
_struct_ref_seq.pdbx_auth_seq_align_beg       1 
_struct_ref_seq.pdbx_auth_seq_align_end       162 
# 
_pdbx_struct_assembly.id                   1 
_pdbx_struct_assembly.details              author_and_software_defined_assembly 
_pdbx_struct_assembly.method_details       PISA 
_pdbx_struct_assembly.oligomeric_details   dimeric 
_pdbx_struct_assembly.oligomeric_count     2 
# 
loop_
_pdbx_struct_assembly_prop.biol_id 
_pdbx_struct_assembly_prop.type 
_pdbx_struct_assembly_prop.value 
_pdbx_struct_assembly_prop.details 
1 'ABSA (A^2)' 4210  ? 
1 MORE         -14   ? 
1 'SSA (A^2)'  14390 ? 
# 
_pdbx_struct_assembly_gen.assembly_id       1 
_pdbx_struct_assembly_gen.oper_expression   1,2 
_pdbx_struct_assembly_gen.asym_id_list      A,B,C,D,E 
# 
_pdbx_struct_assembly_auth_evidence.id                     1 
_pdbx_struct_assembly_auth_evidence.assembly_id            1 
_pdbx_struct_assembly_auth_evidence.experimental_support   'gel filtration' 
_pdbx_struct_assembly_auth_evidence.details                ? 
# 
loop_
_pdbx_struct_oper_list.id 
_pdbx_struct_oper_list.type 
_pdbx_struct_oper_list.name 
_pdbx_struct_oper_list.symmetry_operation 
_pdbx_struct_oper_list.matrix[1][1] 
_pdbx_struct_oper_list.matrix[1][2] 
_pdbx_struct_oper_list.matrix[1][3] 
_pdbx_struct_oper_list.vector[1] 
_pdbx_struct_oper_list.matrix[2][1] 
_pdbx_struct_oper_list.matrix[2][2] 
_pdbx_struct_oper_list.matrix[2][3] 
_pdbx_struct_oper_list.vector[2] 
_pdbx_struct_oper_list.matrix[3][1] 
_pdbx_struct_oper_list.matrix[3][2] 
_pdbx_struct_oper_list.matrix[3][3] 
_pdbx_struct_oper_list.vector[3] 
1 'identity operation'         1_555  x,y,z            1.0000000000  0.0000000000  0.0000000000 0.0000000000  0.0000000000  1.0000000000  0.0000000000  0.0000000000 0.0000000000 0.0000000000  1.0000000000 0.0000000000   
2 'crystal symmetry operation' 10_444 -y-1,-x-1,-z-1/6 -0.3987021609 -0.0626847894 0.9149356284 23.3276682085 -0.0626847894 -0.9934651639 -0.0953812628 5.3746283749 0.9149356284 -0.0953812628 0.3921673248 -14.9627674472 
# 
loop_
_struct_conf.conf_type_id 
_struct_conf.id 
_struct_conf.pdbx_PDB_helix_id 
_struct_conf.beg_label_comp_id 
_struct_conf.beg_label_asym_id 
_struct_conf.beg_label_seq_id 
_struct_conf.pdbx_beg_PDB_ins_code 
_struct_conf.end_label_comp_id 
_struct_conf.end_label_asym_id 
_struct_conf.end_label_seq_id 
_struct_conf.pdbx_end_PDB_ins_code 
_struct_conf.beg_auth_comp_id 
_struct_conf.beg_auth_asym_id 
_struct_conf.beg_auth_seq_id 
_struct_conf.end_auth_comp_id 
_struct_conf.end_auth_asym_id 
_struct_conf.end_auth_seq_id 
_struct_conf.pdbx_PDB_helix_class 
_struct_conf.details 
_struct_conf.pdbx_PDB_helix_length 
HELX_P HELX_P1 AA1 THR A 2   ? LEU A 6   ? THR A 2   LEU A 6   5 ? 5  
HELX_P HELX_P2 AA2 PRO A 13  ? ASP A 19  ? PRO A 13  ASP A 19  1 ? 7  
HELX_P HELX_P3 AA3 PRO A 71  ? ASN A 73  ? PRO A 71  ASN A 73  5 ? 3  
HELX_P HELX_P4 AA4 ASP A 126 ? LYS A 137 ? ASP A 126 LYS A 137 1 ? 12 
HELX_P HELX_P5 AA5 ASN A 141 ? ILE A 145 ? ASN A 141 ILE A 145 5 ? 5  
# 
_struct_conf_type.id          HELX_P 
_struct_conf_type.criteria    ? 
_struct_conf_type.reference   ? 
# 
loop_
_struct_conn.id 
_struct_conn.conn_type_id 
_struct_conn.pdbx_leaving_atom_flag 
_struct_conn.pdbx_PDB_id 
_struct_conn.ptnr1_label_asym_id 
_struct_conn.ptnr1_label_comp_id 
_struct_conn.ptnr1_label_seq_id 
_struct_conn.ptnr1_label_atom_id 
_struct_conn.pdbx_ptnr1_label_alt_id 
_struct_conn.pdbx_ptnr1_PDB_ins_code 
_struct_conn.pdbx_ptnr1_standard_comp_id 
_struct_conn.ptnr1_symmetry 
_struct_conn.ptnr2_label_asym_id 
_struct_conn.ptnr2_label_comp_id 
_struct_conn.ptnr2_label_seq_id 
_struct_conn.ptnr2_label_atom_id 
_struct_conn.pdbx_ptnr2_label_alt_id 
_struct_conn.pdbx_ptnr2_PDB_ins_code 
_struct_conn.ptnr1_auth_asym_id 
_struct_conn.ptnr1_auth_comp_id 
_struct_conn.ptnr1_auth_seq_id 
_struct_conn.ptnr2_auth_asym_id 
_struct_conn.ptnr2_auth_comp_id 
_struct_conn.ptnr2_auth_seq_id 
_struct_conn.ptnr2_symmetry 
_struct_conn.pdbx_ptnr3_label_atom_id 
_struct_conn.pdbx_ptnr3_label_seq_id 
_struct_conn.pdbx_ptnr3_label_comp_id 
_struct_conn.pdbx_ptnr3_label_asym_id 
_struct_conn.pdbx_ptnr3_label_alt_id 
_struct_conn.pdbx_ptnr3_PDB_ins_code 
_struct_conn.details 
_struct_conn.pdbx_dist_value 
_struct_conn.pdbx_value_order 
_struct_conn.pdbx_role 
disulf1 disulf ?   ? A CYS 3   SG  ? ? ? 1_555 A CYS 108 SG ? ? A CYS 3   A CYS 108 1_555  ? ? ? ? ? ? ? 2.064 ? ?               
disulf2 disulf ?   ? A CYS 35  SG  ? ? ? 1_555 A CYS 152 SG ? ? A CYS 35  A CYS 152 1_555  ? ? ? ? ? ? ? 2.055 ? ?               
disulf3 disulf ?   ? A CYS 80  SG  ? ? ? 1_555 A CYS 158 SG ? ? A CYS 80  A CYS 158 10_444 ? ? ? ? ? ? ? 2.155 ? ?               
disulf4 disulf ?   ? A CYS 104 SG  ? ? ? 1_555 A CYS 118 SG ? ? A CYS 104 A CYS 118 1_555  ? ? ? ? ? ? ? 2.067 ? ?               
covale1 covale one ? A ASN 109 ND2 ? ? ? 1_555 D NAG .   C1 ? ? A ASN 109 A NAG 203 1_555  ? ? ? ? ? ? ? 1.451 ? N-Glycosylation 
covale2 covale one ? A ASN 123 ND2 ? ? ? 1_555 C NAG .   C1 ? ? A ASN 123 A NAG 202 1_555  ? ? ? ? ? ? ? 1.442 ? N-Glycosylation 
# 
loop_
_struct_conn_type.id 
_struct_conn_type.criteria 
_struct_conn_type.reference 
disulf ? ? 
covale ? ? 
# 
loop_
_pdbx_modification_feature.ordinal 
_pdbx_modification_feature.label_comp_id 
_pdbx_modification_feature.label_asym_id 
_pdbx_modification_feature.label_seq_id 
_pdbx_modification_feature.label_alt_id 
_pdbx_modification_feature.modified_residue_label_comp_id 
_pdbx_modification_feature.modified_residue_label_asym_id 
_pdbx_modification_feature.modified_residue_label_seq_id 
_pdbx_modification_feature.modified_residue_label_alt_id 
_pdbx_modification_feature.auth_comp_id 
_pdbx_modification_feature.auth_asym_id 
_pdbx_modification_feature.auth_seq_id 
_pdbx_modification_feature.PDB_ins_code 
_pdbx_modification_feature.symmetry 
_pdbx_modification_feature.modified_residue_auth_comp_id 
_pdbx_modification_feature.modified_residue_auth_asym_id 
_pdbx_modification_feature.modified_residue_auth_seq_id 
_pdbx_modification_feature.modified_residue_PDB_ins_code 
_pdbx_modification_feature.modified_residue_symmetry 
_pdbx_modification_feature.comp_id_linking_atom 
_pdbx_modification_feature.modified_residue_id_linking_atom 
_pdbx_modification_feature.modified_residue_id 
_pdbx_modification_feature.ref_pcm_id 
_pdbx_modification_feature.ref_comp_id 
_pdbx_modification_feature.type 
_pdbx_modification_feature.category 
1 NAG C .   ? ASN A 123 ? NAG A 202 ? 1_555 ASN A 123 ? 1_555  C1 ND2 ASN 1 NAG N-Glycosylation Carbohydrate       
2 NAG D .   ? ASN A 109 ? NAG A 203 ? 1_555 ASN A 109 ? 1_555  C1 ND2 ASN 1 NAG N-Glycosylation Carbohydrate       
3 CYS A 3   ? CYS A 108 ? CYS A 3   ? 1_555 CYS A 108 ? 1_555  SG SG  .   . .   None            'Disulfide bridge' 
4 CYS A 35  ? CYS A 152 ? CYS A 35  ? 1_555 CYS A 152 ? 1_555  SG SG  .   . .   None            'Disulfide bridge' 
5 CYS A 80  ? CYS A 158 ? CYS A 80  ? 1_555 CYS A 158 ? 10_444 SG SG  .   . .   None            'Disulfide bridge' 
6 CYS A 104 ? CYS A 118 ? CYS A 104 ? 1_555 CYS A 118 ? 1_555  SG SG  .   . .   None            'Disulfide bridge' 
# 
_struct_mon_prot_cis.pdbx_id                1 
_struct_mon_prot_cis.label_comp_id          ASN 
_struct_mon_prot_cis.label_seq_id           21 
_struct_mon_prot_cis.label_asym_id          A 
_struct_mon_prot_cis.label_alt_id           . 
_struct_mon_prot_cis.pdbx_PDB_ins_code      ? 
_struct_mon_prot_cis.auth_comp_id           ASN 
_struct_mon_prot_cis.auth_seq_id            21 
_struct_mon_prot_cis.auth_asym_id           A 
_struct_mon_prot_cis.pdbx_label_comp_id_2   PRO 
_struct_mon_prot_cis.pdbx_label_seq_id_2    22 
_struct_mon_prot_cis.pdbx_label_asym_id_2   A 
_struct_mon_prot_cis.pdbx_PDB_ins_code_2    ? 
_struct_mon_prot_cis.pdbx_auth_comp_id_2    PRO 
_struct_mon_prot_cis.pdbx_auth_seq_id_2     22 
_struct_mon_prot_cis.pdbx_auth_asym_id_2    A 
_struct_mon_prot_cis.pdbx_PDB_model_num     1 
_struct_mon_prot_cis.pdbx_omega_angle       -10.89 
# 
_struct_sheet.id               AA1 
_struct_sheet.type             ? 
_struct_sheet.number_strands   10 
_struct_sheet.details          ? 
# 
loop_
_struct_sheet_order.sheet_id 
_struct_sheet_order.range_id_1 
_struct_sheet_order.range_id_2 
_struct_sheet_order.offset 
_struct_sheet_order.sense 
AA1 1 2  ? anti-parallel 
AA1 2 3  ? anti-parallel 
AA1 3 4  ? anti-parallel 
AA1 4 5  ? anti-parallel 
AA1 5 6  ? anti-parallel 
AA1 6 7  ? anti-parallel 
AA1 7 8  ? anti-parallel 
AA1 8 9  ? anti-parallel 
AA1 9 10 ? anti-parallel 
# 
loop_
_struct_sheet_range.sheet_id 
_struct_sheet_range.id 
_struct_sheet_range.beg_label_comp_id 
_struct_sheet_range.beg_label_asym_id 
_struct_sheet_range.beg_label_seq_id 
_struct_sheet_range.pdbx_beg_PDB_ins_code 
_struct_sheet_range.end_label_comp_id 
_struct_sheet_range.end_label_asym_id 
_struct_sheet_range.end_label_seq_id 
_struct_sheet_range.pdbx_end_PDB_ins_code 
_struct_sheet_range.beg_auth_comp_id 
_struct_sheet_range.beg_auth_asym_id 
_struct_sheet_range.beg_auth_seq_id 
_struct_sheet_range.end_auth_comp_id 
_struct_sheet_range.end_auth_asym_id 
_struct_sheet_range.end_auth_seq_id 
AA1 1  HIS A 146 ? TYR A 147 ? HIS A 146 TYR A 147 
AA1 2  LEU A 23  ? VAL A 28  ? LEU A 23  VAL A 28  
AA1 3  GLU A 112 ? SER A 120 ? GLU A 112 SER A 120 
AA1 4  GLY A 100 ? ASN A 109 ? GLY A 100 ASN A 109 
AA1 5  LYS A 85  ? THR A 97  ? LYS A 85  THR A 97  
AA1 6  SER A 74  ? GLU A 79  ? SER A 74  GLU A 79  
AA1 7  GLN A 61  ? GLY A 70  ? GLN A 61  GLY A 70  
AA1 8  THR A 53  ? LYS A 58  ? THR A 53  LYS A 58  
AA1 9  THR A 37  ? VAL A 41  ? THR A 37  VAL A 41  
AA1 10 LEU A 23  ? VAL A 28  ? LEU A 23  VAL A 28  
# 
loop_
_pdbx_struct_sheet_hbond.sheet_id 
_pdbx_struct_sheet_hbond.range_id_1 
_pdbx_struct_sheet_hbond.range_id_2 
_pdbx_struct_sheet_hbond.range_1_label_atom_id 
_pdbx_struct_sheet_hbond.range_1_label_comp_id 
_pdbx_struct_sheet_hbond.range_1_label_asym_id 
_pdbx_struct_sheet_hbond.range_1_label_seq_id 
_pdbx_struct_sheet_hbond.range_1_PDB_ins_code 
_pdbx_struct_sheet_hbond.range_1_auth_atom_id 
_pdbx_struct_sheet_hbond.range_1_auth_comp_id 
_pdbx_struct_sheet_hbond.range_1_auth_asym_id 
_pdbx_struct_sheet_hbond.range_1_auth_seq_id 
_pdbx_struct_sheet_hbond.range_2_label_atom_id 
_pdbx_struct_sheet_hbond.range_2_label_comp_id 
_pdbx_struct_sheet_hbond.range_2_label_asym_id 
_pdbx_struct_sheet_hbond.range_2_label_seq_id 
_pdbx_struct_sheet_hbond.range_2_PDB_ins_code 
_pdbx_struct_sheet_hbond.range_2_auth_atom_id 
_pdbx_struct_sheet_hbond.range_2_auth_comp_id 
_pdbx_struct_sheet_hbond.range_2_auth_asym_id 
_pdbx_struct_sheet_hbond.range_2_auth_seq_id 
AA1 1 2  O HIS A 146 ? O HIS A 146 N VAL A 28  ? N VAL A 28  
AA1 2 3  N GLU A 26  ? N GLU A 26  O CYS A 118 ? O CYS A 118 
AA1 3 4  O ILE A 114 ? O ILE A 114 N ARG A 107 ? N ARG A 107 
AA1 4 5  O SER A 102 ? O SER A 102 N ASN A 94  ? N ASN A 94  
AA1 5 6  O GLN A 86  ? O GLN A 86  N LEU A 77  ? N LEU A 77  
AA1 6 7  O HIS A 76  ? O HIS A 76  N VAL A 68  ? N VAL A 68  
AA1 7 8  O MET A 63  ? O MET A 63  N ASP A 56  ? N ASP A 56  
AA1 8 9  O ILE A 57  ? O ILE A 57  N THR A 37  ? N THR A 37  
AA1 9 10 O ARG A 38  ? O ARG A 38  N LEU A 23  ? N LEU A 23  
# 
_pdbx_entry_details.entry_id                   6KFD 
_pdbx_entry_details.has_ligand_of_interest     Y 
_pdbx_entry_details.compound_details           ? 
_pdbx_entry_details.source_details             ? 
_pdbx_entry_details.nonpolymer_details         ? 
_pdbx_entry_details.sequence_details           ? 
_pdbx_entry_details.has_protein_modification   Y 
# 
loop_
_pdbx_validate_torsion.id 
_pdbx_validate_torsion.PDB_model_num 
_pdbx_validate_torsion.auth_comp_id 
_pdbx_validate_torsion.auth_asym_id 
_pdbx_validate_torsion.auth_seq_id 
_pdbx_validate_torsion.PDB_ins_code 
_pdbx_validate_torsion.label_alt_id 
_pdbx_validate_torsion.phi 
_pdbx_validate_torsion.psi 
1 1 LEU A 29  ? ? -94.79  -65.09 
2 1 ASN A 141 ? ? 75.51   -0.13  
3 1 ASN A 151 ? ? -150.80 56.16  
4 1 ASN A 151 ? ? -148.10 56.16  
# 
loop_
_pdbx_distant_solvent_atoms.id 
_pdbx_distant_solvent_atoms.PDB_model_num 
_pdbx_distant_solvent_atoms.auth_atom_id 
_pdbx_distant_solvent_atoms.label_alt_id 
_pdbx_distant_solvent_atoms.auth_asym_id 
_pdbx_distant_solvent_atoms.auth_comp_id 
_pdbx_distant_solvent_atoms.auth_seq_id 
_pdbx_distant_solvent_atoms.PDB_ins_code 
_pdbx_distant_solvent_atoms.neighbor_macromolecule_distance 
_pdbx_distant_solvent_atoms.neighbor_ligand_distance 
1 1 O ? A HOH 530 ? 6.23 . 
2 1 O ? A HOH 531 ? 6.54 . 
# 
loop_
_chem_comp_atom.comp_id 
_chem_comp_atom.atom_id 
_chem_comp_atom.type_symbol 
_chem_comp_atom.pdbx_aromatic_flag 
_chem_comp_atom.pdbx_stereo_config 
_chem_comp_atom.pdbx_ordinal 
04E C1   C N N 1   
04E O1   O N N 2   
04E CH3  C N N 3   
04E H1   H N N 4   
04E H2   H N N 5   
04E I1   I N N 6   
04E OXT  O N N 7   
04E HXT  H N N 8   
ALA N    N N N 9   
ALA CA   C N S 10  
ALA C    C N N 11  
ALA O    O N N 12  
ALA CB   C N N 13  
ALA OXT  O N N 14  
ALA H    H N N 15  
ALA H2   H N N 16  
ALA HA   H N N 17  
ALA HB1  H N N 18  
ALA HB2  H N N 19  
ALA HB3  H N N 20  
ALA HXT  H N N 21  
ARG N    N N N 22  
ARG CA   C N S 23  
ARG C    C N N 24  
ARG O    O N N 25  
ARG CB   C N N 26  
ARG CG   C N N 27  
ARG CD   C N N 28  
ARG NE   N N N 29  
ARG CZ   C N N 30  
ARG NH1  N N N 31  
ARG NH2  N N N 32  
ARG OXT  O N N 33  
ARG H    H N N 34  
ARG H2   H N N 35  
ARG HA   H N N 36  
ARG HB2  H N N 37  
ARG HB3  H N N 38  
ARG HG2  H N N 39  
ARG HG3  H N N 40  
ARG HD2  H N N 41  
ARG HD3  H N N 42  
ARG HE   H N N 43  
ARG HH11 H N N 44  
ARG HH12 H N N 45  
ARG HH21 H N N 46  
ARG HH22 H N N 47  
ARG HXT  H N N 48  
ASN N    N N N 49  
ASN CA   C N S 50  
ASN C    C N N 51  
ASN O    O N N 52  
ASN CB   C N N 53  
ASN CG   C N N 54  
ASN OD1  O N N 55  
ASN ND2  N N N 56  
ASN OXT  O N N 57  
ASN H    H N N 58  
ASN H2   H N N 59  
ASN HA   H N N 60  
ASN HB2  H N N 61  
ASN HB3  H N N 62  
ASN HD21 H N N 63  
ASN HD22 H N N 64  
ASN HXT  H N N 65  
ASP N    N N N 66  
ASP CA   C N S 67  
ASP C    C N N 68  
ASP O    O N N 69  
ASP CB   C N N 70  
ASP CG   C N N 71  
ASP OD1  O N N 72  
ASP OD2  O N N 73  
ASP OXT  O N N 74  
ASP H    H N N 75  
ASP H2   H N N 76  
ASP HA   H N N 77  
ASP HB2  H N N 78  
ASP HB3  H N N 79  
ASP HD2  H N N 80  
ASP HXT  H N N 81  
CYS N    N N N 82  
CYS CA   C N R 83  
CYS C    C N N 84  
CYS O    O N N 85  
CYS CB   C N N 86  
CYS SG   S N N 87  
CYS OXT  O N N 88  
CYS H    H N N 89  
CYS H2   H N N 90  
CYS HA   H N N 91  
CYS HB2  H N N 92  
CYS HB3  H N N 93  
CYS HG   H N N 94  
CYS HXT  H N N 95  
GLN N    N N N 96  
GLN CA   C N S 97  
GLN C    C N N 98  
GLN O    O N N 99  
GLN CB   C N N 100 
GLN CG   C N N 101 
GLN CD   C N N 102 
GLN OE1  O N N 103 
GLN NE2  N N N 104 
GLN OXT  O N N 105 
GLN H    H N N 106 
GLN H2   H N N 107 
GLN HA   H N N 108 
GLN HB2  H N N 109 
GLN HB3  H N N 110 
GLN HG2  H N N 111 
GLN HG3  H N N 112 
GLN HE21 H N N 113 
GLN HE22 H N N 114 
GLN HXT  H N N 115 
GLU N    N N N 116 
GLU CA   C N S 117 
GLU C    C N N 118 
GLU O    O N N 119 
GLU CB   C N N 120 
GLU CG   C N N 121 
GLU CD   C N N 122 
GLU OE1  O N N 123 
GLU OE2  O N N 124 
GLU OXT  O N N 125 
GLU H    H N N 126 
GLU H2   H N N 127 
GLU HA   H N N 128 
GLU HB2  H N N 129 
GLU HB3  H N N 130 
GLU HG2  H N N 131 
GLU HG3  H N N 132 
GLU HE2  H N N 133 
GLU HXT  H N N 134 
GLY N    N N N 135 
GLY CA   C N N 136 
GLY C    C N N 137 
GLY O    O N N 138 
GLY OXT  O N N 139 
GLY H    H N N 140 
GLY H2   H N N 141 
GLY HA2  H N N 142 
GLY HA3  H N N 143 
GLY HXT  H N N 144 
HIS N    N N N 145 
HIS CA   C N S 146 
HIS C    C N N 147 
HIS O    O N N 148 
HIS CB   C N N 149 
HIS CG   C Y N 150 
HIS ND1  N Y N 151 
HIS CD2  C Y N 152 
HIS CE1  C Y N 153 
HIS NE2  N Y N 154 
HIS OXT  O N N 155 
HIS H    H N N 156 
HIS H2   H N N 157 
HIS HA   H N N 158 
HIS HB2  H N N 159 
HIS HB3  H N N 160 
HIS HD1  H N N 161 
HIS HD2  H N N 162 
HIS HE1  H N N 163 
HIS HE2  H N N 164 
HIS HXT  H N N 165 
HOH O    O N N 166 
HOH H1   H N N 167 
HOH H2   H N N 168 
ILE N    N N N 169 
ILE CA   C N S 170 
ILE C    C N N 171 
ILE O    O N N 172 
ILE CB   C N S 173 
ILE CG1  C N N 174 
ILE CG2  C N N 175 
ILE CD1  C N N 176 
ILE OXT  O N N 177 
ILE H    H N N 178 
ILE H2   H N N 179 
ILE HA   H N N 180 
ILE HB   H N N 181 
ILE HG12 H N N 182 
ILE HG13 H N N 183 
ILE HG21 H N N 184 
ILE HG22 H N N 185 
ILE HG23 H N N 186 
ILE HD11 H N N 187 
ILE HD12 H N N 188 
ILE HD13 H N N 189 
ILE HXT  H N N 190 
LEU N    N N N 191 
LEU CA   C N S 192 
LEU C    C N N 193 
LEU O    O N N 194 
LEU CB   C N N 195 
LEU CG   C N N 196 
LEU CD1  C N N 197 
LEU CD2  C N N 198 
LEU OXT  O N N 199 
LEU H    H N N 200 
LEU H2   H N N 201 
LEU HA   H N N 202 
LEU HB2  H N N 203 
LEU HB3  H N N 204 
LEU HG   H N N 205 
LEU HD11 H N N 206 
LEU HD12 H N N 207 
LEU HD13 H N N 208 
LEU HD21 H N N 209 
LEU HD22 H N N 210 
LEU HD23 H N N 211 
LEU HXT  H N N 212 
LYS N    N N N 213 
LYS CA   C N S 214 
LYS C    C N N 215 
LYS O    O N N 216 
LYS CB   C N N 217 
LYS CG   C N N 218 
LYS CD   C N N 219 
LYS CE   C N N 220 
LYS NZ   N N N 221 
LYS OXT  O N N 222 
LYS H    H N N 223 
LYS H2   H N N 224 
LYS HA   H N N 225 
LYS HB2  H N N 226 
LYS HB3  H N N 227 
LYS HG2  H N N 228 
LYS HG3  H N N 229 
LYS HD2  H N N 230 
LYS HD3  H N N 231 
LYS HE2  H N N 232 
LYS HE3  H N N 233 
LYS HZ1  H N N 234 
LYS HZ2  H N N 235 
LYS HZ3  H N N 236 
LYS HXT  H N N 237 
MET N    N N N 238 
MET CA   C N S 239 
MET C    C N N 240 
MET O    O N N 241 
MET CB   C N N 242 
MET CG   C N N 243 
MET SD   S N N 244 
MET CE   C N N 245 
MET OXT  O N N 246 
MET H    H N N 247 
MET H2   H N N 248 
MET HA   H N N 249 
MET HB2  H N N 250 
MET HB3  H N N 251 
MET HG2  H N N 252 
MET HG3  H N N 253 
MET HE1  H N N 254 
MET HE2  H N N 255 
MET HE3  H N N 256 
MET HXT  H N N 257 
NAG C1   C N R 258 
NAG C2   C N R 259 
NAG C3   C N R 260 
NAG C4   C N S 261 
NAG C5   C N R 262 
NAG C6   C N N 263 
NAG C7   C N N 264 
NAG C8   C N N 265 
NAG N2   N N N 266 
NAG O1   O N N 267 
NAG O3   O N N 268 
NAG O4   O N N 269 
NAG O5   O N N 270 
NAG O6   O N N 271 
NAG O7   O N N 272 
NAG H1   H N N 273 
NAG H2   H N N 274 
NAG H3   H N N 275 
NAG H4   H N N 276 
NAG H5   H N N 277 
NAG H61  H N N 278 
NAG H62  H N N 279 
NAG H81  H N N 280 
NAG H82  H N N 281 
NAG H83  H N N 282 
NAG HN2  H N N 283 
NAG HO1  H N N 284 
NAG HO3  H N N 285 
NAG HO4  H N N 286 
NAG HO6  H N N 287 
PHE N    N N N 288 
PHE CA   C N S 289 
PHE C    C N N 290 
PHE O    O N N 291 
PHE CB   C N N 292 
PHE CG   C Y N 293 
PHE CD1  C Y N 294 
PHE CD2  C Y N 295 
PHE CE1  C Y N 296 
PHE CE2  C Y N 297 
PHE CZ   C Y N 298 
PHE OXT  O N N 299 
PHE H    H N N 300 
PHE H2   H N N 301 
PHE HA   H N N 302 
PHE HB2  H N N 303 
PHE HB3  H N N 304 
PHE HD1  H N N 305 
PHE HD2  H N N 306 
PHE HE1  H N N 307 
PHE HE2  H N N 308 
PHE HZ   H N N 309 
PHE HXT  H N N 310 
PRO N    N N N 311 
PRO CA   C N S 312 
PRO C    C N N 313 
PRO O    O N N 314 
PRO CB   C N N 315 
PRO CG   C N N 316 
PRO CD   C N N 317 
PRO OXT  O N N 318 
PRO H    H N N 319 
PRO HA   H N N 320 
PRO HB2  H N N 321 
PRO HB3  H N N 322 
PRO HG2  H N N 323 
PRO HG3  H N N 324 
PRO HD2  H N N 325 
PRO HD3  H N N 326 
PRO HXT  H N N 327 
SER N    N N N 328 
SER CA   C N S 329 
SER C    C N N 330 
SER O    O N N 331 
SER CB   C N N 332 
SER OG   O N N 333 
SER OXT  O N N 334 
SER H    H N N 335 
SER H2   H N N 336 
SER HA   H N N 337 
SER HB2  H N N 338 
SER HB3  H N N 339 
SER HG   H N N 340 
SER HXT  H N N 341 
THR N    N N N 342 
THR CA   C N S 343 
THR C    C N N 344 
THR O    O N N 345 
THR CB   C N R 346 
THR OG1  O N N 347 
THR CG2  C N N 348 
THR OXT  O N N 349 
THR H    H N N 350 
THR H2   H N N 351 
THR HA   H N N 352 
THR HB   H N N 353 
THR HG1  H N N 354 
THR HG21 H N N 355 
THR HG22 H N N 356 
THR HG23 H N N 357 
THR HXT  H N N 358 
TRP N    N N N 359 
TRP CA   C N S 360 
TRP C    C N N 361 
TRP O    O N N 362 
TRP CB   C N N 363 
TRP CG   C Y N 364 
TRP CD1  C Y N 365 
TRP CD2  C Y N 366 
TRP NE1  N Y N 367 
TRP CE2  C Y N 368 
TRP CE3  C Y N 369 
TRP CZ2  C Y N 370 
TRP CZ3  C Y N 371 
TRP CH2  C Y N 372 
TRP OXT  O N N 373 
TRP H    H N N 374 
TRP H2   H N N 375 
TRP HA   H N N 376 
TRP HB2  H N N 377 
TRP HB3  H N N 378 
TRP HD1  H N N 379 
TRP HE1  H N N 380 
TRP HE3  H N N 381 
TRP HZ2  H N N 382 
TRP HZ3  H N N 383 
TRP HH2  H N N 384 
TRP HXT  H N N 385 
TYR N    N N N 386 
TYR CA   C N S 387 
TYR C    C N N 388 
TYR O    O N N 389 
TYR CB   C N N 390 
TYR CG   C Y N 391 
TYR CD1  C Y N 392 
TYR CD2  C Y N 393 
TYR CE1  C Y N 394 
TYR CE2  C Y N 395 
TYR CZ   C Y N 396 
TYR OH   O N N 397 
TYR OXT  O N N 398 
TYR H    H N N 399 
TYR H2   H N N 400 
TYR HA   H N N 401 
TYR HB2  H N N 402 
TYR HB3  H N N 403 
TYR HD1  H N N 404 
TYR HD2  H N N 405 
TYR HE1  H N N 406 
TYR HE2  H N N 407 
TYR HH   H N N 408 
TYR HXT  H N N 409 
VAL N    N N N 410 
VAL CA   C N S 411 
VAL C    C N N 412 
VAL O    O N N 413 
VAL CB   C N N 414 
VAL CG1  C N N 415 
VAL CG2  C N N 416 
VAL OXT  O N N 417 
VAL H    H N N 418 
VAL H2   H N N 419 
VAL HA   H N N 420 
VAL HB   H N N 421 
VAL HG11 H N N 422 
VAL HG12 H N N 423 
VAL HG13 H N N 424 
VAL HG21 H N N 425 
VAL HG22 H N N 426 
VAL HG23 H N N 427 
VAL HXT  H N N 428 
# 
loop_
_chem_comp_bond.comp_id 
_chem_comp_bond.atom_id_1 
_chem_comp_bond.atom_id_2 
_chem_comp_bond.value_order 
_chem_comp_bond.pdbx_aromatic_flag 
_chem_comp_bond.pdbx_stereo_config 
_chem_comp_bond.pdbx_ordinal 
04E CH3 C1   sing N N 1   
04E C1  O1   doub N N 2   
04E CH3 H1   sing N N 3   
04E CH3 H2   sing N N 4   
04E CH3 I1   sing N N 5   
04E C1  OXT  sing N N 6   
04E OXT HXT  sing N N 7   
ALA N   CA   sing N N 8   
ALA N   H    sing N N 9   
ALA N   H2   sing N N 10  
ALA CA  C    sing N N 11  
ALA CA  CB   sing N N 12  
ALA CA  HA   sing N N 13  
ALA C   O    doub N N 14  
ALA C   OXT  sing N N 15  
ALA CB  HB1  sing N N 16  
ALA CB  HB2  sing N N 17  
ALA CB  HB3  sing N N 18  
ALA OXT HXT  sing N N 19  
ARG N   CA   sing N N 20  
ARG N   H    sing N N 21  
ARG N   H2   sing N N 22  
ARG CA  C    sing N N 23  
ARG CA  CB   sing N N 24  
ARG CA  HA   sing N N 25  
ARG C   O    doub N N 26  
ARG C   OXT  sing N N 27  
ARG CB  CG   sing N N 28  
ARG CB  HB2  sing N N 29  
ARG CB  HB3  sing N N 30  
ARG CG  CD   sing N N 31  
ARG CG  HG2  sing N N 32  
ARG CG  HG3  sing N N 33  
ARG CD  NE   sing N N 34  
ARG CD  HD2  sing N N 35  
ARG CD  HD3  sing N N 36  
ARG NE  CZ   sing N N 37  
ARG NE  HE   sing N N 38  
ARG CZ  NH1  sing N N 39  
ARG CZ  NH2  doub N N 40  
ARG NH1 HH11 sing N N 41  
ARG NH1 HH12 sing N N 42  
ARG NH2 HH21 sing N N 43  
ARG NH2 HH22 sing N N 44  
ARG OXT HXT  sing N N 45  
ASN N   CA   sing N N 46  
ASN N   H    sing N N 47  
ASN N   H2   sing N N 48  
ASN CA  C    sing N N 49  
ASN CA  CB   sing N N 50  
ASN CA  HA   sing N N 51  
ASN C   O    doub N N 52  
ASN C   OXT  sing N N 53  
ASN CB  CG   sing N N 54  
ASN CB  HB2  sing N N 55  
ASN CB  HB3  sing N N 56  
ASN CG  OD1  doub N N 57  
ASN CG  ND2  sing N N 58  
ASN ND2 HD21 sing N N 59  
ASN ND2 HD22 sing N N 60  
ASN OXT HXT  sing N N 61  
ASP N   CA   sing N N 62  
ASP N   H    sing N N 63  
ASP N   H2   sing N N 64  
ASP CA  C    sing N N 65  
ASP CA  CB   sing N N 66  
ASP CA  HA   sing N N 67  
ASP C   O    doub N N 68  
ASP C   OXT  sing N N 69  
ASP CB  CG   sing N N 70  
ASP CB  HB2  sing N N 71  
ASP CB  HB3  sing N N 72  
ASP CG  OD1  doub N N 73  
ASP CG  OD2  sing N N 74  
ASP OD2 HD2  sing N N 75  
ASP OXT HXT  sing N N 76  
CYS N   CA   sing N N 77  
CYS N   H    sing N N 78  
CYS N   H2   sing N N 79  
CYS CA  C    sing N N 80  
CYS CA  CB   sing N N 81  
CYS CA  HA   sing N N 82  
CYS C   O    doub N N 83  
CYS C   OXT  sing N N 84  
CYS CB  SG   sing N N 85  
CYS CB  HB2  sing N N 86  
CYS CB  HB3  sing N N 87  
CYS SG  HG   sing N N 88  
CYS OXT HXT  sing N N 89  
GLN N   CA   sing N N 90  
GLN N   H    sing N N 91  
GLN N   H2   sing N N 92  
GLN CA  C    sing N N 93  
GLN CA  CB   sing N N 94  
GLN CA  HA   sing N N 95  
GLN C   O    doub N N 96  
GLN C   OXT  sing N N 97  
GLN CB  CG   sing N N 98  
GLN CB  HB2  sing N N 99  
GLN CB  HB3  sing N N 100 
GLN CG  CD   sing N N 101 
GLN CG  HG2  sing N N 102 
GLN CG  HG3  sing N N 103 
GLN CD  OE1  doub N N 104 
GLN CD  NE2  sing N N 105 
GLN NE2 HE21 sing N N 106 
GLN NE2 HE22 sing N N 107 
GLN OXT HXT  sing N N 108 
GLU N   CA   sing N N 109 
GLU N   H    sing N N 110 
GLU N   H2   sing N N 111 
GLU CA  C    sing N N 112 
GLU CA  CB   sing N N 113 
GLU CA  HA   sing N N 114 
GLU C   O    doub N N 115 
GLU C   OXT  sing N N 116 
GLU CB  CG   sing N N 117 
GLU CB  HB2  sing N N 118 
GLU CB  HB3  sing N N 119 
GLU CG  CD   sing N N 120 
GLU CG  HG2  sing N N 121 
GLU CG  HG3  sing N N 122 
GLU CD  OE1  doub N N 123 
GLU CD  OE2  sing N N 124 
GLU OE2 HE2  sing N N 125 
GLU OXT HXT  sing N N 126 
GLY N   CA   sing N N 127 
GLY N   H    sing N N 128 
GLY N   H2   sing N N 129 
GLY CA  C    sing N N 130 
GLY CA  HA2  sing N N 131 
GLY CA  HA3  sing N N 132 
GLY C   O    doub N N 133 
GLY C   OXT  sing N N 134 
GLY OXT HXT  sing N N 135 
HIS N   CA   sing N N 136 
HIS N   H    sing N N 137 
HIS N   H2   sing N N 138 
HIS CA  C    sing N N 139 
HIS CA  CB   sing N N 140 
HIS CA  HA   sing N N 141 
HIS C   O    doub N N 142 
HIS C   OXT  sing N N 143 
HIS CB  CG   sing N N 144 
HIS CB  HB2  sing N N 145 
HIS CB  HB3  sing N N 146 
HIS CG  ND1  sing Y N 147 
HIS CG  CD2  doub Y N 148 
HIS ND1 CE1  doub Y N 149 
HIS ND1 HD1  sing N N 150 
HIS CD2 NE2  sing Y N 151 
HIS CD2 HD2  sing N N 152 
HIS CE1 NE2  sing Y N 153 
HIS CE1 HE1  sing N N 154 
HIS NE2 HE2  sing N N 155 
HIS OXT HXT  sing N N 156 
HOH O   H1   sing N N 157 
HOH O   H2   sing N N 158 
ILE N   CA   sing N N 159 
ILE N   H    sing N N 160 
ILE N   H2   sing N N 161 
ILE CA  C    sing N N 162 
ILE CA  CB   sing N N 163 
ILE CA  HA   sing N N 164 
ILE C   O    doub N N 165 
ILE C   OXT  sing N N 166 
ILE CB  CG1  sing N N 167 
ILE CB  CG2  sing N N 168 
ILE CB  HB   sing N N 169 
ILE CG1 CD1  sing N N 170 
ILE CG1 HG12 sing N N 171 
ILE CG1 HG13 sing N N 172 
ILE CG2 HG21 sing N N 173 
ILE CG2 HG22 sing N N 174 
ILE CG2 HG23 sing N N 175 
ILE CD1 HD11 sing N N 176 
ILE CD1 HD12 sing N N 177 
ILE CD1 HD13 sing N N 178 
ILE OXT HXT  sing N N 179 
LEU N   CA   sing N N 180 
LEU N   H    sing N N 181 
LEU N   H2   sing N N 182 
LEU CA  C    sing N N 183 
LEU CA  CB   sing N N 184 
LEU CA  HA   sing N N 185 
LEU C   O    doub N N 186 
LEU C   OXT  sing N N 187 
LEU CB  CG   sing N N 188 
LEU CB  HB2  sing N N 189 
LEU CB  HB3  sing N N 190 
LEU CG  CD1  sing N N 191 
LEU CG  CD2  sing N N 192 
LEU CG  HG   sing N N 193 
LEU CD1 HD11 sing N N 194 
LEU CD1 HD12 sing N N 195 
LEU CD1 HD13 sing N N 196 
LEU CD2 HD21 sing N N 197 
LEU CD2 HD22 sing N N 198 
LEU CD2 HD23 sing N N 199 
LEU OXT HXT  sing N N 200 
LYS N   CA   sing N N 201 
LYS N   H    sing N N 202 
LYS N   H2   sing N N 203 
LYS CA  C    sing N N 204 
LYS CA  CB   sing N N 205 
LYS CA  HA   sing N N 206 
LYS C   O    doub N N 207 
LYS C   OXT  sing N N 208 
LYS CB  CG   sing N N 209 
LYS CB  HB2  sing N N 210 
LYS CB  HB3  sing N N 211 
LYS CG  CD   sing N N 212 
LYS CG  HG2  sing N N 213 
LYS CG  HG3  sing N N 214 
LYS CD  CE   sing N N 215 
LYS CD  HD2  sing N N 216 
LYS CD  HD3  sing N N 217 
LYS CE  NZ   sing N N 218 
LYS CE  HE2  sing N N 219 
LYS CE  HE3  sing N N 220 
LYS NZ  HZ1  sing N N 221 
LYS NZ  HZ2  sing N N 222 
LYS NZ  HZ3  sing N N 223 
LYS OXT HXT  sing N N 224 
MET N   CA   sing N N 225 
MET N   H    sing N N 226 
MET N   H2   sing N N 227 
MET CA  C    sing N N 228 
MET CA  CB   sing N N 229 
MET CA  HA   sing N N 230 
MET C   O    doub N N 231 
MET C   OXT  sing N N 232 
MET CB  CG   sing N N 233 
MET CB  HB2  sing N N 234 
MET CB  HB3  sing N N 235 
MET CG  SD   sing N N 236 
MET CG  HG2  sing N N 237 
MET CG  HG3  sing N N 238 
MET SD  CE   sing N N 239 
MET CE  HE1  sing N N 240 
MET CE  HE2  sing N N 241 
MET CE  HE3  sing N N 242 
MET OXT HXT  sing N N 243 
NAG C1  C2   sing N N 244 
NAG C1  O1   sing N N 245 
NAG C1  O5   sing N N 246 
NAG C1  H1   sing N N 247 
NAG C2  C3   sing N N 248 
NAG C2  N2   sing N N 249 
NAG C2  H2   sing N N 250 
NAG C3  C4   sing N N 251 
NAG C3  O3   sing N N 252 
NAG C3  H3   sing N N 253 
NAG C4  C5   sing N N 254 
NAG C4  O4   sing N N 255 
NAG C4  H4   sing N N 256 
NAG C5  C6   sing N N 257 
NAG C5  O5   sing N N 258 
NAG C5  H5   sing N N 259 
NAG C6  O6   sing N N 260 
NAG C6  H61  sing N N 261 
NAG C6  H62  sing N N 262 
NAG C7  C8   sing N N 263 
NAG C7  N2   sing N N 264 
NAG C7  O7   doub N N 265 
NAG C8  H81  sing N N 266 
NAG C8  H82  sing N N 267 
NAG C8  H83  sing N N 268 
NAG N2  HN2  sing N N 269 
NAG O1  HO1  sing N N 270 
NAG O3  HO3  sing N N 271 
NAG O4  HO4  sing N N 272 
NAG O6  HO6  sing N N 273 
PHE N   CA   sing N N 274 
PHE N   H    sing N N 275 
PHE N   H2   sing N N 276 
PHE CA  C    sing N N 277 
PHE CA  CB   sing N N 278 
PHE CA  HA   sing N N 279 
PHE C   O    doub N N 280 
PHE C   OXT  sing N N 281 
PHE CB  CG   sing N N 282 
PHE CB  HB2  sing N N 283 
PHE CB  HB3  sing N N 284 
PHE CG  CD1  doub Y N 285 
PHE CG  CD2  sing Y N 286 
PHE CD1 CE1  sing Y N 287 
PHE CD1 HD1  sing N N 288 
PHE CD2 CE2  doub Y N 289 
PHE CD2 HD2  sing N N 290 
PHE CE1 CZ   doub Y N 291 
PHE CE1 HE1  sing N N 292 
PHE CE2 CZ   sing Y N 293 
PHE CE2 HE2  sing N N 294 
PHE CZ  HZ   sing N N 295 
PHE OXT HXT  sing N N 296 
PRO N   CA   sing N N 297 
PRO N   CD   sing N N 298 
PRO N   H    sing N N 299 
PRO CA  C    sing N N 300 
PRO CA  CB   sing N N 301 
PRO CA  HA   sing N N 302 
PRO C   O    doub N N 303 
PRO C   OXT  sing N N 304 
PRO CB  CG   sing N N 305 
PRO CB  HB2  sing N N 306 
PRO CB  HB3  sing N N 307 
PRO CG  CD   sing N N 308 
PRO CG  HG2  sing N N 309 
PRO CG  HG3  sing N N 310 
PRO CD  HD2  sing N N 311 
PRO CD  HD3  sing N N 312 
PRO OXT HXT  sing N N 313 
SER N   CA   sing N N 314 
SER N   H    sing N N 315 
SER N   H2   sing N N 316 
SER CA  C    sing N N 317 
SER CA  CB   sing N N 318 
SER CA  HA   sing N N 319 
SER C   O    doub N N 320 
SER C   OXT  sing N N 321 
SER CB  OG   sing N N 322 
SER CB  HB2  sing N N 323 
SER CB  HB3  sing N N 324 
SER OG  HG   sing N N 325 
SER OXT HXT  sing N N 326 
THR N   CA   sing N N 327 
THR N   H    sing N N 328 
THR N   H2   sing N N 329 
THR CA  C    sing N N 330 
THR CA  CB   sing N N 331 
THR CA  HA   sing N N 332 
THR C   O    doub N N 333 
THR C   OXT  sing N N 334 
THR CB  OG1  sing N N 335 
THR CB  CG2  sing N N 336 
THR CB  HB   sing N N 337 
THR OG1 HG1  sing N N 338 
THR CG2 HG21 sing N N 339 
THR CG2 HG22 sing N N 340 
THR CG2 HG23 sing N N 341 
THR OXT HXT  sing N N 342 
TRP N   CA   sing N N 343 
TRP N   H    sing N N 344 
TRP N   H2   sing N N 345 
TRP CA  C    sing N N 346 
TRP CA  CB   sing N N 347 
TRP CA  HA   sing N N 348 
TRP C   O    doub N N 349 
TRP C   OXT  sing N N 350 
TRP CB  CG   sing N N 351 
TRP CB  HB2  sing N N 352 
TRP CB  HB3  sing N N 353 
TRP CG  CD1  doub Y N 354 
TRP CG  CD2  sing Y N 355 
TRP CD1 NE1  sing Y N 356 
TRP CD1 HD1  sing N N 357 
TRP CD2 CE2  doub Y N 358 
TRP CD2 CE3  sing Y N 359 
TRP NE1 CE2  sing Y N 360 
TRP NE1 HE1  sing N N 361 
TRP CE2 CZ2  sing Y N 362 
TRP CE3 CZ3  doub Y N 363 
TRP CE3 HE3  sing N N 364 
TRP CZ2 CH2  doub Y N 365 
TRP CZ2 HZ2  sing N N 366 
TRP CZ3 CH2  sing Y N 367 
TRP CZ3 HZ3  sing N N 368 
TRP CH2 HH2  sing N N 369 
TRP OXT HXT  sing N N 370 
TYR N   CA   sing N N 371 
TYR N   H    sing N N 372 
TYR N   H2   sing N N 373 
TYR CA  C    sing N N 374 
TYR CA  CB   sing N N 375 
TYR CA  HA   sing N N 376 
TYR C   O    doub N N 377 
TYR C   OXT  sing N N 378 
TYR CB  CG   sing N N 379 
TYR CB  HB2  sing N N 380 
TYR CB  HB3  sing N N 381 
TYR CG  CD1  doub Y N 382 
TYR CG  CD2  sing Y N 383 
TYR CD1 CE1  sing Y N 384 
TYR CD1 HD1  sing N N 385 
TYR CD2 CE2  doub Y N 386 
TYR CD2 HD2  sing N N 387 
TYR CE1 CZ   doub Y N 388 
TYR CE1 HE1  sing N N 389 
TYR CE2 CZ   sing Y N 390 
TYR CE2 HE2  sing N N 391 
TYR CZ  OH   sing N N 392 
TYR OH  HH   sing N N 393 
TYR OXT HXT  sing N N 394 
VAL N   CA   sing N N 395 
VAL N   H    sing N N 396 
VAL N   H2   sing N N 397 
VAL CA  C    sing N N 398 
VAL CA  CB   sing N N 399 
VAL CA  HA   sing N N 400 
VAL C   O    doub N N 401 
VAL C   OXT  sing N N 402 
VAL CB  CG1  sing N N 403 
VAL CB  CG2  sing N N 404 
VAL CB  HB   sing N N 405 
VAL CG1 HG11 sing N N 406 
VAL CG1 HG12 sing N N 407 
VAL CG1 HG13 sing N N 408 
VAL CG2 HG21 sing N N 409 
VAL CG2 HG22 sing N N 410 
VAL CG2 HG23 sing N N 411 
VAL OXT HXT  sing N N 412 
# 
_pdbx_audit_support.funding_organization   'Japan Science and Technology' 
_pdbx_audit_support.country                Japan 
_pdbx_audit_support.grant_number           JPMJER1102 
_pdbx_audit_support.ordinal                1 
# 
_pdbx_initial_refinement_model.id               1 
_pdbx_initial_refinement_model.entity_id_list   ? 
_pdbx_initial_refinement_model.type             'experimental model' 
_pdbx_initial_refinement_model.source_name      PDB 
_pdbx_initial_refinement_model.accession_code   6KFA 
_pdbx_initial_refinement_model.details          ? 
# 
_atom_sites.entry_id                    6KFD 
_atom_sites.Cartn_transf_matrix[1][1]   ? 
_atom_sites.Cartn_transf_matrix[1][2]   ? 
_atom_sites.Cartn_transf_matrix[1][3]   ? 
_atom_sites.Cartn_transf_matrix[2][1]   ? 
_atom_sites.Cartn_transf_matrix[2][2]   ? 
_atom_sites.Cartn_transf_matrix[2][3]   ? 
_atom_sites.Cartn_transf_matrix[3][1]   ? 
_atom_sites.Cartn_transf_matrix[3][2]   ? 
_atom_sites.Cartn_transf_matrix[3][3]   ? 
_atom_sites.Cartn_transf_vector[1]      ? 
_atom_sites.Cartn_transf_vector[2]      ? 
_atom_sites.Cartn_transf_vector[3]      ? 
_atom_sites.fract_transf_matrix[1][1]   -0.00280013 
_atom_sites.fract_transf_matrix[1][2]   0.01313693 
_atom_sites.fract_transf_matrix[1][3]   0.01465216 
_atom_sites.fract_transf_matrix[2][1]   -0.01369864 
_atom_sites.fract_transf_matrix[2][2]   0.01427276 
_atom_sites.fract_transf_matrix[2][3]   -0.00193151 
_atom_sites.fract_transf_matrix[3][1]   -0.00303952 
_atom_sites.fract_transf_matrix[3][2]   -0.00267170 
_atom_sites.fract_transf_matrix[3][3]   0.00181454 
_atom_sites.fract_transf_vector[1]      -0.327756 
_atom_sites.fract_transf_vector[2]      -0.458288 
_atom_sites.fract_transf_vector[3]      -0.027117 
_atom_sites.solution_primary            ? 
_atom_sites.solution_secondary          ? 
_atom_sites.solution_hydrogens          ? 
_atom_sites.special_details             ? 
# 
loop_
_atom_type.symbol 
C 
I 
N 
O 
S 
# 
loop_
_atom_site.group_PDB 
_atom_site.id 
_atom_site.type_symbol 
_atom_site.label_atom_id 
_atom_site.label_alt_id 
_atom_site.label_comp_id 
_atom_site.label_asym_id 
_atom_site.label_entity_id 
_atom_site.label_seq_id 
_atom_site.pdbx_PDB_ins_code 
_atom_site.Cartn_x 
_atom_site.Cartn_y 
_atom_site.Cartn_z 
_atom_site.occupancy 
_atom_site.B_iso_or_equiv 
_atom_site.pdbx_formal_charge 
_atom_site.auth_seq_id 
_atom_site.auth_comp_id 
_atom_site.auth_asym_id 
_atom_site.auth_atom_id 
_atom_site.pdbx_PDB_model_num 
ATOM   1    N N   . LEU A 1 1   ? -17.498 -6.222  12.624  1.00 20.80 ? 1   LEU A N   1 
ATOM   2    C CA  . LEU A 1 1   ? -16.709 -6.521  11.390  1.00 19.94 ? 1   LEU A CA  1 
ATOM   3    C C   . LEU A 1 1   ? -15.333 -7.037  11.773  1.00 19.40 ? 1   LEU A C   1 
ATOM   4    O O   . LEU A 1 1   ? -14.710 -6.502  12.689  1.00 19.29 ? 1   LEU A O   1 
ATOM   5    C CB  . LEU A 1 1   ? -16.581 -5.263  10.526  1.00 19.70 ? 1   LEU A CB  1 
ATOM   6    C CG  . LEU A 1 1   ? -16.028 -5.416  9.103   1.00 20.09 ? 1   LEU A CG  1 
ATOM   7    C CD1 . LEU A 1 1   ? -17.034 -6.150  8.230   1.00 20.78 ? 1   LEU A CD1 1 
ATOM   8    C CD2 . LEU A 1 1   ? -15.705 -4.056  8.517   1.00 20.20 ? 1   LEU A CD2 1 
ATOM   9    N N   . THR A 1 2   ? -14.883 -8.089  11.096  1.00 18.16 ? 2   THR A N   1 
ATOM   10   C CA  . THR A 1 2   ? -13.524 -8.615  11.275  1.00 18.08 ? 2   THR A CA  1 
ATOM   11   C C   . THR A 1 2   ? -12.723 -8.480  9.978   1.00 17.51 ? 2   THR A C   1 
ATOM   12   O O   . THR A 1 2   ? -13.287 -8.221  8.906   1.00 16.66 ? 2   THR A O   1 
ATOM   13   C CB  . THR A 1 2   ? -13.527 -10.060 11.784  1.00 18.56 ? 2   THR A CB  1 
ATOM   14   O OG1 . THR A 1 2   ? -14.344 -10.880 10.934  1.00 19.61 ? 2   THR A OG1 1 
ATOM   15   C CG2 . THR A 1 2   ? -14.064 -10.102 13.210  1.00 19.04 ? 2   THR A CG2 1 
ATOM   16   N N   . CYS A 1 3   ? -11.407 -8.644  10.083  1.00 16.55 ? 3   CYS A N   1 
ATOM   17   C CA  . CYS A 1 3   ? -10.503 -8.360  8.954   1.00 16.66 ? 3   CYS A CA  1 
ATOM   18   C C   . CYS A 1 3   ? -10.820 -9.234  7.738   1.00 17.21 ? 3   CYS A C   1 
ATOM   19   O O   . CYS A 1 3   ? -10.801 -8.745  6.603   1.00 16.33 ? 3   CYS A O   1 
ATOM   20   C CB  . CYS A 1 3   ? -9.037  -8.516  9.372   1.00 16.64 ? 3   CYS A CB  1 
ATOM   21   S SG  . CYS A 1 3   ? -7.830  -7.805  8.218   1.00 16.85 ? 3   CYS A SG  1 
ATOM   22   N N   . ASP A 1 4   ? -11.139 -10.506 7.989   1.00 17.93 ? 4   ASP A N   1 
ATOM   23   C CA  . ASP A 1 4   ? -11.549 -11.450 6.934   1.00 18.56 ? 4   ASP A CA  1 
ATOM   24   C C   . ASP A 1 4   ? -12.830 -11.052 6.180   1.00 18.10 ? 4   ASP A C   1 
ATOM   25   O O   . ASP A 1 4   ? -13.105 -11.599 5.102   1.00 18.92 ? 4   ASP A O   1 
ATOM   26   C CB  . ASP A 1 4   ? -11.713 -12.862 7.518   1.00 20.12 ? 4   ASP A CB  1 
ATOM   27   C CG  . ASP A 1 4   ? -12.734 -12.910 8.633   1.00 21.53 ? 4   ASP A CG  1 
ATOM   28   O OD1 . ASP A 1 4   ? -12.513 -12.218 9.646   1.00 22.31 ? 4   ASP A OD1 1 
ATOM   29   O OD2 . ASP A 1 4   ? -13.765 -13.615 8.500   1.00 23.97 ? 4   ASP A OD2 1 
ATOM   30   N N   . GLN A 1 5   ? -13.613 -10.132 6.739   1.00 17.86 ? 5   GLN A N   1 
ATOM   31   C CA  . GLN A 1 5   ? -14.863 -9.673  6.132   1.00 18.40 ? 5   GLN A CA  1 
ATOM   32   C C   . GLN A 1 5   ? -14.746 -8.363  5.368   1.00 17.79 ? 5   GLN A C   1 
ATOM   33   O O   . GLN A 1 5   ? -15.718 -7.917  4.757   1.00 18.67 ? 5   GLN A O   1 
ATOM   34   C CB  . GLN A 1 5   ? -15.929 -9.509  7.210   1.00 19.03 ? 5   GLN A CB  1 
ATOM   35   C CG  . GLN A 1 5   ? -16.241 -10.785 7.964   1.00 20.22 ? 5   GLN A CG  1 
ATOM   36   C CD  . GLN A 1 5   ? -17.251 -10.553 9.067   1.00 21.20 ? 5   GLN A CD  1 
ATOM   37   O OE1 . GLN A 1 5   ? -17.181 -9.564  9.797   1.00 22.17 ? 5   GLN A OE1 1 
ATOM   38   N NE2 . GLN A 1 5   ? -18.212 -11.460 9.182   1.00 23.09 ? 5   GLN A NE2 1 
ATOM   39   N N   . LEU A 1 6   ? -13.573 -7.731  5.401   1.00 17.06 ? 6   LEU A N   1 
ATOM   40   C CA  . LEU A 1 6   ? -13.342 -6.525  4.623   1.00 16.82 ? 6   LEU A CA  1 
ATOM   41   C C   . LEU A 1 6   ? -13.464 -6.857  3.137   1.00 16.81 ? 6   LEU A C   1 
ATOM   42   O O   . LEU A 1 6   ? -13.219 -7.993  2.743   1.00 17.41 ? 6   LEU A O   1 
ATOM   43   C CB  . LEU A 1 6   ? -11.954 -5.943  4.886   1.00 16.95 ? 6   LEU A CB  1 
ATOM   44   C CG  . LEU A 1 6   ? -11.781 -5.238  6.234   1.00 16.83 ? 6   LEU A CG  1 
ATOM   45   C CD1 . LEU A 1 6   ? -10.298 -5.035  6.527   1.00 17.22 ? 6   LEU A CD1 1 
ATOM   46   C CD2 . LEU A 1 6   ? -12.527 -3.911  6.267   1.00 17.47 ? 6   LEU A CD2 1 
ATOM   47   N N   . PRO A 1 7   ? -13.839 -5.864  2.321   1.00 17.08 ? 7   PRO A N   1 
ATOM   48   C CA  . PRO A 1 7   ? -13.892 -6.133  0.878   1.00 17.18 ? 7   PRO A CA  1 
ATOM   49   C C   . PRO A 1 7   ? -12.545 -6.596  0.330   1.00 17.07 ? 7   PRO A C   1 
ATOM   50   O O   . PRO A 1 7   ? -11.499 -6.172  0.825   1.00 16.82 ? 7   PRO A O   1 
ATOM   51   C CB  . PRO A 1 7   ? -14.268 -4.779  0.260   1.00 17.61 ? 7   PRO A CB  1 
ATOM   52   C CG  . PRO A 1 7   ? -14.774 -3.944  1.369   1.00 18.07 ? 7   PRO A CG  1 
ATOM   53   C CD  . PRO A 1 7   ? -14.165 -4.463  2.635   1.00 17.56 ? 7   PRO A CD  1 
ATOM   54   N N   . LYS A 1 8   ? -12.595 -7.459  -0.682  1.00 16.86 ? 8   LYS A N   1 
ATOM   55   C CA  . LYS A 1 8   ? -11.423 -7.885  -1.427  1.00 16.72 ? 8   LYS A CA  1 
ATOM   56   C C   . LYS A 1 8   ? -11.642 -7.400  -2.867  1.00 16.64 ? 8   LYS A C   1 
ATOM   57   O O   . LYS A 1 8   ? -12.179 -8.127  -3.722  1.00 17.38 ? 8   LYS A O   1 
ATOM   58   C CB  . LYS A 1 8   ? -11.257 -9.399  -1.339  1.00 16.93 ? 8   LYS A CB  1 
ATOM   59   C CG  . LYS A 1 8   ? -11.035 -9.930  0.077   1.00 17.75 ? 8   LYS A CG  1 
ATOM   60   C CD  . LYS A 1 8   ? -11.086 -11.446 0.102   1.00 18.22 ? 8   LYS A CD  1 
ATOM   61   C CE  . LYS A 1 8   ? -10.675 -12.032 1.441   1.00 19.26 ? 8   LYS A CE  1 
ATOM   62   N NZ  . LYS A 1 8   ? -11.710 -11.834 2.495   1.00 20.18 ? 8   LYS A NZ  1 
ATOM   63   N N   . ALA A 1 9   ? -11.254 -6.151  -3.103  1.00 16.46 ? 9   ALA A N   1 
ATOM   64   C CA  . ALA A 1 9   ? -11.535 -5.469  -4.357  1.00 16.39 ? 9   ALA A CA  1 
ATOM   65   C C   . ALA A 1 9   ? -10.718 -6.003  -5.522  1.00 16.51 ? 9   ALA A C   1 
ATOM   66   O O   . ALA A 1 9   ? -9.626  -6.546  -5.347  1.00 16.67 ? 9   ALA A O   1 
ATOM   67   C CB  . ALA A 1 9   ? -11.295 -3.976  -4.214  1.00 16.79 ? 9   ALA A CB  1 
ATOM   68   N N   . ALA A 1 10  ? -11.269 -5.812  -6.717  1.00 17.14 ? 10  ALA A N   1 
ATOM   69   C CA  . ALA A 1 10  ? -10.591 -6.156  -7.961  1.00 17.75 ? 10  ALA A CA  1 
ATOM   70   C C   . ALA A 1 10  ? -9.279  -5.390  -8.073  1.00 18.01 ? 10  ALA A C   1 
ATOM   71   O O   . ALA A 1 10  ? -9.200  -4.214  -7.710  1.00 18.20 ? 10  ALA A O   1 
ATOM   72   C CB  . ALA A 1 10  ? -11.486 -5.822  -9.143  1.00 18.25 ? 10  ALA A CB  1 
ATOM   73   N N   . ILE A 1 11  ? -8.257  -6.067  -8.575  1.00 18.46 ? 11  ILE A N   1 
ATOM   74   C CA  . ILE A 1 11  ? -6.928  -5.482  -8.679  1.00 18.91 ? 11  ILE A CA  1 
ATOM   75   C C   . ILE A 1 11  ? -6.735  -4.983  -10.097 1.00 18.56 ? 11  ILE A C   1 
ATOM   76   O O   . ILE A 1 11  ? -6.870  -5.755  -11.062 1.00 19.34 ? 11  ILE A O   1 
ATOM   77   C CB  . ILE A 1 11  ? -5.814  -6.493  -8.351  1.00 20.42 ? 11  ILE A CB  1 
ATOM   78   C CG1 . ILE A 1 11  ? -6.028  -7.145  -6.981  1.00 21.89 ? 11  ILE A CG1 1 
ATOM   79   C CG2 . ILE A 1 11  ? -4.453  -5.798  -8.385  1.00 20.37 ? 11  ILE A CG2 1 
ATOM   80   C CD1 . ILE A 1 11  ? -5.323  -8.477  -6.870  1.00 23.09 ? 11  ILE A CD1 1 
ATOM   81   N N   . ASN A 1 12  ? -6.414  -3.696  -10.235 1.00 16.79 ? 12  ASN A N   1 
ATOM   82   C CA  . ASN A 1 12  ? -6.196  -3.099  -11.561 1.00 16.37 ? 12  ASN A CA  1 
ATOM   83   C C   . ASN A 1 12  ? -4.994  -3.767  -12.208 1.00 15.87 ? 12  ASN A C   1 
ATOM   84   O O   . ASN A 1 12  ? -4.075  -4.198  -11.509 1.00 15.98 ? 12  ASN A O   1 
ATOM   85   C CB  . ASN A 1 12  ? -5.904  -1.594  -11.490 1.00 15.91 ? 12  ASN A CB  1 
ATOM   86   C CG  . ASN A 1 12  ? -6.958  -0.816  -10.733 1.00 15.97 ? 12  ASN A CG  1 
ATOM   87   O OD1 . ASN A 1 12  ? -7.198  -1.099  -9.563  1.00 16.68 ? 12  ASN A OD1 1 
ATOM   88   N ND2 . ASN A 1 12  ? -7.594  0.158   -11.390 1.00 15.80 ? 12  ASN A ND2 1 
ATOM   89   N N   . PRO A 1 13  ? -4.965  -3.818  -13.549 1.00 15.74 ? 13  PRO A N   1 
ATOM   90   C CA  . PRO A 1 13  ? -3.739  -4.263  -14.186 1.00 15.30 ? 13  PRO A CA  1 
ATOM   91   C C   . PRO A 1 13  ? -2.518  -3.488  -13.702 1.00 14.94 ? 13  PRO A C   1 
ATOM   92   O O   . PRO A 1 13  ? -2.611  -2.292  -13.385 1.00 15.02 ? 13  PRO A O   1 
ATOM   93   C CB  . PRO A 1 13  ? -4.007  -4.018  -15.671 1.00 15.58 ? 13  PRO A CB  1 
ATOM   94   C CG  . PRO A 1 13  ? -5.483  -4.186  -15.801 1.00 16.00 ? 13  PRO A CG  1 
ATOM   95   C CD  . PRO A 1 13  ? -6.062  -3.645  -14.520 1.00 15.86 ? 13  PRO A CD  1 
ATOM   96   N N   . ILE A 1 14  ? -1.389  -4.183  -13.631 1.00 14.96 ? 14  ILE A N   1 
ATOM   97   C CA  . ILE A 1 14  ? -0.156  -3.611  -13.073 1.00 14.99 ? 14  ILE A CA  1 
ATOM   98   C C   . ILE A 1 14  ? 0.239   -2.271  -13.706 1.00 14.55 ? 14  ILE A C   1 
ATOM   99   O O   . ILE A 1 14  ? 0.709   -1.376  -13.008 1.00 14.22 ? 14  ILE A O   1 
ATOM   100  C CB  . ILE A 1 14  ? 1.006   -4.638  -13.091 1.00 15.44 ? 14  ILE A CB  1 
ATOM   101  C CG1 . ILE A 1 14  ? 2.263   -4.091  -12.405 1.00 15.70 ? 14  ILE A CG1 1 
ATOM   102  C CG2 . ILE A 1 14  ? 1.354   -5.091  -14.503 1.00 15.72 ? 14  ILE A CG2 1 
ATOM   103  C CD1 . ILE A 1 14  ? 2.086   -3.753  -10.942 1.00 16.09 ? 14  ILE A CD1 1 
ATOM   104  N N   . GLN A 1 15  ? 0.025   -2.104  -15.011 1.00 13.86 ? 15  GLN A N   1 
ATOM   105  C CA  . GLN A 1 15  ? 0.395   -0.841  -15.648 1.00 14.56 ? 15  GLN A CA  1 
ATOM   106  C C   . GLN A 1 15  ? -0.343  0.369   -15.050 1.00 13.66 ? 15  GLN A C   1 
ATOM   107  O O   . GLN A 1 15  ? 0.202   1.470   -15.015 1.00 13.77 ? 15  GLN A O   1 
ATOM   108  C CB  . GLN A 1 15  ? 0.160   -0.897  -17.156 1.00 14.95 ? 15  GLN A CB  1 
ATOM   109  C CG  . GLN A 1 15  ? 0.815   0.254   -17.911 1.00 15.64 ? 15  GLN A CG  1 
ATOM   110  C CD  . GLN A 1 15  ? 2.327   0.289   -17.748 1.00 16.31 ? 15  GLN A CD  1 
ATOM   111  O OE1 . GLN A 1 15  ? 2.996   -0.744  -17.768 1.00 18.23 ? 15  GLN A OE1 1 
ATOM   112  N NE2 . GLN A 1 15  ? 2.871   1.484   -17.581 1.00 16.58 ? 15  GLN A NE2 1 
ATOM   113  N N   . GLU A 1 16  ? -1.569  0.178   -14.561 1.00 13.95 ? 16  GLU A N   1 
ATOM   114  C CA  . GLU A 1 16  ? -2.312  1.289   -13.964 1.00 14.41 ? 16  GLU A CA  1 
ATOM   115  C C   . GLU A 1 16  ? -1.688  1.747   -12.640 1.00 13.82 ? 16  GLU A C   1 
ATOM   116  O O   . GLU A 1 16  ? -1.699  2.932   -12.321 1.00 14.48 ? 16  GLU A O   1 
ATOM   117  C CB  . GLU A 1 16  ? -3.775  0.928   -13.790 1.00 15.64 ? 16  GLU A CB  1 
ATOM   118  C CG  . GLU A 1 16  ? -4.474  0.720   -15.134 1.00 16.84 ? 16  GLU A CG  1 
ATOM   119  C CD  . GLU A 1 16  ? -5.932  0.334   -15.010 1.00 19.12 ? 16  GLU A CD  1 
ATOM   120  O OE1 . GLU A 1 16  ? -6.558  0.634   -13.982 1.00 20.95 ? 16  GLU A OE1 1 
ATOM   121  O OE2 . GLU A 1 16  ? -6.462  -0.260  -15.982 1.00 23.11 ? 16  GLU A OE2 1 
ATOM   122  N N   . PHE A 1 17  ? -1.113  0.801   -11.894 1.00 13.28 ? 17  PHE A N   1 
ATOM   123  C CA  . PHE A 1 17  ? -0.345  1.147   -10.690 1.00 13.26 ? 17  PHE A CA  1 
ATOM   124  C C   . PHE A 1 17  ? 0.970   1.854   -11.042 1.00 13.28 ? 17  PHE A C   1 
ATOM   125  O O   . PHE A 1 17  ? 1.309   2.880   -10.449 1.00 13.30 ? 17  PHE A O   1 
ATOM   126  C CB  . PHE A 1 17  ? -0.079  -0.102  -9.848  1.00 13.50 ? 17  PHE A CB  1 
ATOM   127  C CG  . PHE A 1 17  ? -1.287  -0.601  -9.093  1.00 13.70 ? 17  PHE A CG  1 
ATOM   128  C CD1 . PHE A 1 17  ? -1.585  -0.102  -7.827  1.00 13.91 ? 17  PHE A CD1 1 
ATOM   129  C CD2 . PHE A 1 17  ? -2.119  -1.577  -9.637  1.00 13.91 ? 17  PHE A CD2 1 
ATOM   130  C CE1 . PHE A 1 17  ? -2.693  -0.561  -7.118  1.00 14.10 ? 17  PHE A CE1 1 
ATOM   131  C CE2 . PHE A 1 17  ? -3.230  -2.033  -8.935  1.00 14.02 ? 17  PHE A CE2 1 
ATOM   132  C CZ  . PHE A 1 17  ? -3.512  -1.529  -7.673  1.00 13.94 ? 17  PHE A CZ  1 
ATOM   133  N N   . ILE A 1 18  ? 1.682   1.332   -12.038 1.00 13.22 ? 18  ILE A N   1 
ATOM   134  C CA  . ILE A 1 18  ? 2.935   1.945   -12.494 1.00 13.56 ? 18  ILE A CA  1 
ATOM   135  C C   . ILE A 1 18  ? 2.693   3.388   -12.970 1.00 13.62 ? 18  ILE A C   1 
ATOM   136  O O   . ILE A 1 18  ? 3.457   4.315   -12.637 1.00 13.13 ? 18  ILE A O   1 
ATOM   137  C CB  . ILE A 1 18  ? 3.592   1.102   -13.608 1.00 13.67 ? 18  ILE A CB  1 
ATOM   138  C CG1 . ILE A 1 18  ? 4.051   -0.256  -13.046 1.00 13.74 ? 18  ILE A CG1 1 
ATOM   139  C CG2 . ILE A 1 18  ? 4.780   1.838   -14.210 1.00 13.96 ? 18  ILE A CG2 1 
ATOM   140  C CD1 . ILE A 1 18  ? 4.455   -1.272  -14.094 1.00 14.17 ? 18  ILE A CD1 1 
ATOM   141  N N   . ASP A 1 19  ? 1.614   3.593   -13.729 1.00 14.18 ? 19  ASP A N   1 
ATOM   142  C CA  . ASP A 1 19  ? 1.259   4.931   -14.205 1.00 14.97 ? 19  ASP A CA  1 
ATOM   143  C C   . ASP A 1 19  ? 0.871   5.906   -13.087 1.00 14.99 ? 19  ASP A C   1 
ATOM   144  O O   . ASP A 1 19  ? 0.853   7.116   -13.310 1.00 16.24 ? 19  ASP A O   1 
ATOM   145  C CB  . ASP A 1 19  ? 0.134   4.856   -15.243 1.00 15.94 ? 19  ASP A CB  1 
ATOM   146  C CG  . ASP A 1 19  ? 0.583   4.241   -16.565 1.00 17.35 ? 19  ASP A CG  1 
ATOM   147  O OD1 . ASP A 1 19  ? 1.795   4.053   -16.794 1.00 17.84 ? 19  ASP A OD1 1 
ATOM   148  O OD2 . ASP A 1 19  ? -0.316  3.950   -17.392 1.00 19.41 ? 19  ASP A OD2 1 
ATOM   149  N N   . SER A 1 20  ? 0.549   5.380   -11.901 1.00 14.53 ? 20  SER A N   1 
ATOM   150  C CA  . SER A 1 20  ? 0.266   6.183   -10.711 1.00 14.50 ? 20  SER A CA  1 
ATOM   151  C C   . SER A 1 20  ? 1.491   6.618   -9.899  1.00 14.13 ? 20  SER A C   1 
ATOM   152  O O   . SER A 1 20  ? 1.366   7.476   -9.022  1.00 14.15 ? 20  SER A O   1 
ATOM   153  C CB  . SER A 1 20  ? -0.692  5.431   -9.779  1.00 15.15 ? 20  SER A CB  1 
ATOM   154  O OG  . SER A 1 20  ? -1.893  5.083   -10.448 1.00 16.56 ? 20  SER A OG  1 
ATOM   155  N N   . ASN A 1 21  ? 2.661   6.052   -10.188 1.00 13.72 ? 21  ASN A N   1 
ATOM   156  C CA  . ASN A 1 21  ? 3.885   6.394   -9.454  1.00 13.77 ? 21  ASN A CA  1 
ATOM   157  C C   . ASN A 1 21  ? 4.184   7.884   -9.564  1.00 13.80 ? 21  ASN A C   1 
ATOM   158  O O   . ASN A 1 21  ? 3.926   8.472   -10.626 1.00 14.23 ? 21  ASN A O   1 
ATOM   159  C CB  . ASN A 1 21  ? 5.114   5.703   -10.053 1.00 13.73 ? 21  ASN A CB  1 
ATOM   160  C CG  . ASN A 1 21  ? 5.176   4.214   -9.803  1.00 13.91 ? 21  ASN A CG  1 
ATOM   161  O OD1 . ASN A 1 21  ? 4.483   3.663   -8.936  1.00 14.01 ? 21  ASN A OD1 1 
ATOM   162  N ND2 . ASN A 1 21  ? 6.042   3.546   -10.565 1.00 13.68 ? 21  ASN A ND2 1 
ATOM   163  N N   . PRO A 1 22  ? 4.757   8.519   -8.537  1.00 13.28 ? 22  PRO A N   1 
ATOM   164  C CA  . PRO A 1 22  ? 4.948   7.987   -7.181  1.00 13.11 ? 22  PRO A CA  1 
ATOM   165  C C   . PRO A 1 22  ? 3.717   8.221   -6.316  1.00 13.21 ? 22  PRO A C   1 
ATOM   166  O O   . PRO A 1 22  ? 2.991   9.202   -6.513  1.00 13.43 ? 22  PRO A O   1 
ATOM   167  C CB  . PRO A 1 22  ? 6.124   8.820   -6.664  1.00 13.17 ? 22  PRO A CB  1 
ATOM   168  C CG  . PRO A 1 22  ? 5.936   10.148  -7.332  1.00 13.41 ? 22  PRO A CG  1 
ATOM   169  C CD  . PRO A 1 22  ? 5.429   9.817   -8.710  1.00 13.32 ? 22  PRO A CD  1 
ATOM   170  N N   . LEU A 1 23  ? 3.502   7.338   -5.346  1.00 13.24 ? 23  LEU A N   1 
ATOM   171  C CA  . LEU A 1 23  ? 2.450   7.512   -4.338  1.00 13.86 ? 23  LEU A CA  1 
ATOM   172  C C   . LEU A 1 23  ? 3.081   7.651   -2.967  1.00 13.79 ? 23  LEU A C   1 
ATOM   173  O O   . LEU A 1 23  ? 4.187   7.176   -2.755  1.00 14.09 ? 23  LEU A O   1 
ATOM   174  C CB  . LEU A 1 23  ? 1.506   6.321   -4.330  1.00 14.79 ? 23  LEU A CB  1 
ATOM   175  C CG  . LEU A 1 23  ? 0.890   5.991   -5.694  1.00 15.87 ? 23  LEU A CG  1 
ATOM   176  C CD1 . LEU A 1 23  ? 1.444   4.686   -6.232  1.00 17.02 ? 23  LEU A CD1 1 
ATOM   177  C CD2 . LEU A 1 23  ? -0.613  5.923   -5.601  1.00 16.85 ? 23  LEU A CD2 1 
ATOM   178  N N   . GLU A 1 24  ? 2.383   8.328   -2.061  1.00 14.16 ? 24  GLU A N   1 
ATOM   179  C CA  . GLU A 1 24  ? 2.768   8.376   -0.640  1.00 14.95 ? 24  GLU A CA  1 
ATOM   180  C C   . GLU A 1 24  ? 1.671   7.777   0.213   1.00 14.43 ? 24  GLU A C   1 
ATOM   181  O O   . GLU A 1 24  ? 0.490   7.863   -0.130  1.00 13.99 ? 24  GLU A O   1 
ATOM   182  C CB  . GLU A 1 24  ? 3.017   9.810   -0.199  1.00 16.53 ? 24  GLU A CB  1 
ATOM   183  C CG  . GLU A 1 24  ? 4.302   10.412  -0.745  1.00 18.16 ? 24  GLU A CG  1 
ATOM   184  C CD  . GLU A 1 24  ? 4.537   11.837  -0.275  1.00 20.33 ? 24  GLU A CD  1 
ATOM   185  O OE1 . GLU A 1 24  ? 3.594   12.466  0.257   1.00 22.64 ? 24  GLU A OE1 1 
ATOM   186  O OE2 . GLU A 1 24  ? 5.676   12.334  -0.453  1.00 22.31 ? 24  GLU A OE2 1 
ATOM   187  N N   . PHE A 1 25  ? 2.050   7.175   1.337   1.00 14.25 ? 25  PHE A N   1 
ATOM   188  C CA  . PHE A 1 25  ? 1.048   6.641   2.252   1.00 14.64 ? 25  PHE A CA  1 
ATOM   189  C C   . PHE A 1 25  ? 0.431   7.757   3.085   1.00 14.51 ? 25  PHE A C   1 
ATOM   190  O O   . PHE A 1 25  ? 1.124   8.666   3.551   1.00 14.59 ? 25  PHE A O   1 
ATOM   191  C CB  . PHE A 1 25  ? 1.613   5.518   3.132   1.00 15.17 ? 25  PHE A CB  1 
ATOM   192  C CG  . PHE A 1 25  ? 2.050   4.296   2.359   1.00 15.77 ? 25  PHE A CG  1 
ATOM   193  C CD1 . PHE A 1 25  ? 1.297   3.799   1.300   1.00 17.10 ? 25  PHE A CD1 1 
ATOM   194  C CD2 . PHE A 1 25  ? 3.192   3.617   2.707   1.00 16.66 ? 25  PHE A CD2 1 
ATOM   195  C CE1 . PHE A 1 25  ? 1.708   2.678   0.599   1.00 17.23 ? 25  PHE A CE1 1 
ATOM   196  C CE2 . PHE A 1 25  ? 3.604   2.490   2.016   1.00 17.13 ? 25  PHE A CE2 1 
ATOM   197  C CZ  . PHE A 1 25  ? 2.870   2.028   0.948   1.00 16.76 ? 25  PHE A CZ  1 
ATOM   198  N N   . GLU A 1 26  ? -0.891  7.669   3.239   1.00 14.65 ? 26  GLU A N   1 
ATOM   199  C CA  . GLU A 1 26  ? -1.693  8.608   4.017   1.00 15.70 ? 26  GLU A CA  1 
ATOM   200  C C   . GLU A 1 26  ? -2.065  8.035   5.373   1.00 15.43 ? 26  GLU A C   1 
ATOM   201  O O   . GLU A 1 26  ? -2.011  8.749   6.381   1.00 15.24 ? 26  GLU A O   1 
ATOM   202  C CB  . GLU A 1 26  ? -2.972  8.960   3.248   1.00 16.71 ? 26  GLU A CB  1 
ATOM   203  C CG  . GLU A 1 26  ? -2.737  9.808   2.009   1.00 17.90 ? 26  GLU A CG  1 
ATOM   204  C CD  . GLU A 1 26  ? -2.230  11.206  2.339   1.00 18.39 ? 26  GLU A CD  1 
ATOM   205  O OE1 . GLU A 1 26  ? -2.749  11.808  3.309   1.00 19.80 ? 26  GLU A OE1 1 
ATOM   206  O OE2 . GLU A 1 26  ? -1.318  11.697  1.629   1.00 20.65 ? 26  GLU A OE2 1 
ATOM   207  N N   . TYR A 1 27  ? -2.470  6.765   5.392   1.00 15.32 ? 27  TYR A N   1 
ATOM   208  C CA  . TYR A 1 27  ? -2.814  6.064   6.632   1.00 15.66 ? 27  TYR A CA  1 
ATOM   209  C C   . TYR A 1 27  ? -2.098  4.733   6.674   1.00 14.66 ? 27  TYR A C   1 
ATOM   210  O O   . TYR A 1 27  ? -2.057  4.005   5.684   1.00 14.86 ? 27  TYR A O   1 
ATOM   211  C CB  . TYR A 1 27  ? -4.327  5.841   6.754   1.00 16.68 ? 27  TYR A CB  1 
ATOM   212  C CG  . TYR A 1 27  ? -5.122  7.122   6.681   1.00 19.20 ? 27  TYR A CG  1 
ATOM   213  C CD1 . TYR A 1 27  ? -5.077  8.051   7.719   1.00 21.19 ? 27  TYR A CD1 1 
ATOM   214  C CD2 . TYR A 1 27  ? -5.921  7.410   5.576   1.00 21.06 ? 27  TYR A CD2 1 
ATOM   215  C CE1 . TYR A 1 27  ? -5.797  9.240   7.649   1.00 22.55 ? 27  TYR A CE1 1 
ATOM   216  C CE2 . TYR A 1 27  ? -6.647  8.590   5.501   1.00 22.80 ? 27  TYR A CE2 1 
ATOM   217  C CZ  . TYR A 1 27  ? -6.581  9.500   6.539   1.00 23.58 ? 27  TYR A CZ  1 
ATOM   218  O OH  . TYR A 1 27  ? -7.320  10.662  6.447   1.00 26.80 ? 27  TYR A OH  1 
ATOM   219  N N   . VAL A 1 28  ? -1.518  4.420   7.830   1.00 13.62 ? 28  VAL A N   1 
ATOM   220  C CA  . VAL A 1 28  ? -0.803  3.171   8.041   1.00 13.66 ? 28  VAL A CA  1 
ATOM   221  C C   . VAL A 1 28  ? -1.113  2.627   9.439   1.00 13.99 ? 28  VAL A C   1 
ATOM   222  O O   . VAL A 1 28  ? -1.677  3.342   10.254  1.00 14.15 ? 28  VAL A O   1 
ATOM   223  C CB  . VAL A 1 28  ? 0.718   3.330   7.826   1.00 13.56 ? 28  VAL A CB  1 
ATOM   224  C CG1 . VAL A 1 28  ? 1.011   3.757   6.391   1.00 13.30 ? 28  VAL A CG1 1 
ATOM   225  C CG2 . VAL A 1 28  ? 1.338   4.318   8.814   1.00 13.74 ? 28  VAL A CG2 1 
ATOM   226  N N   . LEU A 1 29  ? -0.769  1.371   9.701   1.00 14.57 ? 29  LEU A N   1 
ATOM   227  C CA  . LEU A 1 29  ? -1.039  0.751   11.008  1.00 15.15 ? 29  LEU A CA  1 
ATOM   228  C C   . LEU A 1 29  ? 0.155   0.839   11.973  1.00 15.84 ? 29  LEU A C   1 
ATOM   229  O O   . LEU A 1 29  ? 0.047   1.492   13.009  1.00 16.37 ? 29  LEU A O   1 
ATOM   230  C CB  . LEU A 1 29  ? -1.540  -0.680  10.835  1.00 15.00 ? 29  LEU A CB  1 
ATOM   231  C CG  . LEU A 1 29  ? -2.233  -1.284  12.066  1.00 15.42 ? 29  LEU A CG  1 
ATOM   232  C CD1 . LEU A 1 29  ? -3.260  -2.322  11.648  1.00 16.20 ? 29  LEU A CD1 1 
ATOM   233  C CD2 . LEU A 1 29  ? -1.240  -1.889  13.047  1.00 15.98 ? 29  LEU A CD2 1 
ATOM   234  N N   . THR A 1 30  ? 1.265   0.185   11.658  1.00 16.41 ? 30  THR A N   1 
ATOM   235  C CA  . THR A 1 30  ? 2.474   0.274   12.496  1.00 17.35 ? 30  THR A CA  1 
ATOM   236  C C   . THR A 1 30  ? 3.250   1.553   12.135  1.00 17.89 ? 30  THR A C   1 
ATOM   237  O O   . THR A 1 30  ? 2.820   2.328   11.286  1.00 19.31 ? 30  THR A O   1 
ATOM   238  C CB  . THR A 1 30  ? 3.375   -0.969  12.354  1.00 17.73 ? 30  THR A CB  1 
ATOM   239  O OG1 . THR A 1 30  ? 4.025   -0.966  11.084  1.00 17.58 ? 30  THR A OG1 1 
ATOM   240  C CG2 . THR A 1 30  ? 2.582   -2.277  12.534  1.00 17.89 ? 30  THR A CG2 1 
ATOM   241  N N   . GLU A 1 31  ? 4.395   1.782   12.774  1.00 18.13 ? 31  GLU A N   1 
ATOM   242  C CA  . GLU A 1 31  ? 5.240   2.922   12.392  1.00 18.27 ? 31  GLU A CA  1 
ATOM   243  C C   . GLU A 1 31  ? 6.026   2.674   11.099  1.00 18.09 ? 31  GLU A C   1 
ATOM   244  O O   . GLU A 1 31  ? 6.548   3.615   10.496  1.00 17.32 ? 31  GLU A O   1 
ATOM   245  C CB  . GLU A 1 31  ? 6.212   3.297   13.522  1.00 19.64 ? 31  GLU A CB  1 
ATOM   246  C CG  . GLU A 1 31  ? 7.350   2.314   13.719  1.00 20.09 ? 31  GLU A CG  1 
ATOM   247  C CD  . GLU A 1 31  ? 8.414   2.782   14.702  1.00 21.71 ? 31  GLU A CD  1 
ATOM   248  O OE1 . GLU A 1 31  ? 8.242   3.833   15.359  1.00 22.88 ? 31  GLU A OE1 1 
ATOM   249  O OE2 . GLU A 1 31  ? 9.437   2.068   14.821  1.00 23.81 ? 31  GLU A OE2 1 
ATOM   250  N N   . THR A 1 32  ? 6.114   1.409   10.694  1.00 17.34 ? 32  THR A N   1 
ATOM   251  C CA  . THR A 1 32  ? 7.000   0.964   9.631   1.00 17.44 ? 32  THR A CA  1 
ATOM   252  C C   . THR A 1 32  ? 6.844   1.772   8.337   1.00 16.63 ? 32  THR A C   1 
ATOM   253  O O   . THR A 1 32  ? 7.843   2.177   7.731   1.00 16.67 ? 32  THR A O   1 
ATOM   254  C CB  . THR A 1 32  ? 6.758   -0.527  9.342   1.00 18.46 ? 32  THR A CB  1 
ATOM   255  O OG1 . THR A 1 32  ? 6.831   -1.262  10.580  1.00 20.26 ? 32  THR A OG1 1 
ATOM   256  C CG2 . THR A 1 32  ? 7.778   -1.070  8.370   1.00 18.65 ? 32  THR A CG2 1 
ATOM   257  N N   . PHE A 1 33  ? 5.602   2.009   7.942   1.00 15.56 ? 33  PHE A N   1 
ATOM   258  C CA  . PHE A 1 33  ? 5.298   2.671   6.671   1.00 15.12 ? 33  PHE A CA  1 
ATOM   259  C C   . PHE A 1 33  ? 4.898   4.134   6.784   1.00 14.65 ? 33  PHE A C   1 
ATOM   260  O O   . PHE A 1 33  ? 4.395   4.722   5.831   1.00 14.64 ? 33  PHE A O   1 
ATOM   261  C CB  . PHE A 1 33  ? 4.300   1.809   5.896   1.00 15.65 ? 33  PHE A CB  1 
ATOM   262  C CG  . PHE A 1 33  ? 4.822   0.423   5.685   1.00 15.55 ? 33  PHE A CG  1 
ATOM   263  C CD1 . PHE A 1 33  ? 5.859   0.210   4.791   1.00 15.99 ? 33  PHE A CD1 1 
ATOM   264  C CD2 . PHE A 1 33  ? 4.377   -0.651  6.458   1.00 16.32 ? 33  PHE A CD2 1 
ATOM   265  C CE1 . PHE A 1 33  ? 6.402   -1.045  4.608   1.00 16.23 ? 33  PHE A CE1 1 
ATOM   266  C CE2 . PHE A 1 33  ? 4.920   -1.914  6.285   1.00 16.61 ? 33  PHE A CE2 1 
ATOM   267  C CZ  . PHE A 1 33  ? 5.929   -2.116  5.351   1.00 16.35 ? 33  PHE A CZ  1 
ATOM   268  N N   . GLU A 1 34  ? 5.209   4.758   7.924   1.00 14.81 ? 34  GLU A N   1 
ATOM   269  C CA  . GLU A 1 34  ? 5.114   6.213   8.024   1.00 14.84 ? 34  GLU A CA  1 
ATOM   270  C C   . GLU A 1 34  ? 6.109   6.849   7.054   1.00 14.28 ? 34  GLU A C   1 
ATOM   271  O O   . GLU A 1 34  ? 7.160   6.268   6.781   1.00 14.50 ? 34  GLU A O   1 
ATOM   272  C CB  . GLU A 1 34  ? 5.419   6.689   9.450   1.00 15.60 ? 34  GLU A CB  1 
ATOM   273  C CG  . GLU A 1 34  ? 4.366   6.246   10.453  1.00 16.18 ? 34  GLU A CG  1 
ATOM   274  C CD  . GLU A 1 34  ? 4.744   6.465   11.906  1.00 16.73 ? 34  GLU A CD  1 
ATOM   275  O OE1 . GLU A 1 34  ? 5.877   6.890   12.218  1.00 17.27 ? 34  GLU A OE1 1 
ATOM   276  O OE2 . GLU A 1 34  ? 3.883   6.174   12.759  1.00 17.10 ? 34  GLU A OE2 1 
ATOM   277  N N   . CYS A 1 35  ? 5.759   8.025   6.539   1.00 15.21 ? 35  CYS A N   1 
ATOM   278  C CA  . CYS A 1 35  ? 6.683   8.843   5.742   1.00 15.24 ? 35  CYS A CA  1 
ATOM   279  C C   . CYS A 1 35  ? 7.332   8.020   4.621   1.00 14.59 ? 35  CYS A C   1 
ATOM   280  O O   . CYS A 1 35  ? 8.555   8.045   4.417   1.00 14.64 ? 35  CYS A O   1 
ATOM   281  C CB  . CYS A 1 35  ? 7.749   9.472   6.639   1.00 16.52 ? 35  CYS A CB  1 
ATOM   282  S SG  . CYS A 1 35  ? 7.065   10.487  7.979   1.00 18.53 ? 35  CYS A SG  1 
ATOM   283  N N   . THR A 1 36  ? 6.488   7.282   3.902   1.00 13.64 ? 36  THR A N   1 
ATOM   284  C CA  . THR A 1 36  ? 6.935   6.315   2.910   1.00 13.31 ? 36  THR A CA  1 
ATOM   285  C C   . THR A 1 36  ? 6.304   6.580   1.545   1.00 13.12 ? 36  THR A C   1 
ATOM   286  O O   . THR A 1 36  ? 5.137   6.952   1.446   1.00 13.59 ? 36  THR A O   1 
ATOM   287  C CB  . THR A 1 36  ? 6.636   4.880   3.392   1.00 13.50 ? 36  THR A CB  1 
ATOM   288  O OG1 . THR A 1 36  ? 7.450   4.604   4.541   1.00 13.79 ? 36  THR A OG1 1 
ATOM   289  C CG2 . THR A 1 36  ? 6.925   3.812   2.312   1.00 13.47 ? 36  THR A CG2 1 
ATOM   290  N N   . THR A 1 37  ? 7.123   6.387   0.518   1.00 12.34 ? 37  THR A N   1 
ATOM   291  C CA  . THR A 1 37  ? 6.732   6.498   -0.878  1.00 12.65 ? 37  THR A CA  1 
ATOM   292  C C   . THR A 1 37  ? 6.677   5.106   -1.477  1.00 12.77 ? 37  THR A C   1 
ATOM   293  O O   . THR A 1 37  ? 7.586   4.289   -1.266  1.00 13.05 ? 37  THR A O   1 
ATOM   294  C CB  . THR A 1 37  ? 7.753   7.375   -1.625  1.00 12.94 ? 37  THR A CB  1 
ATOM   295  O OG1 . THR A 1 37  ? 7.585   8.723   -1.173  1.00 13.26 ? 37  THR A OG1 1 
ATOM   296  C CG2 . THR A 1 37  ? 7.583   7.304   -3.156  1.00 12.99 ? 37  THR A CG2 1 
ATOM   297  N N   . ARG A 1 38  ? 5.614   4.855   -2.242  1.00 12.69 ? 38  ARG A N   1 
ATOM   298  C CA  . ARG A 1 38  ? 5.406   3.600   -2.954  1.00 13.10 ? 38  ARG A CA  1 
ATOM   299  C C   . ARG A 1 38  ? 5.694   3.793   -4.442  1.00 13.02 ? 38  ARG A C   1 
ATOM   300  O O   . ARG A 1 38  ? 5.156   4.706   -5.059  1.00 13.13 ? 38  ARG A O   1 
ATOM   301  C CB  . ARG A 1 38  ? 3.966   3.114   -2.729  1.00 13.60 ? 38  ARG A CB  1 
ATOM   302  C CG  . ARG A 1 38  ? 3.437   2.037   -3.663  1.00 14.23 ? 38  ARG A CG  1 
ATOM   303  C CD  . ARG A 1 38  ? 4.252   0.764   -3.664  1.00 14.71 ? 38  ARG A CD  1 
ATOM   304  N NE  . ARG A 1 38  ? 4.265   0.074   -2.367  1.00 15.35 ? 38  ARG A NE  1 
ATOM   305  C CZ  . ARG A 1 38  ? 3.419   -0.882  -1.979  1.00 16.10 ? 38  ARG A CZ  1 
ATOM   306  N NH1 . ARG A 1 38  ? 2.451   -1.345  -2.780  1.00 16.27 ? 38  ARG A NH1 1 
ATOM   307  N NH2 . ARG A 1 38  ? 3.567   -1.432  -0.790  1.00 16.69 ? 38  ARG A NH2 1 
ATOM   308  N N   . ILE A 1 39  ? 6.532   2.909   -4.987  1.00 12.59 ? 39  ILE A N   1 
ATOM   309  C CA  . ILE A 1 39  ? 6.858   2.843   -6.411  1.00 13.15 ? 39  ILE A CA  1 
ATOM   310  C C   . ILE A 1 39  ? 6.581   1.413   -6.891  1.00 13.03 ? 39  ILE A C   1 
ATOM   311  O O   . ILE A 1 39  ? 7.087   0.449   -6.309  1.00 12.90 ? 39  ILE A O   1 
ATOM   312  C CB  . ILE A 1 39  ? 8.350   3.164   -6.669  1.00 13.44 ? 39  ILE A CB  1 
ATOM   313  C CG1 . ILE A 1 39  ? 8.735   4.550   -6.111  1.00 13.86 ? 39  ILE A CG1 1 
ATOM   314  C CG2 . ILE A 1 39  ? 8.694   3.041   -8.150  1.00 13.95 ? 39  ILE A CG2 1 
ATOM   315  C CD1 . ILE A 1 39  ? 8.013   5.724   -6.736  1.00 14.08 ? 39  ILE A CD1 1 
ATOM   316  N N   . TYR A 1 40  ? 5.792   1.279   -7.959  1.00 12.89 ? 40  TYR A N   1 
ATOM   317  C CA  . TYR A 1 40  ? 5.587   -0.002  -8.632  1.00 13.18 ? 40  TYR A CA  1 
ATOM   318  C C   . TYR A 1 40  ? 6.533   -0.169  -9.815  1.00 13.16 ? 40  TYR A C   1 
ATOM   319  O O   . TYR A 1 40  ? 6.771   0.773   -10.569 1.00 13.59 ? 40  TYR A O   1 
ATOM   320  C CB  . TYR A 1 40  ? 4.145   -0.123  -9.114  1.00 13.74 ? 40  TYR A CB  1 
ATOM   321  C CG  . TYR A 1 40  ? 3.171   -0.299  -7.985  1.00 14.30 ? 40  TYR A CG  1 
ATOM   322  C CD1 . TYR A 1 40  ? 2.886   -1.560  -7.486  1.00 14.83 ? 40  TYR A CD1 1 
ATOM   323  C CD2 . TYR A 1 40  ? 2.532   0.805   -7.404  1.00 15.02 ? 40  TYR A CD2 1 
ATOM   324  C CE1 . TYR A 1 40  ? 1.982   -1.726  -6.444  1.00 15.63 ? 40  TYR A CE1 1 
ATOM   325  C CE2 . TYR A 1 40  ? 1.642   0.645   -6.368  1.00 15.71 ? 40  TYR A CE2 1 
ATOM   326  C CZ  . TYR A 1 40  ? 1.375   -0.618  -5.893  1.00 16.00 ? 40  TYR A CZ  1 
ATOM   327  O OH  . TYR A 1 40  ? 0.489   -0.799  -4.854  1.00 18.80 ? 40  TYR A OH  1 
ATOM   328  N N   . VAL A 1 41  ? 7.042   -1.379  -9.988  1.00 12.87 ? 41  VAL A N   1 
ATOM   329  C CA  . VAL A 1 41  ? 7.979   -1.684  -11.064 1.00 13.29 ? 41  VAL A CA  1 
ATOM   330  C C   . VAL A 1 41  ? 7.513   -2.926  -11.816 1.00 13.30 ? 41  VAL A C   1 
ATOM   331  O O   . VAL A 1 41  ? 7.157   -3.937  -11.202 1.00 13.35 ? 41  VAL A O   1 
ATOM   332  C CB  . VAL A 1 41  ? 9.404   -1.930  -10.506 1.00 13.90 ? 41  VAL A CB  1 
ATOM   333  C CG1 . VAL A 1 41  ? 10.422  -2.009  -11.633 1.00 14.07 ? 41  VAL A CG1 1 
ATOM   334  C CG2 . VAL A 1 41  ? 9.801   -0.840  -9.514  1.00 13.91 ? 41  VAL A CG2 1 
ATOM   335  N N   A GLN A 1 42  ? 7.541   -2.852  -13.145 0.48 13.26 ? 42  GLN A N   1 
ATOM   336  N N   B GLN A 1 42  ? 7.528   -2.863  -13.147 0.52 13.30 ? 42  GLN A N   1 
ATOM   337  C CA  A GLN A 1 42  ? 7.266   -3.991  -14.010 0.48 13.41 ? 42  GLN A CA  1 
ATOM   338  C CA  B GLN A 1 42  ? 7.230   -4.044  -13.957 0.52 13.49 ? 42  GLN A CA  1 
ATOM   339  C C   A GLN A 1 42  ? 8.345   -5.080  -13.821 0.48 13.59 ? 42  GLN A C   1 
ATOM   340  C C   B GLN A 1 42  ? 8.310   -5.115  -13.730 0.52 13.58 ? 42  GLN A C   1 
ATOM   341  O O   A GLN A 1 42  ? 9.452   -4.770  -13.382 0.48 13.62 ? 42  GLN A O   1 
ATOM   342  O O   B GLN A 1 42  ? 9.379   -4.828  -13.180 0.52 13.41 ? 42  GLN A O   1 
ATOM   343  C CB  A GLN A 1 42  ? 7.236   -3.491  -15.454 0.48 13.49 ? 42  GLN A CB  1 
ATOM   344  C CB  B GLN A 1 42  ? 7.102   -3.671  -15.440 0.52 13.67 ? 42  GLN A CB  1 
ATOM   345  C CG  A GLN A 1 42  ? 8.515   -2.769  -15.878 0.48 13.40 ? 42  GLN A CG  1 
ATOM   346  C CG  B GLN A 1 42  ? 8.422   -3.414  -16.153 0.52 13.83 ? 42  GLN A CG  1 
ATOM   347  C CD  A GLN A 1 42  ? 8.502   -1.235  -15.759 0.48 13.33 ? 42  GLN A CD  1 
ATOM   348  C CD  B GLN A 1 42  ? 8.242   -2.758  -17.506 0.52 14.20 ? 42  GLN A CD  1 
ATOM   349  O OE1 A GLN A 1 42  ? 8.146   -0.640  -14.719 0.48 12.47 ? 42  GLN A OE1 1 
ATOM   350  O OE1 B GLN A 1 42  ? 7.272   -3.029  -18.226 0.52 15.41 ? 42  GLN A OE1 1 
ATOM   351  N NE2 A GLN A 1 42  ? 8.959   -0.585  -16.829 0.48 14.19 ? 42  GLN A NE2 1 
ATOM   352  N NE2 B GLN A 1 42  ? 9.188   -1.896  -17.871 0.52 13.94 ? 42  GLN A NE2 1 
ATOM   353  N N   . PRO A 1 43  ? 8.034   -6.360  -14.128 1.00 13.80 ? 43  PRO A N   1 
ATOM   354  C CA  . PRO A 1 43  ? 9.059   -7.404  -13.966 1.00 14.04 ? 43  PRO A CA  1 
ATOM   355  C C   . PRO A 1 43  ? 10.314  -7.162  -14.797 1.00 14.57 ? 43  PRO A C   1 
ATOM   356  O O   . PRO A 1 43  ? 10.244  -6.642  -15.913 1.00 14.91 ? 43  PRO A O   1 
ATOM   357  C CB  . PRO A 1 43  ? 8.374   -8.698  -14.431 1.00 14.27 ? 43  PRO A CB  1 
ATOM   358  C CG  . PRO A 1 43  ? 7.054   -8.299  -14.943 1.00 14.65 ? 43  PRO A CG  1 
ATOM   359  C CD  . PRO A 1 43  ? 6.755   -6.888  -14.631 1.00 14.30 ? 43  PRO A CD  1 
ATOM   360  N N   . ALA A 1 44  ? 11.456  -7.550  -14.242 1.00 15.06 ? 44  ALA A N   1 
ATOM   361  C CA  . ALA A 1 44  ? 12.701  -7.516  -14.985 1.00 15.40 ? 44  ALA A CA  1 
ATOM   362  C C   . ALA A 1 44  ? 12.597  -8.404  -16.217 1.00 15.93 ? 44  ALA A C   1 
ATOM   363  O O   . ALA A 1 44  ? 11.961  -9.472  -16.180 1.00 16.30 ? 44  ALA A O   1 
ATOM   364  C CB  . ALA A 1 44  ? 13.843  -7.985  -14.114 1.00 15.69 ? 44  ALA A CB  1 
ATOM   365  N N   . ARG A 1 45  ? 13.249  -7.993  -17.295 1.00 16.56 ? 45  ARG A N   1 
ATOM   366  C CA  . ARG A 1 45  ? 13.309  -8.827  -18.507 1.00 17.97 ? 45  ARG A CA  1 
ATOM   367  C C   . ARG A 1 45  ? 13.902  -10.221 -18.236 1.00 18.34 ? 45  ARG A C   1 
ATOM   368  O O   . ARG A 1 45  ? 13.516  -11.195 -18.882 1.00 19.70 ? 45  ARG A O   1 
ATOM   369  C CB  . ARG A 1 45  ? 14.097  -8.121  -19.604 1.00 19.17 ? 45  ARG A CB  1 
ATOM   370  C CG  . ARG A 1 45  ? 13.345  -6.961  -20.210 1.00 20.51 ? 45  ARG A CG  1 
ATOM   371  C CD  . ARG A 1 45  ? 14.157  -6.306  -21.308 1.00 21.52 ? 45  ARG A CD  1 
ATOM   372  N NE  . ARG A 1 45  ? 14.157  -7.102  -22.536 1.00 22.90 ? 45  ARG A NE  1 
ATOM   373  C CZ  . ARG A 1 45  ? 15.144  -7.889  -22.973 1.00 23.57 ? 45  ARG A CZ  1 
ATOM   374  N NH1 . ARG A 1 45  ? 16.283  -8.043  -22.293 1.00 25.07 ? 45  ARG A NH1 1 
ATOM   375  N NH2 . ARG A 1 45  ? 14.985  -8.544  -24.123 1.00 25.23 ? 45  ARG A NH2 1 
ATOM   376  N N   . TRP A 1 46  ? 14.793  -10.303 -17.248 1.00 18.17 ? 46  TRP A N   1 
ATOM   377  C CA  . TRP A 1 46  ? 15.481  -11.541 -16.857 1.00 18.48 ? 46  TRP A CA  1 
ATOM   378  C C   . TRP A 1 46  ? 14.804  -12.285 -15.695 1.00 18.62 ? 46  TRP A C   1 
ATOM   379  O O   . TRP A 1 46  ? 15.325  -13.305 -15.231 1.00 20.33 ? 46  TRP A O   1 
ATOM   380  C CB  . TRP A 1 46  ? 16.956  -11.249 -16.506 1.00 18.36 ? 46  TRP A CB  1 
ATOM   381  C CG  . TRP A 1 46  ? 17.154  -10.404 -15.272 1.00 17.54 ? 46  TRP A CG  1 
ATOM   382  C CD1 . TRP A 1 46  ? 17.361  -10.850 -13.999 1.00 18.15 ? 46  TRP A CD1 1 
ATOM   383  C CD2 . TRP A 1 46  ? 17.160  -8.974  -15.200 1.00 17.13 ? 46  TRP A CD2 1 
ATOM   384  N NE1 . TRP A 1 46  ? 17.484  -9.788  -13.142 1.00 17.49 ? 46  TRP A NE1 1 
ATOM   385  C CE2 . TRP A 1 46  ? 17.370  -8.624  -13.852 1.00 17.12 ? 46  TRP A CE2 1 
ATOM   386  C CE3 . TRP A 1 46  ? 17.003  -7.945  -16.148 1.00 16.67 ? 46  TRP A CE3 1 
ATOM   387  C CZ2 . TRP A 1 46  ? 17.408  -7.297  -13.423 1.00 16.73 ? 46  TRP A CZ2 1 
ATOM   388  C CZ3 . TRP A 1 46  ? 17.039  -6.632  -15.721 1.00 16.54 ? 46  TRP A CZ3 1 
ATOM   389  C CH2 . TRP A 1 46  ? 17.257  -6.315  -14.371 1.00 16.77 ? 46  TRP A CH2 1 
ATOM   390  N N   . SER A 1 47  ? 13.658  -11.796 -15.213 1.00 18.06 ? 47  SER A N   1 
ATOM   391  C CA  . SER A 1 47  ? 12.945  -12.469 -14.130 1.00 18.55 ? 47  SER A CA  1 
ATOM   392  C C   . SER A 1 47  ? 12.276  -13.728 -14.660 1.00 19.36 ? 47  SER A C   1 
ATOM   393  O O   . SER A 1 47  ? 11.556  -13.669 -15.645 1.00 20.02 ? 47  SER A O   1 
ATOM   394  C CB  . SER A 1 47  ? 11.873  -11.569 -13.519 1.00 18.08 ? 47  SER A CB  1 
ATOM   395  O OG  . SER A 1 47  ? 11.021  -12.326 -12.681 1.00 17.60 ? 47  SER A OG  1 
ATOM   396  N N   . THR A 1 48  ? 12.499  -14.852 -13.989 1.00 21.08 ? 48  THR A N   1 
ATOM   397  C CA  . THR A 1 48  ? 11.871  -16.109 -14.396 1.00 22.00 ? 48  THR A CA  1 
ATOM   398  C C   . THR A 1 48  ? 10.433  -16.237 -13.882 1.00 21.87 ? 48  THR A C   1 
ATOM   399  O O   . THR A 1 48  ? 9.646   -16.965 -14.471 1.00 23.46 ? 48  THR A O   1 
ATOM   400  C CB  . THR A 1 48  ? 12.702  -17.341 -13.978 1.00 23.44 ? 48  THR A CB  1 
ATOM   401  O OG1 . THR A 1 48  ? 12.745  -17.452 -12.558 1.00 25.89 ? 48  THR A OG1 1 
ATOM   402  C CG2 . THR A 1 48  ? 14.115  -17.236 -14.514 1.00 24.67 ? 48  THR A CG2 1 
ATOM   403  N N   . THR A 1 49  ? 10.087  -15.541 -12.796 1.00 20.01 ? 49  THR A N   1 
ATOM   404  C CA  . THR A 1 49  ? 8.701   -15.494 -12.316 1.00 19.49 ? 49  THR A CA  1 
ATOM   405  C C   . THR A 1 49  ? 7.854   -14.494 -13.115 1.00 18.87 ? 49  THR A C   1 
ATOM   406  O O   . THR A 1 49  ? 6.621   -14.632 -13.200 1.00 19.20 ? 49  THR A O   1 
ATOM   407  C CB  . THR A 1 49  ? 8.628   -15.108 -10.827 1.00 19.52 ? 49  THR A CB  1 
ATOM   408  O OG1 . THR A 1 49  ? 9.265   -13.836 -10.635 1.00 18.36 ? 49  THR A OG1 1 
ATOM   409  C CG2 . THR A 1 49  ? 9.312   -16.158 -9.944  1.00 19.57 ? 49  THR A CG2 1 
ATOM   410  N N   . LYS A 1 50  ? 8.514   -13.477 -13.671 1.00 17.92 ? 50  LYS A N   1 
ATOM   411  C CA  . LYS A 1 50  ? 7.858   -12.318 -14.281 1.00 17.80 ? 50  LYS A CA  1 
ATOM   412  C C   . LYS A 1 50  ? 6.861   -11.635 -13.331 1.00 16.97 ? 50  LYS A C   1 
ATOM   413  O O   . LYS A 1 50  ? 5.844   -11.084 -13.752 1.00 17.44 ? 50  LYS A O   1 
ATOM   414  C CB  . LYS A 1 50  ? 7.251   -12.673 -15.662 1.00 19.14 ? 50  LYS A CB  1 
ATOM   415  C CG  . LYS A 1 50  ? 8.302   -12.895 -16.752 1.00 20.70 ? 50  LYS A CG  1 
ATOM   416  C CD  . LYS A 1 50  ? 9.067   -11.618 -17.090 1.00 21.88 ? 50  LYS A CD  1 
ATOM   417  C CE  . LYS A 1 50  ? 9.974   -11.775 -18.300 1.00 23.03 ? 50  LYS A CE  1 
ATOM   418  N NZ  . LYS A 1 50  ? 11.050  -12.775 -18.088 1.00 24.28 ? 50  LYS A NZ  1 
ATOM   419  N N   . ALA A 1 51  ? 7.215   -11.621 -12.044 1.00 15.58 ? 51  ALA A N   1 
ATOM   420  C CA  . ALA A 1 51  ? 6.451   -10.909 -11.025 1.00 14.87 ? 51  ALA A CA  1 
ATOM   421  C C   . ALA A 1 51  ? 6.861   -9.427  -11.014 1.00 14.37 ? 51  ALA A C   1 
ATOM   422  O O   . ALA A 1 51  ? 8.053   -9.120  -11.085 1.00 15.24 ? 51  ALA A O   1 
ATOM   423  C CB  . ALA A 1 51  ? 6.707   -11.514 -9.650  1.00 14.86 ? 51  ALA A CB  1 
ATOM   424  N N   . PRO A 1 52  ? 5.885   -8.505  -10.925 1.00 14.08 ? 52  PRO A N   1 
ATOM   425  C CA  . PRO A 1 52  ? 6.228   -7.100  -10.688 1.00 13.90 ? 52  PRO A CA  1 
ATOM   426  C C   . PRO A 1 52  ? 6.724   -6.923  -9.255  1.00 13.59 ? 52  PRO A C   1 
ATOM   427  O O   . PRO A 1 52  ? 6.652   -7.865  -8.450  1.00 13.31 ? 52  PRO A O   1 
ATOM   428  C CB  . PRO A 1 52  ? 4.903   -6.374  -10.908 1.00 14.14 ? 52  PRO A CB  1 
ATOM   429  C CG  . PRO A 1 52  ? 3.866   -7.387  -10.556 1.00 14.30 ? 52  PRO A CG  1 
ATOM   430  C CD  . PRO A 1 52  ? 4.429   -8.686  -11.059 1.00 14.11 ? 52  PRO A CD  1 
ATOM   431  N N   . THR A 1 53  ? 7.222   -5.727  -8.960  1.00 13.22 ? 53  THR A N   1 
ATOM   432  C CA  . THR A 1 53  ? 7.777   -5.406  -7.646  1.00 13.34 ? 53  THR A CA  1 
ATOM   433  C C   . THR A 1 53  ? 7.132   -4.142  -7.084  1.00 13.25 ? 53  THR A C   1 
ATOM   434  O O   . THR A 1 53  ? 6.891   -3.174  -7.816  1.00 13.81 ? 53  THR A O   1 
ATOM   435  C CB  . THR A 1 53  ? 9.313   -5.224  -7.719  1.00 13.42 ? 53  THR A CB  1 
ATOM   436  O OG1 . THR A 1 53  ? 9.887   -6.264  -8.517  1.00 14.03 ? 53  THR A OG1 1 
ATOM   437  C CG2 . THR A 1 53  ? 9.931   -5.258  -6.330  1.00 13.65 ? 53  THR A CG2 1 
ATOM   438  N N   . ALA A 1 54  ? 6.839   -4.173  -5.788  1.00 12.73 ? 54  ALA A N   1 
ATOM   439  C CA  . ALA A 1 54  ? 6.424   -3.000  -5.028  1.00 12.52 ? 54  ALA A CA  1 
ATOM   440  C C   . ALA A 1 54  ? 7.602   -2.555  -4.184  1.00 12.49 ? 54  ALA A C   1 
ATOM   441  O O   . ALA A 1 54  ? 8.250   -3.388  -3.540  1.00 12.90 ? 54  ALA A O   1 
ATOM   442  C CB  . ALA A 1 54  ? 5.244   -3.318  -4.132  1.00 12.98 ? 54  ALA A CB  1 
ATOM   443  N N   . LEU A 1 55  ? 7.883   -1.256  -4.210  1.00 12.52 ? 55  LEU A N   1 
ATOM   444  C CA  . LEU A 1 55  ? 8.942   -0.657  -3.411  1.00 12.60 ? 55  LEU A CA  1 
ATOM   445  C C   . LEU A 1 55  ? 8.352   0.281   -2.376  1.00 12.78 ? 55  LEU A C   1 
ATOM   446  O O   . LEU A 1 55  ? 7.552   1.157   -2.715  1.00 12.53 ? 55  LEU A O   1 
ATOM   447  C CB  . LEU A 1 55  ? 9.892   0.153   -4.295  1.00 12.83 ? 55  LEU A CB  1 
ATOM   448  C CG  . LEU A 1 55  ? 10.444  -0.540  -5.534  1.00 12.96 ? 55  LEU A CG  1 
ATOM   449  C CD1 . LEU A 1 55  ? 11.367  0.415   -6.284  1.00 13.46 ? 55  LEU A CD1 1 
ATOM   450  C CD2 . LEU A 1 55  ? 11.148  -1.835  -5.191  1.00 13.56 ? 55  LEU A CD2 1 
ATOM   451  N N   . ASP A 1 56  ? 8.769   0.098   -1.121  1.00 13.13 ? 56  ASP A N   1 
ATOM   452  C CA  . ASP A 1 56  ? 8.396   0.972   -0.013  1.00 13.64 ? 56  ASP A CA  1 
ATOM   453  C C   . ASP A 1 56  ? 9.666   1.700   0.420   1.00 13.50 ? 56  ASP A C   1 
ATOM   454  O O   . ASP A 1 56  ? 10.586  1.088   0.972   1.00 13.37 ? 56  ASP A O   1 
ATOM   455  C CB  . ASP A 1 56  ? 7.805   0.162   1.143   1.00 14.32 ? 56  ASP A CB  1 
ATOM   456  C CG  . ASP A 1 56  ? 6.378   -0.297  0.877   1.00 15.19 ? 56  ASP A CG  1 
ATOM   457  O OD1 . ASP A 1 56  ? 5.658   0.390   0.121   1.00 15.85 ? 56  ASP A OD1 1 
ATOM   458  O OD2 . ASP A 1 56  ? 5.962   -1.316  1.468   1.00 16.48 ? 56  ASP A OD2 1 
ATOM   459  N N   . ILE A 1 57  ? 9.710   2.995   0.131   1.00 13.50 ? 57  ILE A N   1 
ATOM   460  C CA  . ILE A 1 57  ? 10.917  3.811   0.293   1.00 13.37 ? 57  ILE A CA  1 
ATOM   461  C C   . ILE A 1 57  ? 10.701  4.828   1.405   1.00 13.61 ? 57  ILE A C   1 
ATOM   462  O O   . ILE A 1 57  ? 9.798   5.647   1.338   1.00 13.18 ? 57  ILE A O   1 
ATOM   463  C CB  . ILE A 1 57  ? 11.275  4.514   -1.041  1.00 13.70 ? 57  ILE A CB  1 
ATOM   464  C CG1 . ILE A 1 57  ? 11.643  3.477   -2.108  1.00 14.03 ? 57  ILE A CG1 1 
ATOM   465  C CG2 . ILE A 1 57  ? 12.411  5.518   -0.840  1.00 14.11 ? 57  ILE A CG2 1 
ATOM   466  C CD1 . ILE A 1 57  ? 11.539  3.978   -3.532  1.00 14.18 ? 57  ILE A CD1 1 
ATOM   467  N N   . LYS A 1 58  ? 11.554  4.749   2.421   1.00 13.89 ? 58  LYS A N   1 
ATOM   468  C CA  . LYS A 1 58  ? 11.480  5.598   3.611   1.00 14.21 ? 58  LYS A CA  1 
ATOM   469  C C   . LYS A 1 58  ? 12.846  6.244   3.802   1.00 14.40 ? 58  LYS A C   1 
ATOM   470  O O   . LYS A 1 58  ? 13.772  5.636   4.368   1.00 15.10 ? 58  LYS A O   1 
ATOM   471  C CB  . LYS A 1 58  ? 11.096  4.754   4.832   1.00 14.71 ? 58  LYS A CB  1 
ATOM   472  C CG  . LYS A 1 58  ? 10.742  5.559   6.066   1.00 15.12 ? 58  LYS A CG  1 
ATOM   473  C CD  . LYS A 1 58  ? 10.283  4.653   7.196   1.00 15.49 ? 58  LYS A CD  1 
ATOM   474  C CE  . LYS A 1 58  ? 9.826   5.416   8.427   1.00 16.12 ? 58  LYS A CE  1 
ATOM   475  N NZ  . LYS A 1 58  ? 9.274   4.495   9.462   1.00 17.21 ? 58  LYS A NZ  1 
ATOM   476  N N   . GLY A 1 59  ? 12.975  7.465   3.290   1.00 14.77 ? 59  GLY A N   1 
ATOM   477  C CA  . GLY A 1 59  ? 14.255  8.161   3.266   1.00 15.35 ? 59  GLY A CA  1 
ATOM   478  C C   . GLY A 1 59  ? 15.248  7.420   2.391   1.00 15.64 ? 59  GLY A C   1 
ATOM   479  O O   . GLY A 1 59  ? 15.001  7.232   1.198   1.00 16.20 ? 59  GLY A O   1 
ATOM   480  N N   . THR A 1 60  ? 16.353  6.980   2.994   1.00 16.14 ? 60  THR A N   1 
ATOM   481  C CA  . THR A 1 60  ? 17.404  6.248   2.294   1.00 16.52 ? 60  THR A CA  1 
ATOM   482  C C   . THR A 1 60  ? 17.288  4.720   2.450   1.00 15.82 ? 60  THR A C   1 
ATOM   483  O O   . THR A 1 60  ? 18.177  3.984   1.992   1.00 16.03 ? 60  THR A O   1 
ATOM   484  C CB  . THR A 1 60  ? 18.796  6.690   2.787   1.00 17.99 ? 60  THR A CB  1 
ATOM   485  O OG1 . THR A 1 60  ? 18.918  6.382   4.177   1.00 18.90 ? 60  THR A OG1 1 
ATOM   486  C CG2 . THR A 1 60  ? 18.993  8.184   2.579   1.00 19.33 ? 60  THR A CG2 1 
ATOM   487  N N   . GLN A 1 61  ? 16.200  4.248   3.070   1.00 15.65 ? 61  GLN A N   1 
ATOM   488  C CA  . GLN A 1 61  ? 15.954  2.815   3.252   1.00 16.50 ? 61  GLN A CA  1 
ATOM   489  C C   . GLN A 1 61  ? 14.830  2.361   2.326   1.00 15.54 ? 61  GLN A C   1 
ATOM   490  O O   . GLN A 1 61  ? 13.890  3.112   2.076   1.00 15.35 ? 61  GLN A O   1 
ATOM   491  C CB  . GLN A 1 61  ? 15.581  2.522   4.707   1.00 18.61 ? 61  GLN A CB  1 
ATOM   492  C CG  . GLN A 1 61  ? 16.579  3.068   5.733   1.00 20.90 ? 61  GLN A CG  1 
ATOM   493  C CD  . GLN A 1 61  ? 18.014  2.646   5.482   1.00 23.49 ? 61  GLN A CD  1 
ATOM   494  O OE1 . GLN A 1 61  ? 18.884  3.476   5.171   1.00 27.55 ? 61  GLN A OE1 1 
ATOM   495  N NE2 . GLN A 1 61  ? 18.273  1.354   5.598   1.00 24.61 ? 61  GLN A NE2 1 
ATOM   496  N N   . ILE A 1 62  ? 14.943  1.134   1.829   1.00 14.62 ? 62  ILE A N   1 
ATOM   497  C CA  . ILE A 1 62  ? 13.957  0.576   0.904   1.00 15.05 ? 62  ILE A CA  1 
ATOM   498  C C   . ILE A 1 62  ? 13.647  -0.880  1.233   1.00 15.14 ? 62  ILE A C   1 
ATOM   499  O O   . ILE A 1 62  ? 14.560  -1.675  1.492   1.00 15.82 ? 62  ILE A O   1 
ATOM   500  C CB  . ILE A 1 62  ? 14.417  0.740   -0.574  1.00 15.39 ? 62  ILE A CB  1 
ATOM   501  C CG1 . ILE A 1 62  ? 13.440  0.077   -1.555  1.00 15.46 ? 62  ILE A CG1 1 
ATOM   502  C CG2 . ILE A 1 62  ? 15.835  0.219   -0.785  1.00 15.76 ? 62  ILE A CG2 1 
ATOM   503  C CD1 . ILE A 1 62  ? 13.716  0.421   -3.006  1.00 15.54 ? 62  ILE A CD1 1 
ATOM   504  N N   A MET A 1 63  ? 12.357  -1.202  1.249   0.56 14.48 ? 63  MET A N   1 
ATOM   505  N N   B MET A 1 63  ? 12.356  -1.212  1.221   0.44 15.21 ? 63  MET A N   1 
ATOM   506  C CA  A MET A 1 63  ? 11.881  -2.577  1.247   0.56 14.67 ? 63  MET A CA  1 
ATOM   507  C CA  B MET A 1 63  ? 11.879  -2.592  1.256   0.44 15.72 ? 63  MET A CA  1 
ATOM   508  C C   A MET A 1 63  ? 11.332  -2.822  -0.145  0.56 14.44 ? 63  MET A C   1 
ATOM   509  C C   B MET A 1 63  ? 11.221  -2.887  -0.072  0.44 15.05 ? 63  MET A C   1 
ATOM   510  O O   A MET A 1 63  ? 10.675  -1.947  -0.711  0.56 14.93 ? 63  MET A O   1 
ATOM   511  O O   B MET A 1 63  ? 10.328  -2.143  -0.489  0.44 15.12 ? 63  MET A O   1 
ATOM   512  C CB  A MET A 1 63  ? 10.769  -2.792  2.271   0.56 15.04 ? 63  MET A CB  1 
ATOM   513  C CB  B MET A 1 63  ? 10.828  -2.792  2.343   0.44 16.93 ? 63  MET A CB  1 
ATOM   514  C CG  A MET A 1 63  ? 11.123  -2.411  3.699   0.56 15.33 ? 63  MET A CG  1 
ATOM   515  C CG  B MET A 1 63  ? 11.375  -2.901  3.746   0.44 17.97 ? 63  MET A CG  1 
ATOM   516  S SD  A MET A 1 63  ? 9.729   -2.655  4.821   0.56 16.06 ? 63  MET A SD  1 
ATOM   517  S SD  B MET A 1 63  ? 10.096  -3.438  4.894   0.44 20.11 ? 63  MET A SD  1 
ATOM   518  C CE  A MET A 1 63  ? 9.667   -4.440  4.813   0.56 15.14 ? 63  MET A CE  1 
ATOM   519  C CE  B MET A 1 63  ? 10.653  -2.563  6.356   0.44 19.11 ? 63  MET A CE  1 
ATOM   520  N N   . ALA A 1 64  ? 11.618  -3.995  -0.693  1.00 14.37 ? 64  ALA A N   1 
ATOM   521  C CA  . ALA A 1 64  ? 11.111  -4.391  -2.006  1.00 14.17 ? 64  ALA A CA  1 
ATOM   522  C C   . ALA A 1 64  ? 10.423  -5.736  -1.871  1.00 14.18 ? 64  ALA A C   1 
ATOM   523  O O   . ALA A 1 64  ? 10.867  -6.579  -1.090  1.00 13.81 ? 64  ALA A O   1 
ATOM   524  C CB  . ALA A 1 64  ? 12.248  -4.486  -2.998  1.00 14.49 ? 64  ALA A CB  1 
ATOM   525  N N   . TYR A 1 65  ? 9.343   -5.932  -2.628  1.00 13.97 ? 65  TYR A N   1 
ATOM   526  C CA  . TYR A 1 65  ? 8.641   -7.220  -2.641  1.00 13.82 ? 65  TYR A CA  1 
ATOM   527  C C   . TYR A 1 65  ? 8.195   -7.526  -4.056  1.00 13.57 ? 65  TYR A C   1 
ATOM   528  O O   . TYR A 1 65  ? 7.421   -6.757  -4.632  1.00 13.19 ? 65  TYR A O   1 
ATOM   529  C CB  . TYR A 1 65  ? 7.403   -7.255  -1.722  1.00 14.56 ? 65  TYR A CB  1 
ATOM   530  C CG  . TYR A 1 65  ? 7.376   -6.263  -0.588  1.00 14.78 ? 65  TYR A CG  1 
ATOM   531  C CD1 . TYR A 1 65  ? 7.095   -4.936  -0.826  1.00 15.28 ? 65  TYR A CD1 1 
ATOM   532  C CD2 . TYR A 1 65  ? 7.598   -6.656  0.729   1.00 15.55 ? 65  TYR A CD2 1 
ATOM   533  C CE1 . TYR A 1 65  ? 7.050   -4.013  0.193   1.00 15.63 ? 65  TYR A CE1 1 
ATOM   534  C CE2 . TYR A 1 65  ? 7.568   -5.729  1.763   1.00 15.61 ? 65  TYR A CE2 1 
ATOM   535  C CZ  . TYR A 1 65  ? 7.291   -4.405  1.486   1.00 15.54 ? 65  TYR A CZ  1 
ATOM   536  O OH  . TYR A 1 65  ? 7.231   -3.444  2.474   1.00 17.45 ? 65  TYR A OH  1 
ATOM   537  N N   . ASP A 1 66  ? 8.655   -8.647  -4.603  1.00 13.48 ? 66  ASP A N   1 
ATOM   538  C CA  . ASP A 1 66  ? 8.046   -9.169  -5.831  1.00 14.01 ? 66  ASP A CA  1 
ATOM   539  C C   . ASP A 1 66  ? 6.666   -9.671  -5.417  1.00 14.54 ? 66  ASP A C   1 
ATOM   540  O O   . ASP A 1 66  ? 6.505   -10.164 -4.290  1.00 15.34 ? 66  ASP A O   1 
ATOM   541  C CB  . ASP A 1 66  ? 8.841   -10.329 -6.441  1.00 13.99 ? 66  ASP A CB  1 
ATOM   542  C CG  . ASP A 1 66  ? 9.999   -9.881  -7.331  1.00 14.57 ? 66  ASP A CG  1 
ATOM   543  O OD1 . ASP A 1 66  ? 10.344  -8.679  -7.363  1.00 15.00 ? 66  ASP A OD1 1 
ATOM   544  O OD2 . ASP A 1 66  ? 10.571  -10.765 -8.014  1.00 15.00 ? 66  ASP A OD2 1 
ATOM   545  N N   . PHE A 1 67  ? 5.672   -9.552  -6.291  1.00 14.19 ? 67  PHE A N   1 
ATOM   546  C CA  . PHE A 1 67  ? 4.346   -10.055 -5.939  1.00 14.96 ? 67  PHE A CA  1 
ATOM   547  C C   . PHE A 1 67  ? 3.611   -10.673 -7.117  1.00 15.30 ? 67  PHE A C   1 
ATOM   548  O O   . PHE A 1 67  ? 3.750   -10.237 -8.255  1.00 15.14 ? 67  PHE A O   1 
ATOM   549  C CB  . PHE A 1 67  ? 3.495   -8.989  -5.223  1.00 15.50 ? 67  PHE A CB  1 
ATOM   550  C CG  . PHE A 1 67  ? 3.153   -7.791  -6.061  1.00 15.50 ? 67  PHE A CG  1 
ATOM   551  C CD1 . PHE A 1 67  ? 4.048   -6.737  -6.196  1.00 15.52 ? 67  PHE A CD1 1 
ATOM   552  C CD2 . PHE A 1 67  ? 1.923   -7.697  -6.698  1.00 16.28 ? 67  PHE A CD2 1 
ATOM   553  C CE1 . PHE A 1 67  ? 3.729   -5.625  -6.959  1.00 15.78 ? 67  PHE A CE1 1 
ATOM   554  C CE2 . PHE A 1 67  ? 1.598   -6.584  -7.468  1.00 16.75 ? 67  PHE A CE2 1 
ATOM   555  C CZ  . PHE A 1 67  ? 2.502   -5.545  -7.596  1.00 16.53 ? 67  PHE A CZ  1 
ATOM   556  N N   . VAL A 1 68  ? 2.833   -11.702 -6.804  1.00 15.94 ? 68  VAL A N   1 
ATOM   557  C CA  . VAL A 1 68  ? 2.022   -12.432 -7.792  1.00 16.53 ? 68  VAL A CA  1 
ATOM   558  C C   . VAL A 1 68  ? 0.600   -12.489 -7.272  1.00 17.63 ? 68  VAL A C   1 
ATOM   559  O O   . VAL A 1 68  ? 0.355   -12.264 -6.082  1.00 17.35 ? 68  VAL A O   1 
ATOM   560  C CB  . VAL A 1 68  ? 2.564   -13.856 -8.075  1.00 17.32 ? 68  VAL A CB  1 
ATOM   561  C CG1 . VAL A 1 68  ? 3.954   -13.778 -8.694  1.00 18.24 ? 68  VAL A CG1 1 
ATOM   562  C CG2 . VAL A 1 68  ? 2.582   -14.734 -6.824  1.00 18.35 ? 68  VAL A CG2 1 
ATOM   563  N N   . GLY A 1 69  ? -0.336  -12.784 -8.163  1.00 17.57 ? 69  GLY A N   1 
ATOM   564  C CA  . GLY A 1 69  ? -1.736  -12.945 -7.790  1.00 17.91 ? 69  GLY A CA  1 
ATOM   565  C C   . GLY A 1 69  ? -2.001  -14.261 -7.095  1.00 17.61 ? 69  GLY A C   1 
ATOM   566  O O   . GLY A 1 69  ? -1.369  -15.285 -7.373  1.00 18.41 ? 69  GLY A O   1 
ATOM   567  N N   . GLY A 1 70  ? -2.942  -14.223 -6.162  1.00 16.62 ? 70  GLY A N   1 
ATOM   568  C CA  . GLY A 1 70  ? -3.434  -15.425 -5.523  1.00 16.49 ? 70  GLY A CA  1 
ATOM   569  C C   . GLY A 1 70  ? -4.948  -15.451 -5.549  1.00 16.06 ? 70  GLY A C   1 
ATOM   570  O O   . GLY A 1 70  ? -5.587  -14.598 -6.168  1.00 15.69 ? 70  GLY A O   1 
ATOM   571  N N   . PRO A 1 71  ? -5.539  -16.421 -4.842  1.00 16.30 ? 71  PRO A N   1 
ATOM   572  C CA  . PRO A 1 71  ? -6.998  -16.542 -4.799  1.00 16.49 ? 71  PRO A CA  1 
ATOM   573  C C   . PRO A 1 71  ? -7.707  -15.340 -4.194  1.00 16.58 ? 71  PRO A C   1 
ATOM   574  O O   . PRO A 1 71  ? -7.164  -14.661 -3.320  1.00 15.73 ? 71  PRO A O   1 
ATOM   575  C CB  . PRO A 1 71  ? -7.223  -17.771 -3.918  1.00 16.61 ? 71  PRO A CB  1 
ATOM   576  C CG  . PRO A 1 71  ? -5.963  -18.530 -3.963  1.00 17.43 ? 71  PRO A CG  1 
ATOM   577  C CD  . PRO A 1 71  ? -4.868  -17.532 -4.151  1.00 17.01 ? 71  PRO A CD  1 
ATOM   578  N N   . GLU A 1 72  ? -8.916  -15.075 -4.675  1.00 16.77 ? 72  GLU A N   1 
ATOM   579  C CA  . GLU A 1 72  ? -9.799  -14.082 -4.097  1.00 17.27 ? 72  GLU A CA  1 
ATOM   580  C C   . GLU A 1 72  ? -9.188  -12.678 -4.039  1.00 16.71 ? 72  GLU A C   1 
ATOM   581  O O   . GLU A 1 72  ? -9.264  -11.986 -3.017  1.00 15.56 ? 72  GLU A O   1 
ATOM   582  C CB  . GLU A 1 72  ? -10.275 -14.555 -2.709  1.00 19.41 ? 72  GLU A CB  1 
ATOM   583  C CG  . GLU A 1 72  ? -11.660 -14.048 -2.366  1.00 23.03 ? 72  GLU A CG  1 
ATOM   584  C CD  . GLU A 1 72  ? -12.257 -14.688 -1.129  1.00 24.82 ? 72  GLU A CD  1 
ATOM   585  O OE1 . GLU A 1 72  ? -13.274 -14.145 -0.646  1.00 30.01 ? 72  GLU A OE1 1 
ATOM   586  O OE2 . GLU A 1 72  ? -11.732 -15.719 -0.654  1.00 28.45 ? 72  GLU A OE2 1 
ATOM   587  N N   . ASN A 1 73  ? -8.605  -12.270 -5.164  1.00 16.13 ? 73  ASN A N   1 
ATOM   588  C CA  . ASN A 1 73  ? -8.030  -10.934 -5.332  1.00 15.83 ? 73  ASN A CA  1 
ATOM   589  C C   . ASN A 1 73  ? -6.931  -10.639 -4.308  1.00 15.90 ? 73  ASN A C   1 
ATOM   590  O O   . ASN A 1 73  ? -6.777  -9.494  -3.870  1.00 16.30 ? 73  ASN A O   1 
ATOM   591  C CB  . ASN A 1 73  ? -9.124  -9.849  -5.316  1.00 16.06 ? 73  ASN A CB  1 
ATOM   592  C CG  . ASN A 1 73  ? -10.063 -9.933  -6.514  1.00 16.34 ? 73  ASN A CG  1 
ATOM   593  O OD1 . ASN A 1 73  ? -9.706  -10.467 -7.575  1.00 16.23 ? 73  ASN A OD1 1 
ATOM   594  N ND2 . ASN A 1 73  ? -11.260 -9.380  -6.354  1.00 16.41 ? 73  ASN A ND2 1 
ATOM   595  N N   . SER A 1 74  ? -6.158  -11.665 -3.972  1.00 15.85 ? 74  SER A N   1 
ATOM   596  C CA  . SER A 1 74  ? -5.012  -11.508 -3.085  1.00 15.60 ? 74  SER A CA  1 
ATOM   597  C C   . SER A 1 74  ? -3.741  -11.183 -3.869  1.00 15.61 ? 74  SER A C   1 
ATOM   598  O O   . SER A 1 74  ? -3.603  -11.520 -5.058  1.00 16.12 ? 74  SER A O   1 
ATOM   599  C CB  . SER A 1 74  ? -4.788  -12.763 -2.238  1.00 15.77 ? 74  SER A CB  1 
ATOM   600  O OG  . SER A 1 74  ? -4.524  -13.905 -3.025  1.00 15.58 ? 74  SER A OG  1 
ATOM   601  N N   . ALA A 1 75  ? -2.819  -10.508 -3.180  1.00 14.95 ? 75  ALA A N   1 
ATOM   602  C CA  . ALA A 1 75  ? -1.460  -10.303 -3.654  1.00 14.93 ? 75  ALA A CA  1 
ATOM   603  C C   . ALA A 1 75  ? -0.536  -11.072 -2.715  1.00 14.95 ? 75  ALA A C   1 
ATOM   604  O O   . ALA A 1 75  ? -0.626  -10.923 -1.488  1.00 15.12 ? 75  ALA A O   1 
ATOM   605  C CB  . ALA A 1 75  ? -1.110  -8.821  -3.669  1.00 15.13 ? 75  ALA A CB  1 
ATOM   606  N N   . HIS A 1 76  ? 0.313   -11.917 -3.293  1.00 14.89 ? 76  HIS A N   1 
ATOM   607  C CA  . HIS A 1 76  ? 1.267   -12.722 -2.550  1.00 15.25 ? 76  HIS A CA  1 
ATOM   608  C C   . HIS A 1 76  ? 2.660   -12.153 -2.746  1.00 15.12 ? 76  HIS A C   1 
ATOM   609  O O   . HIS A 1 76  ? 3.239   -12.252 -3.834  1.00 15.39 ? 76  HIS A O   1 
ATOM   610  C CB  . HIS A 1 76  ? 1.173   -14.179 -2.978  1.00 16.42 ? 76  HIS A CB  1 
ATOM   611  C CG  . HIS A 1 76  ? -0.059  -14.857 -2.468  1.00 17.70 ? 76  HIS A CG  1 
ATOM   612  N ND1 . HIS A 1 76  ? -0.012  -15.959 -1.639  1.00 20.28 ? 76  HIS A ND1 1 
ATOM   613  C CD2 . HIS A 1 76  ? -1.368  -14.548 -2.610  1.00 18.66 ? 76  HIS A CD2 1 
ATOM   614  C CE1 . HIS A 1 76  ? -1.248  -16.326 -1.338  1.00 20.03 ? 76  HIS A CE1 1 
ATOM   615  N NE2 . HIS A 1 76  ? -2.088  -15.484 -1.912  1.00 18.94 ? 76  HIS A NE2 1 
ATOM   616  N N   . LEU A 1 77  ? 3.169   -11.545 -1.679  1.00 15.34 ? 77  LEU A N   1 
ATOM   617  C CA  . LEU A 1 77  ? 4.432   -10.795 -1.695  1.00 15.92 ? 77  LEU A CA  1 
ATOM   618  C C   . LEU A 1 77  ? 5.586   -11.656 -1.210  1.00 16.06 ? 77  LEU A C   1 
ATOM   619  O O   . LEU A 1 77  ? 5.418   -12.469 -0.291  1.00 16.67 ? 77  LEU A O   1 
ATOM   620  C CB  . LEU A 1 77  ? 4.332   -9.564  -0.790  1.00 16.49 ? 77  LEU A CB  1 
ATOM   621  C CG  . LEU A 1 77  ? 3.648   -8.325  -1.353  1.00 16.95 ? 77  LEU A CG  1 
ATOM   622  C CD1 . LEU A 1 77  ? 2.216   -8.626  -1.754  1.00 17.31 ? 77  LEU A CD1 1 
ATOM   623  C CD2 . LEU A 1 77  ? 3.698   -7.199  -0.332  1.00 17.43 ? 77  LEU A CD2 1 
ATOM   624  N N   . ASN A 1 78  ? 6.758   -11.472 -1.824  1.00 16.18 ? 78  ASN A N   1 
ATOM   625  C CA  . ASN A 1 78  ? 8.019   -12.092 -1.384  1.00 16.66 ? 78  ASN A CA  1 
ATOM   626  C C   . ASN A 1 78  ? 8.975   -10.943 -1.091  1.00 15.92 ? 78  ASN A C   1 
ATOM   627  O O   . ASN A 1 78  ? 9.453   -10.299 -2.030  1.00 15.27 ? 78  ASN A O   1 
ATOM   628  C CB  . ASN A 1 78  ? 8.574   -12.997 -2.484  1.00 17.58 ? 78  ASN A CB  1 
ATOM   629  C CG  . ASN A 1 78  ? 9.900   -13.636 -2.111  1.00 18.73 ? 78  ASN A CG  1 
ATOM   630  O OD1 . ASN A 1 78  ? 9.939   -14.759 -1.612  1.00 21.23 ? 78  ASN A OD1 1 
ATOM   631  N ND2 . ASN A 1 78  ? 10.996  -12.921 -2.348  1.00 18.65 ? 78  ASN A ND2 1 
ATOM   632  N N   . GLU A 1 79  ? 9.245   -10.677 0.192   1.00 17.00 ? 79  GLU A N   1 
ATOM   633  C CA  . GLU A 1 79  ? 10.162  -9.589  0.583   1.00 17.41 ? 79  GLU A CA  1 
ATOM   634  C C   . GLU A 1 79  ? 11.567  -9.943  0.088   1.00 16.86 ? 79  GLU A C   1 
ATOM   635  O O   . GLU A 1 79  ? 12.069  -11.018 0.379   1.00 16.83 ? 79  GLU A O   1 
ATOM   636  C CB  . GLU A 1 79  ? 10.145  -9.336  2.100   1.00 19.47 ? 79  GLU A CB  1 
ATOM   637  C CG  . GLU A 1 79  ? 10.407  -7.894  2.512   1.00 21.23 ? 79  GLU A CG  1 
ATOM   638  C CD  . GLU A 1 79  ? 11.865  -7.498  2.691   1.00 23.65 ? 79  GLU A CD  1 
ATOM   639  O OE1 . GLU A 1 79  ? 12.082  -6.375  3.188   1.00 27.85 ? 79  GLU A OE1 1 
ATOM   640  O OE2 . GLU A 1 79  ? 12.786  -8.252  2.340   1.00 23.77 ? 79  GLU A OE2 1 
ATOM   641  N N   . CYS A 1 80  ? 12.169  -9.053  -0.699  1.00 15.79 ? 80  CYS A N   1 
ATOM   642  C CA  . CYS A 1 80  ? 13.326  -9.417  -1.512  1.00 16.24 ? 80  CYS A CA  1 
ATOM   643  C C   . CYS A 1 80  ? 14.620  -9.624  -0.729  1.00 16.62 ? 80  CYS A C   1 
ATOM   644  O O   . CYS A 1 80  ? 15.517  -10.297 -1.216  1.00 16.93 ? 80  CYS A O   1 
ATOM   645  C CB  . CYS A 1 80  ? 13.562  -8.380  -2.611  1.00 16.05 ? 80  CYS A CB  1 
ATOM   646  S SG  . CYS A 1 80  ? 12.177  -8.242  -3.785  1.00 16.74 ? 80  CYS A SG  1 
ATOM   647  N N   . HIS A 1 81  ? 14.708  -9.050  0.463   1.00 18.08 ? 81  HIS A N   1 
ATOM   648  C CA  . HIS A 1 81  ? 15.912  -9.180  1.297   1.00 19.29 ? 81  HIS A CA  1 
ATOM   649  C C   . HIS A 1 81  ? 15.876  -10.412 2.208   1.00 20.99 ? 81  HIS A C   1 
ATOM   650  O O   . HIS A 1 81  ? 16.923  -10.971 2.526   1.00 20.73 ? 81  HIS A O   1 
ATOM   651  C CB  . HIS A 1 81  ? 16.116  -7.904  2.109   1.00 20.07 ? 81  HIS A CB  1 
ATOM   652  C CG  . HIS A 1 81  ? 17.423  -7.849  2.837   1.00 21.27 ? 81  HIS A CG  1 
ATOM   653  N ND1 . HIS A 1 81  ? 18.639  -7.951  2.194   1.00 22.11 ? 81  HIS A ND1 1 
ATOM   654  C CD2 . HIS A 1 81  ? 17.701  -7.698  4.153   1.00 22.44 ? 81  HIS A CD2 1 
ATOM   655  C CE1 . HIS A 1 81  ? 19.611  -7.864  3.087   1.00 23.30 ? 81  HIS A CE1 1 
ATOM   656  N NE2 . HIS A 1 81  ? 19.068  -7.712  4.284   1.00 22.95 ? 81  HIS A NE2 1 
ATOM   657  N N   . THR A 1 82  ? 14.679  -10.826 2.622   1.00 22.63 ? 82  THR A N   1 
ATOM   658  C CA  . THR A 1 82  ? 14.508  -11.920 3.600   1.00 24.22 ? 82  THR A CA  1 
ATOM   659  C C   . THR A 1 82  ? 13.838  -13.182 3.040   1.00 24.96 ? 82  THR A C   1 
ATOM   660  O O   . THR A 1 82  ? 13.996  -14.265 3.611   1.00 27.38 ? 82  THR A O   1 
ATOM   661  C CB  . THR A 1 82  ? 13.668  -11.441 4.797   1.00 24.64 ? 82  THR A CB  1 
ATOM   662  O OG1 . THR A 1 82  ? 12.366  -11.052 4.339   1.00 25.14 ? 82  THR A OG1 1 
ATOM   663  C CG2 . THR A 1 82  ? 14.327  -10.272 5.502   1.00 25.12 ? 82  THR A CG2 1 
ATOM   664  N N   . GLY A 1 83  ? 13.078  -13.053 1.950   1.00 23.47 ? 83  GLY A N   1 
ATOM   665  C CA  . GLY A 1 83  ? 12.265  -14.148 1.425   1.00 23.39 ? 83  GLY A CA  1 
ATOM   666  C C   . GLY A 1 83  ? 10.957  -14.352 2.181   1.00 23.59 ? 83  GLY A C   1 
ATOM   667  O O   . GLY A 1 83  ? 10.238  -15.324 1.922   1.00 24.18 ? 83  GLY A O   1 
ATOM   668  N N   . ASP A 1 84  ? 10.630  -13.434 3.085   1.00 23.56 ? 84  ASP A N   1 
ATOM   669  C CA  . ASP A 1 84  ? 9.424   -13.567 3.901   1.00 23.58 ? 84  ASP A CA  1 
ATOM   670  C C   . ASP A 1 84  ? 8.180   -13.310 3.053   1.00 21.57 ? 84  ASP A C   1 
ATOM   671  O O   . ASP A 1 84  ? 8.179   -12.460 2.162   1.00 20.40 ? 84  ASP A O   1 
ATOM   672  C CB  . ASP A 1 84  ? 9.472   -12.626 5.098   1.00 26.61 ? 84  ASP A CB  1 
ATOM   673  C CG  . ASP A 1 84  ? 10.539  -13.027 6.130   1.00 29.68 ? 84  ASP A CG  1 
ATOM   674  O OD1 . ASP A 1 84  ? 11.128  -14.127 6.028   1.00 33.10 ? 84  ASP A OD1 1 
ATOM   675  O OD2 . ASP A 1 84  ? 10.783  -12.230 7.056   1.00 32.84 ? 84  ASP A OD2 1 
ATOM   676  N N   . LYS A 1 85  ? 7.131   -14.065 3.344   1.00 19.46 ? 85  LYS A N   1 
ATOM   677  C CA  . LYS A 1 85  ? 5.915   -14.059 2.551   1.00 19.31 ? 85  LYS A CA  1 
ATOM   678  C C   . LYS A 1 85  ? 4.836   -13.264 3.262   1.00 17.62 ? 85  LYS A C   1 
ATOM   679  O O   . LYS A 1 85  ? 4.700   -13.340 4.485   1.00 18.53 ? 85  LYS A O   1 
ATOM   680  C CB  . LYS A 1 85  ? 5.409   -15.486 2.323   1.00 20.82 ? 85  LYS A CB  1 
ATOM   681  C CG  . LYS A 1 85  ? 6.437   -16.469 1.796   1.00 22.80 ? 85  LYS A CG  1 
ATOM   682  C CD  . LYS A 1 85  ? 7.009   -16.041 0.459   1.00 24.25 ? 85  LYS A CD  1 
ATOM   683  C CE  . LYS A 1 85  ? 7.776   -17.179 -0.198  1.00 25.68 ? 85  LYS A CE  1 
ATOM   684  N NZ  . LYS A 1 85  ? 8.157   -16.873 -1.601  1.00 27.27 ? 85  LYS A NZ  1 
ATOM   685  N N   . GLN A 1 86  ? 4.057   -12.508 2.488   1.00 15.88 ? 86  GLN A N   1 
ATOM   686  C CA  . GLN A 1 86  ? 2.917   -11.748 3.014   1.00 15.54 ? 86  GLN A CA  1 
ATOM   687  C C   . GLN A 1 86  ? 1.752   -11.863 2.042   1.00 15.67 ? 86  GLN A C   1 
ATOM   688  O O   . GLN A 1 86  ? 1.960   -11.939 0.826   1.00 15.96 ? 86  GLN A O   1 
ATOM   689  C CB  . GLN A 1 86  ? 3.267   -10.264 3.204   1.00 15.82 ? 86  GLN A CB  1 
ATOM   690  C CG  . GLN A 1 86  ? 4.572   -10.004 3.940   1.00 15.98 ? 86  GLN A CG  1 
ATOM   691  C CD  . GLN A 1 86  ? 4.887   -8.526  4.076   1.00 16.70 ? 86  GLN A CD  1 
ATOM   692  O OE1 . GLN A 1 86  ? 4.111   -7.650  3.672   1.00 16.96 ? 86  GLN A OE1 1 
ATOM   693  N NE2 . GLN A 1 86  ? 6.049   -8.239  4.661   1.00 17.42 ? 86  GLN A NE2 1 
ATOM   694  N N   . VAL A 1 87  ? 0.535   -11.858 2.578   1.00 14.97 ? 87  VAL A N   1 
ATOM   695  C CA  . VAL A 1 87  ? -0.692  -11.876 1.779   1.00 15.33 ? 87  VAL A CA  1 
ATOM   696  C C   . VAL A 1 87  ? -1.483  -10.600 2.022   1.00 15.06 ? 87  VAL A C   1 
ATOM   697  O O   . VAL A 1 87  ? -1.835  -10.292 3.172   1.00 15.84 ? 87  VAL A O   1 
ATOM   698  C CB  . VAL A 1 87  ? -1.554  -13.109 2.116   1.00 15.56 ? 87  VAL A CB  1 
ATOM   699  C CG1 . VAL A 1 87  ? -2.834  -13.107 1.284   1.00 16.06 ? 87  VAL A CG1 1 
ATOM   700  C CG2 . VAL A 1 87  ? -0.752  -14.381 1.898   1.00 16.23 ? 87  VAL A CG2 1 
ATOM   701  N N   . TRP A 1 88  ? -1.788  -9.881  0.940   1.00 14.33 ? 88  TRP A N   1 
ATOM   702  C CA  . TRP A 1 88  ? -2.456  -8.588  0.989   1.00 14.27 ? 88  TRP A CA  1 
ATOM   703  C C   . TRP A 1 88  ? -3.721  -8.591  0.144   1.00 14.80 ? 88  TRP A C   1 
ATOM   704  O O   . TRP A 1 88  ? -3.819  -9.351  -0.821  1.00 15.19 ? 88  TRP A O   1 
ATOM   705  C CB  . TRP A 1 88  ? -1.504  -7.500  0.468   1.00 14.32 ? 88  TRP A CB  1 
ATOM   706  C CG  . TRP A 1 88  ? -0.452  -7.117  1.455   1.00 13.89 ? 88  TRP A CG  1 
ATOM   707  C CD1 . TRP A 1 88  ? 0.682   -7.813  1.766   1.00 14.43 ? 88  TRP A CD1 1 
ATOM   708  C CD2 . TRP A 1 88  ? -0.455  -5.957  2.280   1.00 13.88 ? 88  TRP A CD2 1 
ATOM   709  N NE1 . TRP A 1 88  ? 1.393   -7.150  2.737   1.00 14.14 ? 88  TRP A NE1 1 
ATOM   710  C CE2 . TRP A 1 88  ? 0.714   -6.006  3.077   1.00 13.88 ? 88  TRP A CE2 1 
ATOM   711  C CE3 . TRP A 1 88  ? -1.327  -4.875  2.423   1.00 14.07 ? 88  TRP A CE3 1 
ATOM   712  C CZ2 . TRP A 1 88  ? 1.024   -5.006  4.008   1.00 13.97 ? 88  TRP A CZ2 1 
ATOM   713  C CZ3 . TRP A 1 88  ? -1.025  -3.883  3.348   1.00 14.19 ? 88  TRP A CZ3 1 
ATOM   714  C CH2 . TRP A 1 88  ? 0.143   -3.959  4.129   1.00 13.93 ? 88  TRP A CH2 1 
ATOM   715  N N   . TYR A 1 89  ? -4.672  -7.734  0.515   1.00 14.78 ? 89  TYR A N   1 
ATOM   716  C CA  . TYR A 1 89  ? -5.876  -7.455  -0.277  1.00 15.30 ? 89  TYR A CA  1 
ATOM   717  C C   . TYR A 1 89  ? -6.082  -5.959  -0.380  1.00 15.91 ? 89  TYR A C   1 
ATOM   718  O O   . TYR A 1 89  ? -5.495  -5.193  0.391   1.00 15.56 ? 89  TYR A O   1 
ATOM   719  C CB  . TYR A 1 89  ? -7.118  -8.070  0.371   1.00 15.55 ? 89  TYR A CB  1 
ATOM   720  C CG  . TYR A 1 89  ? -7.041  -9.547  0.593   1.00 15.84 ? 89  TYR A CG  1 
ATOM   721  C CD1 . TYR A 1 89  ? -6.528  -10.068 1.781   1.00 16.17 ? 89  TYR A CD1 1 
ATOM   722  C CD2 . TYR A 1 89  ? -7.503  -10.443 -0.371  1.00 15.60 ? 89  TYR A CD2 1 
ATOM   723  C CE1 . TYR A 1 89  ? -6.456  -11.437 1.992   1.00 16.91 ? 89  TYR A CE1 1 
ATOM   724  C CE2 . TYR A 1 89  ? -7.444  -11.813 -0.165  1.00 16.20 ? 89  TYR A CE2 1 
ATOM   725  C CZ  . TYR A 1 89  ? -6.917  -12.305 1.012   1.00 16.97 ? 89  TYR A CZ  1 
ATOM   726  O OH  . TYR A 1 89  ? -6.848  -13.653 1.221   1.00 18.15 ? 89  TYR A OH  1 
ATOM   727  N N   . PHE A 1 90  ? -6.917  -5.544  -1.335  1.00 16.29 ? 90  PHE A N   1 
ATOM   728  C CA  . PHE A 1 90  ? -7.317  -4.152  -1.482  1.00 16.81 ? 90  PHE A CA  1 
ATOM   729  C C   . PHE A 1 90  ? -8.741  -3.965  -0.985  1.00 16.62 ? 90  PHE A C   1 
ATOM   730  O O   . PHE A 1 90  ? -9.660  -4.672  -1.387  1.00 16.18 ? 90  PHE A O   1 
ATOM   731  C CB  . PHE A 1 90  ? -7.239  -3.690  -2.940  1.00 17.79 ? 90  PHE A CB  1 
ATOM   732  C CG  . PHE A 1 90  ? -5.842  -3.574  -3.470  1.00 19.42 ? 90  PHE A CG  1 
ATOM   733  C CD1 . PHE A 1 90  ? -5.117  -2.398  -3.309  1.00 19.78 ? 90  PHE A CD1 1 
ATOM   734  C CD2 . PHE A 1 90  ? -5.260  -4.628  -4.161  1.00 22.16 ? 90  PHE A CD2 1 
ATOM   735  C CE1 . PHE A 1 90  ? -3.831  -2.282  -3.804  1.00 20.33 ? 90  PHE A CE1 1 
ATOM   736  C CE2 . PHE A 1 90  ? -3.969  -4.515  -4.671  1.00 22.88 ? 90  PHE A CE2 1 
ATOM   737  C CZ  . PHE A 1 90  ? -3.249  -3.338  -4.481  1.00 22.33 ? 90  PHE A CZ  1 
ATOM   738  N N   . GLN A 1 91  ? -8.923  -2.984  -0.117  1.00 16.33 ? 91  GLN A N   1 
ATOM   739  C CA  . GLN A 1 91  ? -10.245 -2.557  0.303   1.00 16.71 ? 91  GLN A CA  1 
ATOM   740  C C   . GLN A 1 91  ? -10.996 -1.903  -0.868  1.00 16.00 ? 91  GLN A C   1 
ATOM   741  O O   . GLN A 1 91  ? -12.187 -2.141  -1.095  1.00 16.84 ? 91  GLN A O   1 
ATOM   742  C CB  . GLN A 1 91  ? -10.073 -1.567  1.449   1.00 17.99 ? 91  GLN A CB  1 
ATOM   743  C CG  . GLN A 1 91  ? -11.160 -1.579  2.468   1.00 19.09 ? 91  GLN A CG  1 
ATOM   744  C CD  . GLN A 1 91  ? -10.863 -0.630  3.605   1.00 18.67 ? 91  GLN A CD  1 
ATOM   745  O OE1 . GLN A 1 91  ? -9.708  -0.235  3.826   1.00 18.56 ? 91  GLN A OE1 1 
ATOM   746  N NE2 . GLN A 1 91  ? -11.903 -0.231  4.308   1.00 19.04 ? 91  GLN A NE2 1 
ATOM   747  N N   . TYR A 1 92  ? -10.279 -1.053  -1.593  1.00 15.17 ? 92  TYR A N   1 
ATOM   748  C CA  . TYR A 1 92  ? -10.774 -0.454  -2.832  1.00 14.84 ? 92  TYR A CA  1 
ATOM   749  C C   . TYR A 1 92  ? -9.561  0.042   -3.608  1.00 14.77 ? 92  TYR A C   1 
ATOM   750  O O   . TYR A 1 92  ? -8.478  0.209   -3.044  1.00 14.31 ? 92  TYR A O   1 
ATOM   751  C CB  . TYR A 1 92  ? -11.741 0.723   -2.557  1.00 14.63 ? 92  TYR A CB  1 
ATOM   752  C CG  . TYR A 1 92  ? -10.996 1.995   -2.253  1.00 15.12 ? 92  TYR A CG  1 
ATOM   753  C CD1 . TYR A 1 92  ? -10.499 2.229   -0.980  1.00 15.27 ? 92  TYR A CD1 1 
ATOM   754  C CD2 . TYR A 1 92  ? -10.719 2.938   -3.249  1.00 15.13 ? 92  TYR A CD2 1 
ATOM   755  C CE1 . TYR A 1 92  ? -9.772  3.369   -0.696  1.00 15.52 ? 92  TYR A CE1 1 
ATOM   756  C CE2 . TYR A 1 92  ? -9.970  4.075   -2.978  1.00 15.55 ? 92  TYR A CE2 1 
ATOM   757  C CZ  . TYR A 1 92  ? -9.505  4.285   -1.690  1.00 15.36 ? 92  TYR A CZ  1 
ATOM   758  O OH  . TYR A 1 92  ? -8.768  5.394   -1.375  1.00 16.13 ? 92  TYR A OH  1 
ATOM   759  N N   . THR A 1 93  ? -9.765  0.312   -4.892  1.00 14.64 ? 93  THR A N   1 
ATOM   760  C CA  . THR A 1 93  ? -8.824  1.113   -5.677  1.00 14.70 ? 93  THR A CA  1 
ATOM   761  C C   . THR A 1 93  ? -9.598  2.160   -6.456  1.00 14.63 ? 93  THR A C   1 
ATOM   762  O O   . THR A 1 93  ? -10.763 1.943   -6.813  1.00 15.45 ? 93  THR A O   1 
ATOM   763  C CB  . THR A 1 93  ? -7.997  0.276   -6.673  1.00 14.32 ? 93  THR A CB  1 
ATOM   764  O OG1 . THR A 1 93  ? -8.824  -0.121  -7.778  1.00 15.23 ? 93  THR A OG1 1 
ATOM   765  C CG2 . THR A 1 93  ? -7.373  -0.948  -6.012  1.00 14.38 ? 93  THR A CG2 1 
ATOM   766  N N   . ASN A 1 94  ? -8.945  3.283   -6.725  1.00 14.86 ? 94  ASN A N   1 
ATOM   767  C CA  . ASN A 1 94  ? -9.516  4.331   -7.564  1.00 15.49 ? 94  ASN A CA  1 
ATOM   768  C C   . ASN A 1 94  ? -8.365  5.027   -8.289  1.00 15.40 ? 94  ASN A C   1 
ATOM   769  O O   . ASN A 1 94  ? -7.920  6.102   -7.897  1.00 15.28 ? 94  ASN A O   1 
ATOM   770  C CB  . ASN A 1 94  ? -10.347 5.297   -6.708  1.00 15.84 ? 94  ASN A CB  1 
ATOM   771  C CG  . ASN A 1 94  ? -11.213 6.229   -7.533  1.00 16.44 ? 94  ASN A CG  1 
ATOM   772  O OD1 . ASN A 1 94  ? -11.652 5.886   -8.639  1.00 17.52 ? 94  ASN A OD1 1 
ATOM   773  N ND2 . ASN A 1 94  ? -11.483 7.411   -6.987  1.00 17.94 ? 94  ASN A ND2 1 
ATOM   774  N N   . LEU A 1 95  ? -7.876  4.373   -9.342  1.00 15.46 ? 95  LEU A N   1 
ATOM   775  C CA  . LEU A 1 95  ? -6.660  4.796   -10.033 1.00 15.48 ? 95  LEU A CA  1 
ATOM   776  C C   . LEU A 1 95  ? -6.963  5.632   -11.262 1.00 16.28 ? 95  LEU A C   1 
ATOM   777  O O   . LEU A 1 95  ? -7.950  5.392   -11.949 1.00 16.52 ? 95  LEU A O   1 
ATOM   778  C CB  . LEU A 1 95  ? -5.834  3.575   -10.461 1.00 15.24 ? 95  LEU A CB  1 
ATOM   779  C CG  . LEU A 1 95  ? -5.475  2.538   -9.390  1.00 14.97 ? 95  LEU A CG  1 
ATOM   780  C CD1 . LEU A 1 95  ? -4.484  1.525   -9.941  1.00 15.36 ? 95  LEU A CD1 1 
ATOM   781  C CD2 . LEU A 1 95  ? -4.896  3.204   -8.155  1.00 15.30 ? 95  LEU A CD2 1 
ATOM   782  N N   . LEU A 1 96  ? -6.089  6.598   -11.525 1.00 16.35 ? 96  LEU A N   1 
ATOM   783  C CA  . LEU A 1 96  ? -6.051  7.335   -12.801 1.00 17.37 ? 96  LEU A CA  1 
ATOM   784  C C   . LEU A 1 96  ? -7.329  8.131   -13.080 1.00 18.32 ? 96  LEU A C   1 
ATOM   785  O O   . LEU A 1 96  ? -7.833  8.148   -14.213 1.00 19.76 ? 96  LEU A O   1 
ATOM   786  C CB  . LEU A 1 96  ? -5.693  6.394   -13.969 1.00 17.46 ? 96  LEU A CB  1 
ATOM   787  C CG  . LEU A 1 96  ? -4.410  5.565   -13.775 1.00 17.89 ? 96  LEU A CG  1 
ATOM   788  C CD1 . LEU A 1 96  ? -4.197  4.614   -14.937 1.00 18.13 ? 96  LEU A CD1 1 
ATOM   789  C CD2 . LEU A 1 96  ? -3.204  6.467   -13.574 1.00 18.33 ? 96  LEU A CD2 1 
ATOM   790  N N   . THR A 1 97  ? -7.823  8.802   -12.042 1.00 18.13 ? 97  THR A N   1 
ATOM   791  C CA  . THR A 1 97  ? -8.963  9.717   -12.164 1.00 19.06 ? 97  THR A CA  1 
ATOM   792  C C   . THR A 1 97  ? -8.451  11.112  -12.520 1.00 20.42 ? 97  THR A C   1 
ATOM   793  O O   . THR A 1 97  ? -7.241  11.348  -12.563 1.00 20.03 ? 97  THR A O   1 
ATOM   794  C CB  . THR A 1 97  ? -9.779  9.805   -10.850 1.00 19.11 ? 97  THR A CB  1 
ATOM   795  O OG1 . THR A 1 97  ? -9.106  10.645  -9.909  1.00 18.74 ? 97  THR A OG1 1 
ATOM   796  C CG2 . THR A 1 97  ? -10.027 8.433   -10.236 1.00 19.77 ? 97  THR A CG2 1 
ATOM   797  N N   . ASP A 1 98  ? -9.376  12.047  -12.739 1.00 23.15 ? 98  ASP A N   1 
ATOM   798  C CA  . ASP A 1 98  ? -9.027  13.465  -12.923 1.00 25.39 ? 98  ASP A CA  1 
ATOM   799  C C   . ASP A 1 98  ? -8.349  14.098  -11.710 1.00 24.98 ? 98  ASP A C   1 
ATOM   800  O O   . ASP A 1 98  ? -7.678  15.122  -11.856 1.00 26.25 ? 98  ASP A O   1 
ATOM   801  C CB  . ASP A 1 98  ? -10.271 14.305  -13.272 1.00 29.10 ? 98  ASP A CB  1 
ATOM   802  C CG  . ASP A 1 98  ? -10.740 14.116  -14.702 1.00 32.26 ? 98  ASP A CG  1 
ATOM   803  O OD1 . ASP A 1 98  ? -9.996  13.553  -15.537 1.00 34.94 ? 98  ASP A OD1 1 
ATOM   804  O OD2 . ASP A 1 98  ? -11.876 14.558  -14.996 1.00 36.37 ? 98  ASP A OD2 1 
ATOM   805  N N   . ASN A 1 99  ? -8.547  13.512  -10.523 1.00 23.16 ? 99  ASN A N   1 
ATOM   806  C CA  . ASN A 1 99  ? -7.884  13.952  -9.300  1.00 22.42 ? 99  ASN A CA  1 
ATOM   807  C C   . ASN A 1 99  ? -6.801  12.956  -8.869  1.00 20.66 ? 99  ASN A C   1 
ATOM   808  O O   . ASN A 1 99  ? -6.456  12.902  -7.698  1.00 20.89 ? 99  ASN A O   1 
ATOM   809  C CB  . ASN A 1 99  ? -8.914  14.133  -8.166  1.00 23.07 ? 99  ASN A CB  1 
ATOM   810  C CG  . ASN A 1 99  ? -8.310  14.755  -6.907  1.00 23.62 ? 99  ASN A CG  1 
ATOM   811  O OD1 . ASN A 1 99  ? -7.582  15.743  -6.981  1.00 26.04 ? 99  ASN A OD1 1 
ATOM   812  N ND2 . ASN A 1 99  ? -8.600  14.166  -5.747  1.00 24.05 ? 99  ASN A ND2 1 
ATOM   813  N N   . GLY A 1 100 ? -6.248  12.189  -9.803  1.00 18.71 ? 100 GLY A N   1 
ATOM   814  C CA  . GLY A 1 100 ? -5.172  11.250  -9.464  1.00 17.90 ? 100 GLY A CA  1 
ATOM   815  C C   . GLY A 1 100 ? -5.662  9.896   -8.984  1.00 16.94 ? 100 GLY A C   1 
ATOM   816  O O   . GLY A 1 100 ? -6.777  9.480   -9.285  1.00 16.61 ? 100 GLY A O   1 
ATOM   817  N N   . SER A 1 101 ? -4.803  9.213   -8.227  1.00 15.65 ? 101 SER A N   1 
ATOM   818  C CA  . SER A 1 101 ? -4.988  7.822   -7.838  1.00 15.09 ? 101 SER A CA  1 
ATOM   819  C C   . SER A 1 101 ? -4.983  7.665   -6.331  1.00 14.63 ? 101 SER A C   1 
ATOM   820  O O   . SER A 1 101 ? -4.205  8.325   -5.634  1.00 15.08 ? 101 SER A O   1 
ATOM   821  C CB  . SER A 1 101 ? -3.831  6.971   -8.360  1.00 15.14 ? 101 SER A CB  1 
ATOM   822  O OG  . SER A 1 101 ? -3.818  6.903   -9.777  1.00 15.44 ? 101 SER A OG  1 
ATOM   823  N N   . SER A 1 102 ? -5.807  6.748   -5.841  1.00 14.24 ? 102 SER A N   1 
ATOM   824  C CA  . SER A 1 102 ? -5.724  6.314   -4.450  1.00 14.27 ? 102 SER A CA  1 
ATOM   825  C C   . SER A 1 102 ? -6.153  4.865   -4.329  1.00 14.41 ? 102 SER A C   1 
ATOM   826  O O   . SER A 1 102 ? -6.841  4.330   -5.206  1.00 14.76 ? 102 SER A O   1 
ATOM   827  C CB  . SER A 1 102 ? -6.594  7.190   -3.539  1.00 14.70 ? 102 SER A CB  1 
ATOM   828  O OG  . SER A 1 102 ? -7.953  6.785   -3.561  1.00 15.86 ? 102 SER A OG  1 
ATOM   829  N N   . TYR A 1 103 ? -5.735  4.231   -3.237  1.00 14.21 ? 103 TYR A N   1 
ATOM   830  C CA  . TYR A 1 103 ? -6.208  2.896   -2.864  1.00 14.07 ? 103 TYR A CA  1 
ATOM   831  C C   . TYR A 1 103 ? -5.958  2.693   -1.378  1.00 14.42 ? 103 TYR A C   1 
ATOM   832  O O   . TYR A 1 103 ? -5.159  3.414   -0.783  1.00 14.21 ? 103 TYR A O   1 
ATOM   833  C CB  . TYR A 1 103 ? -5.522  1.778   -3.682  1.00 14.88 ? 103 TYR A CB  1 
ATOM   834  C CG  . TYR A 1 103 ? -4.038  1.600   -3.431  1.00 15.37 ? 103 TYR A CG  1 
ATOM   835  C CD1 . TYR A 1 103 ? -3.579  0.932   -2.293  1.00 16.40 ? 103 TYR A CD1 1 
ATOM   836  C CD2 . TYR A 1 103 ? -3.093  2.091   -4.325  1.00 16.12 ? 103 TYR A CD2 1 
ATOM   837  C CE1 . TYR A 1 103 ? -2.220  0.767   -2.050  1.00 17.03 ? 103 TYR A CE1 1 
ATOM   838  C CE2 . TYR A 1 103 ? -1.734  1.914   -4.093  1.00 17.00 ? 103 TYR A CE2 1 
ATOM   839  C CZ  . TYR A 1 103 ? -1.308  1.258   -2.957  1.00 17.30 ? 103 TYR A CZ  1 
ATOM   840  O OH  . TYR A 1 103 ? 0.048   1.091   -2.716  1.00 19.26 ? 103 TYR A OH  1 
ATOM   841  N N   . CYS A 1 104 ? -6.625  1.702   -0.798  1.00 14.15 ? 104 CYS A N   1 
ATOM   842  C CA  . CYS A 1 104 ? -6.273  1.224   0.543   1.00 15.14 ? 104 CYS A CA  1 
ATOM   843  C C   . CYS A 1 104 ? -6.101  -0.282  0.490   1.00 15.18 ? 104 CYS A C   1 
ATOM   844  O O   . CYS A 1 104 ? -6.955  -0.987  -0.052  1.00 15.50 ? 104 CYS A O   1 
ATOM   845  C CB  . CYS A 1 104 ? -7.318  1.619   1.593   1.00 16.00 ? 104 CYS A CB  1 
ATOM   846  S SG  . CYS A 1 104 ? -7.378  3.394   1.986   1.00 17.64 ? 104 CYS A SG  1 
ATOM   847  N N   . ALA A 1 105 ? -4.987  -0.764  1.042   1.00 14.98 ? 105 ALA A N   1 
ATOM   848  C CA  . ALA A 1 105 ? -4.657  -2.184  1.070   1.00 15.19 ? 105 ALA A CA  1 
ATOM   849  C C   . ALA A 1 105 ? -4.407  -2.599  2.510   1.00 14.76 ? 105 ALA A C   1 
ATOM   850  O O   . ALA A 1 105 ? -4.049  -1.774  3.331   1.00 14.95 ? 105 ALA A O   1 
ATOM   851  C CB  . ALA A 1 105 ? -3.444  -2.458  0.213   1.00 15.43 ? 105 ALA A CB  1 
ATOM   852  N N   . TYR A 1 106 ? -4.635  -3.872  2.808   1.00 14.45 ? 106 TYR A N   1 
ATOM   853  C CA  . TYR A 1 106 ? -4.535  -4.377  4.181   1.00 14.41 ? 106 TYR A CA  1 
ATOM   854  C C   . TYR A 1 106 ? -3.988  -5.801  4.225   1.00 14.47 ? 106 TYR A C   1 
ATOM   855  O O   . TYR A 1 106 ? -4.049  -6.550  3.234   1.00 13.85 ? 106 TYR A O   1 
ATOM   856  C CB  . TYR A 1 106 ? -5.895  -4.302  4.894   1.00 14.31 ? 106 TYR A CB  1 
ATOM   857  C CG  . TYR A 1 106 ? -6.968  -5.147  4.256   1.00 14.19 ? 106 TYR A CG  1 
ATOM   858  C CD1 . TYR A 1 106 ? -7.778  -4.634  3.240   1.00 14.69 ? 106 TYR A CD1 1 
ATOM   859  C CD2 . TYR A 1 106 ? -7.166  -6.460  4.653   1.00 13.86 ? 106 TYR A CD2 1 
ATOM   860  C CE1 . TYR A 1 106 ? -8.761  -5.416  2.641   1.00 14.40 ? 106 TYR A CE1 1 
ATOM   861  C CE2 . TYR A 1 106 ? -8.140  -7.249  4.058   1.00 14.34 ? 106 TYR A CE2 1 
ATOM   862  C CZ  . TYR A 1 106 ? -8.934  -6.727  3.053   1.00 14.30 ? 106 TYR A CZ  1 
ATOM   863  O OH  . TYR A 1 106 ? -9.893  -7.551  2.486   1.00 14.80 ? 106 TYR A OH  1 
ATOM   864  N N   . ARG A 1 107 ? -3.442  -6.148  5.388   1.00 14.37 ? 107 ARG A N   1 
ATOM   865  C CA  . ARG A 1 107 ? -2.882  -7.460  5.679   1.00 15.58 ? 107 ARG A CA  1 
ATOM   866  C C   . ARG A 1 107 ? -3.550  -7.957  6.959   1.00 15.99 ? 107 ARG A C   1 
ATOM   867  O O   . ARG A 1 107 ? -3.487  -7.279  7.984   1.00 15.74 ? 107 ARG A O   1 
ATOM   868  C CB  . ARG A 1 107 ? -1.373  -7.344  5.892   1.00 16.44 ? 107 ARG A CB  1 
ATOM   869  C CG  . ARG A 1 107 ? -0.650  -8.662  6.073   1.00 17.09 ? 107 ARG A CG  1 
ATOM   870  C CD  . ARG A 1 107 ? 0.827   -8.427  6.307   1.00 17.84 ? 107 ARG A CD  1 
ATOM   871  N NE  . ARG A 1 107 ? 1.509   -9.668  6.616   1.00 19.38 ? 107 ARG A NE  1 
ATOM   872  C CZ  . ARG A 1 107 ? 2.763   -9.758  7.050   1.00 20.40 ? 107 ARG A CZ  1 
ATOM   873  N NH1 . ARG A 1 107 ? 3.514   -8.672  7.213   1.00 22.14 ? 107 ARG A NH1 1 
ATOM   874  N NH2 . ARG A 1 107 ? 3.272   -10.955 7.318   1.00 21.88 ? 107 ARG A NH2 1 
ATOM   875  N N   . CYS A 1 108 ? -4.200  -9.119  6.889   1.00 16.71 ? 108 CYS A N   1 
ATOM   876  C CA  . CYS A 1 108 ? -4.843  -9.716  8.064   1.00 17.47 ? 108 CYS A CA  1 
ATOM   877  C C   . CYS A 1 108 ? -3.982  -10.801 8.687   1.00 17.75 ? 108 CYS A C   1 
ATOM   878  O O   . CYS A 1 108 ? -3.102  -11.364 8.036   1.00 18.20 ? 108 CYS A O   1 
ATOM   879  C CB  . CYS A 1 108 ? -6.179  -10.372 7.700   1.00 17.78 ? 108 CYS A CB  1 
ATOM   880  S SG  . CYS A 1 108 ? -7.440  -9.346  6.903   1.00 19.32 ? 108 CYS A SG  1 
ATOM   881  N N   . ASN A 1 109 ? -4.252  -11.087 9.963   1.00 18.91 ? 109 ASN A N   1 
ATOM   882  C CA  . ASN A 1 109 ? -3.921  -12.382 10.554  1.00 20.12 ? 109 ASN A CA  1 
ATOM   883  C C   . ASN A 1 109 ? -5.241  -12.915 11.100  1.00 19.03 ? 109 ASN A C   1 
ATOM   884  O O   . ASN A 1 109 ? -5.640  -12.606 12.224  1.00 18.92 ? 109 ASN A O   1 
ATOM   885  C CB  . ASN A 1 109 ? -2.852  -12.286 11.655  1.00 22.54 ? 109 ASN A CB  1 
ATOM   886  C CG  . ASN A 1 109 ? -2.299  -13.651 12.050  1.00 27.66 ? 109 ASN A CG  1 
ATOM   887  O OD1 . ASN A 1 109 ? -2.842  -14.685 11.661  1.00 29.12 ? 109 ASN A OD1 1 
ATOM   888  N ND2 . ASN A 1 109 ? -1.209  -13.657 12.820  1.00 36.06 ? 109 ASN A ND2 1 
ATOM   889  N N   . GLY A 1 110 ? -5.936  -13.693 10.278  1.00 18.16 ? 110 GLY A N   1 
ATOM   890  C CA  . GLY A 1 110 ? -7.288  -14.127 10.601  1.00 18.44 ? 110 GLY A CA  1 
ATOM   891  C C   . GLY A 1 110 ? -8.251  -12.958 10.757  1.00 17.83 ? 110 GLY A C   1 
ATOM   892  O O   . GLY A 1 110 ? -8.423  -12.152 9.836   1.00 18.03 ? 110 GLY A O   1 
ATOM   893  N N   . THR A 1 111 ? -8.869  -12.858 11.932  1.00 17.49 ? 111 THR A N   1 
ATOM   894  C CA  . THR A 1 111 ? -9.859  -11.815 12.196  1.00 17.62 ? 111 THR A CA  1 
ATOM   895  C C   . THR A 1 111 ? -9.270  -10.430 12.491  1.00 16.62 ? 111 THR A C   1 
ATOM   896  O O   . THR A 1 111 ? -10.007 -9.446  12.432  1.00 16.24 ? 111 THR A O   1 
ATOM   897  C CB  . THR A 1 111 ? -10.804 -12.205 13.351  1.00 18.35 ? 111 THR A CB  1 
ATOM   898  O OG1 . THR A 1 111 ? -10.035 -12.473 14.527  1.00 19.44 ? 111 THR A OG1 1 
ATOM   899  C CG2 . THR A 1 111 ? -11.617 -13.439 12.977  1.00 18.67 ? 111 THR A CG2 1 
ATOM   900  N N   . GLU A 1 112 ? -7.975  -10.347 12.803  1.00 16.76 ? 112 GLU A N   1 
ATOM   901  C CA  . GLU A 1 112 ? -7.357  -9.060  13.131  1.00 15.99 ? 112 GLU A CA  1 
ATOM   902  C C   . GLU A 1 112 ? -6.574  -8.502  11.950  1.00 15.50 ? 112 GLU A C   1 
ATOM   903  O O   . GLU A 1 112 ? -6.086  -9.252  11.099  1.00 15.57 ? 112 GLU A O   1 
ATOM   904  C CB  . GLU A 1 112 ? -6.455  -9.177  14.365  1.00 17.25 ? 112 GLU A CB  1 
ATOM   905  C CG  . GLU A 1 112 ? -5.129  -9.854  14.088  1.00 17.57 ? 112 GLU A CG  1 
ATOM   906  C CD  . GLU A 1 112 ? -4.323  -10.215 15.325  1.00 18.30 ? 112 GLU A CD  1 
ATOM   907  O OE1 . GLU A 1 112 ? -4.798  -10.035 16.472  1.00 18.95 ? 112 GLU A OE1 1 
ATOM   908  O OE2 . GLU A 1 112 ? -3.199  -10.721 15.120  1.00 19.05 ? 112 GLU A OE2 1 
ATOM   909  N N   . ILE A 1 113 ? -6.442  -7.184  11.937  1.00 14.52 ? 113 ILE A N   1 
ATOM   910  C CA  . ILE A 1 113 ? -5.619  -6.494  10.946  1.00 14.55 ? 113 ILE A CA  1 
ATOM   911  C C   . ILE A 1 113 ? -4.223  -6.278  11.539  1.00 14.98 ? 113 ILE A C   1 
ATOM   912  O O   . ILE A 1 113 ? -4.100  -5.849  12.687  1.00 15.20 ? 113 ILE A O   1 
ATOM   913  C CB  . ILE A 1 113 ? -6.283  -5.187  10.459  1.00 14.31 ? 113 ILE A CB  1 
ATOM   914  C CG1 . ILE A 1 113 ? -5.490  -4.595  9.287   1.00 14.18 ? 113 ILE A CG1 1 
ATOM   915  C CG2 . ILE A 1 113 ? -6.464  -4.150  11.573  1.00 14.30 ? 113 ILE A CG2 1 
ATOM   916  C CD1 . ILE A 1 113 ? -6.209  -3.488  8.549   1.00 14.64 ? 113 ILE A CD1 1 
ATOM   917  N N   . ILE A 1 114 ? -3.183  -6.604  10.768  1.00 14.84 ? 114 ILE A N   1 
ATOM   918  C CA  . ILE A 1 114 ? -1.796  -6.440  11.236  1.00 15.14 ? 114 ILE A CA  1 
ATOM   919  C C   . ILE A 1 114 ? -0.975  -5.389  10.492  1.00 15.08 ? 114 ILE A C   1 
ATOM   920  O O   . ILE A 1 114 ? 0.042   -4.931  11.025  1.00 15.38 ? 114 ILE A O   1 
ATOM   921  C CB  . ILE A 1 114 ? -1.028  -7.777  11.333  1.00 16.14 ? 114 ILE A CB  1 
ATOM   922  C CG1 . ILE A 1 114 ? -0.928  -8.481  9.969   1.00 16.54 ? 114 ILE A CG1 1 
ATOM   923  C CG2 . ILE A 1 114 ? -1.692  -8.686  12.365  1.00 16.60 ? 114 ILE A CG2 1 
ATOM   924  C CD1 . ILE A 1 114 ? 0.089   -9.603  9.930   1.00 16.92 ? 114 ILE A CD1 1 
ATOM   925  N N   . GLU A 1 115 ? -1.390  -5.001  9.286   1.00 14.38 ? 115 GLU A N   1 
ATOM   926  C CA  . GLU A 1 115 ? -0.802  -3.823  8.625   1.00 14.35 ? 115 GLU A CA  1 
ATOM   927  C C   . GLU A 1 115 ? -1.837  -3.213  7.693   1.00 13.86 ? 115 GLU A C   1 
ATOM   928  O O   . GLU A 1 115 ? -2.765  -3.896  7.266   1.00 13.91 ? 115 GLU A O   1 
ATOM   929  C CB  . GLU A 1 115 ? 0.481   -4.185  7.863   1.00 14.74 ? 115 GLU A CB  1 
ATOM   930  C CG  . GLU A 1 115 ? 1.364   -3.009  7.412   1.00 15.05 ? 115 GLU A CG  1 
ATOM   931  C CD  . GLU A 1 115 ? 1.800   -2.092  8.543   1.00 15.47 ? 115 GLU A CD  1 
ATOM   932  O OE1 . GLU A 1 115 ? 2.875   -2.330  9.131   1.00 16.82 ? 115 GLU A OE1 1 
ATOM   933  O OE2 . GLU A 1 115 ? 1.055   -1.140  8.859   1.00 15.36 ? 115 GLU A OE2 1 
ATOM   934  N N   . TYR A 1 116 ? -1.673  -1.922  7.419   1.00 13.63 ? 116 TYR A N   1 
ATOM   935  C CA  . TYR A 1 116 ? -2.598  -1.147  6.599   1.00 13.95 ? 116 TYR A CA  1 
ATOM   936  C C   . TYR A 1 116 ? -1.775  -0.140  5.820   1.00 14.43 ? 116 TYR A C   1 
ATOM   937  O O   . TYR A 1 116 ? -0.835  0.459   6.363   1.00 14.48 ? 116 TYR A O   1 
ATOM   938  C CB  . TYR A 1 116 ? -3.596  -0.426  7.504   1.00 14.22 ? 116 TYR A CB  1 
ATOM   939  C CG  . TYR A 1 116 ? -4.820  0.156   6.832   1.00 14.34 ? 116 TYR A CG  1 
ATOM   940  C CD1 . TYR A 1 116 ? -5.684  -0.650  6.085   1.00 14.59 ? 116 TYR A CD1 1 
ATOM   941  C CD2 . TYR A 1 116 ? -5.149  1.501   6.985   1.00 15.08 ? 116 TYR A CD2 1 
ATOM   942  C CE1 . TYR A 1 116 ? -6.822  -0.125  5.491   1.00 14.84 ? 116 TYR A CE1 1 
ATOM   943  C CE2 . TYR A 1 116 ? -6.292  2.026   6.411   1.00 15.02 ? 116 TYR A CE2 1 
ATOM   944  C CZ  . TYR A 1 116 ? -7.123  1.211   5.663   1.00 15.09 ? 116 TYR A CZ  1 
ATOM   945  O OH  . TYR A 1 116 ? -8.244  1.748   5.079   1.00 15.45 ? 116 TYR A OH  1 
ATOM   946  N N   . LYS A 1 117 ? -2.096  0.021   4.541   1.00 14.26 ? 117 LYS A N   1 
ATOM   947  C CA  . LYS A 1 117 ? -1.410  0.968   3.664   1.00 15.19 ? 117 LYS A CA  1 
ATOM   948  C C   . LYS A 1 117 ? -2.435  1.636   2.746   1.00 15.64 ? 117 LYS A C   1 
ATOM   949  O O   . LYS A 1 117 ? -2.892  1.022   1.772   1.00 15.84 ? 117 LYS A O   1 
ATOM   950  C CB  . LYS A 1 117 ? -0.355  0.237   2.820   1.00 15.58 ? 117 LYS A CB  1 
ATOM   951  C CG  . LYS A 1 117 ? 0.834   -0.319  3.583   1.00 15.67 ? 117 LYS A CG  1 
ATOM   952  C CD  . LYS A 1 117 ? 1.766   -1.100  2.667   1.00 15.94 ? 117 LYS A CD  1 
ATOM   953  C CE  . LYS A 1 117 ? 2.871   -1.816  3.421   1.00 16.39 ? 117 LYS A CE  1 
ATOM   954  N NZ  . LYS A 1 117 ? 3.663   -2.730  2.537   1.00 16.46 ? 117 LYS A NZ  1 
ATOM   955  N N   . CYS A 1 118 ? -2.807  2.877   3.067   1.00 15.23 ? 118 CYS A N   1 
ATOM   956  C CA  . CYS A 1 118 ? -3.626  3.713   2.180   1.00 15.50 ? 118 CYS A CA  1 
ATOM   957  C C   . CYS A 1 118 ? -2.681  4.647   1.462   1.00 15.33 ? 118 CYS A C   1 
ATOM   958  O O   . CYS A 1 118 ? -1.991  5.430   2.109   1.00 16.17 ? 118 CYS A O   1 
ATOM   959  C CB  . CYS A 1 118 ? -4.647  4.545   2.956   1.00 16.44 ? 118 CYS A CB  1 
ATOM   960  S SG  . CYS A 1 118 ? -6.092  3.659   3.582   1.00 18.07 ? 118 CYS A SG  1 
ATOM   961  N N   . ALA A 1 119 ? -2.662  4.577   0.132   1.00 14.22 ? 119 ALA A N   1 
ATOM   962  C CA  . ALA A 1 119 ? -1.732  5.348   -0.692  1.00 13.94 ? 119 ALA A CA  1 
ATOM   963  C C   . ALA A 1 119 ? -2.486  6.300   -1.598  1.00 13.98 ? 119 ALA A C   1 
ATOM   964  O O   . ALA A 1 119 ? -3.618  6.025   -1.989  1.00 13.59 ? 119 ALA A O   1 
ATOM   965  C CB  . ALA A 1 119 ? -0.888  4.407   -1.536  1.00 14.09 ? 119 ALA A CB  1 
ATOM   966  N N   . SER A 1 120 ? -1.844  7.409   -1.955  1.00 13.87 ? 120 SER A N   1 
ATOM   967  C CA  . SER A 1 120 ? -2.409  8.306   -2.971  1.00 14.50 ? 120 SER A CA  1 
ATOM   968  C C   . SER A 1 120 ? -1.325  9.151   -3.604  1.00 14.83 ? 120 SER A C   1 
ATOM   969  O O   . SER A 1 120 ? -0.212  9.236   -3.087  1.00 14.71 ? 120 SER A O   1 
ATOM   970  C CB  . SER A 1 120 ? -3.486  9.226   -2.373  1.00 14.84 ? 120 SER A CB  1 
ATOM   971  O OG  . SER A 1 120 ? -2.940  10.446  -1.855  1.00 15.64 ? 120 SER A OG  1 
ATOM   972  N N   . ASN A 1 121 ? -1.667  9.786   -4.724  1.00 15.15 ? 121 ASN A N   1 
ATOM   973  C CA  . ASN A 1 121 ? -0.813  10.844  -5.285  1.00 15.58 ? 121 ASN A CA  1 
ATOM   974  C C   . ASN A 1 121 ? -1.553  12.189  -5.333  1.00 16.10 ? 121 ASN A C   1 
ATOM   975  O O   . ASN A 1 121 ? -1.207  13.069  -6.133  1.00 16.21 ? 121 ASN A O   1 
ATOM   976  C CB  . ASN A 1 121 ? -0.245  10.432  -6.655  1.00 15.56 ? 121 ASN A CB  1 
ATOM   977  C CG  . ASN A 1 121 ? -1.319  10.125  -7.680  1.00 15.32 ? 121 ASN A CG  1 
ATOM   978  O OD1 . ASN A 1 121 ? -2.479  10.527  -7.521  1.00 15.41 ? 121 ASN A OD1 1 
ATOM   979  N ND2 . ASN A 1 121 ? -0.951  9.385   -8.735  1.00 15.73 ? 121 ASN A ND2 1 
ATOM   980  N N   . ASN A 1 122 ? -2.556  12.337  -4.467  1.00 16.37 ? 122 ASN A N   1 
ATOM   981  C CA  . ASN A 1 122 ? -3.387  13.545  -4.396  1.00 17.61 ? 122 ASN A CA  1 
ATOM   982  C C   . ASN A 1 122 ? -3.532  14.050  -2.957  1.00 18.40 ? 122 ASN A C   1 
ATOM   983  O O   . ASN A 1 122 ? -4.496  14.745  -2.625  1.00 18.67 ? 122 ASN A O   1 
ATOM   984  C CB  . ASN A 1 122 ? -4.752  13.279  -5.054  1.00 17.74 ? 122 ASN A CB  1 
ATOM   985  C CG  . ASN A 1 122 ? -5.475  12.093  -4.455  1.00 17.84 ? 122 ASN A CG  1 
ATOM   986  O OD1 . ASN A 1 122 ? -5.314  11.779  -3.270  1.00 17.77 ? 122 ASN A OD1 1 
ATOM   987  N ND2 . ASN A 1 122 ? -6.281  11.422  -5.276  1.00 18.23 ? 122 ASN A ND2 1 
ATOM   988  N N   . ASN A 1 123 ? -2.550  13.711  -2.114  1.00 19.01 ? 123 ASN A N   1 
ATOM   989  C CA  . ASN A 1 123 ? -2.515  14.116  -0.713  1.00 20.41 ? 123 ASN A CA  1 
ATOM   990  C C   . ASN A 1 123 ? -3.777  13.740  0.078   1.00 20.20 ? 123 ASN A C   1 
ATOM   991  O O   . ASN A 1 123 ? -4.262  14.511  0.909   1.00 20.75 ? 123 ASN A O   1 
ATOM   992  C CB  . ASN A 1 123 ? -2.233  15.627  -0.611  1.00 22.07 ? 123 ASN A CB  1 
ATOM   993  C CG  . ASN A 1 123 ? -1.697  16.030  0.745   1.00 23.92 ? 123 ASN A CG  1 
ATOM   994  O OD1 . ASN A 1 123 ? -0.970  15.269  1.390   1.00 23.67 ? 123 ASN A OD1 1 
ATOM   995  N ND2 . ASN A 1 123 ? -2.055  17.232  1.186   1.00 28.57 ? 123 ASN A ND2 1 
ATOM   996  N N   . GLY A 1 124 ? -4.308  12.551  -0.191  1.00 19.49 ? 124 GLY A N   1 
ATOM   997  C CA  . GLY A 1 124 ? -5.423  12.012  0.579   1.00 19.92 ? 124 GLY A CA  1 
ATOM   998  C C   . GLY A 1 124 ? -6.764  12.687  0.372   1.00 20.76 ? 124 GLY A C   1 
ATOM   999  O O   . GLY A 1 124 ? -7.634  12.595  1.238   1.00 22.28 ? 124 GLY A O   1 
ATOM   1000 N N   . THR A 1 125 ? -6.953  13.337  -0.774  1.00 20.31 ? 125 THR A N   1 
ATOM   1001 C CA  . THR A 1 125 ? -8.194  14.079  -1.053  1.00 20.54 ? 125 THR A CA  1 
ATOM   1002 C C   . THR A 1 125 ? -9.307  13.282  -1.750  1.00 21.35 ? 125 THR A C   1 
ATOM   1003 O O   . THR A 1 125 ? -10.376 13.839  -2.005  1.00 22.38 ? 125 THR A O   1 
ATOM   1004 C CB  . THR A 1 125 ? -7.901  15.341  -1.887  1.00 21.12 ? 125 THR A CB  1 
ATOM   1005 O OG1 . THR A 1 125 ? -7.239  14.980  -3.105  1.00 21.32 ? 125 THR A OG1 1 
ATOM   1006 C CG2 . THR A 1 125 ? -7.037  16.306  -1.090  1.00 20.79 ? 125 THR A CG2 1 
ATOM   1007 N N   . ASP A 1 126 ? -9.073  12.007  -2.074  1.00 20.09 ? 126 ASP A N   1 
ATOM   1008 C CA  . ASP A 1 126 ? -10.142 11.139  -2.584  1.00 20.25 ? 126 ASP A CA  1 
ATOM   1009 C C   . ASP A 1 126 ? -11.077 10.803  -1.408  1.00 20.22 ? 126 ASP A C   1 
ATOM   1010 O O   . ASP A 1 126 ? -10.633 10.186  -0.439  1.00 19.51 ? 126 ASP A O   1 
ATOM   1011 C CB  . ASP A 1 126 ? -9.529  9.865   -3.182  1.00 19.73 ? 126 ASP A CB  1 
ATOM   1012 C CG  . ASP A 1 126 ? -10.534 8.974   -3.884  1.00 19.93 ? 126 ASP A CG  1 
ATOM   1013 O OD1 . ASP A 1 126 ? -11.763 9.086   -3.667  1.00 20.24 ? 126 ASP A OD1 1 
ATOM   1014 O OD2 . ASP A 1 126 ? -10.067 8.106   -4.647  1.00 20.09 ? 126 ASP A OD2 1 
ATOM   1015 N N   . PRO A 1 127 ? -12.369 11.199  -1.474  1.00 20.06 ? 127 PRO A N   1 
ATOM   1016 C CA  . PRO A 1 127 ? -13.268 10.889  -0.350  1.00 20.51 ? 127 PRO A CA  1 
ATOM   1017 C C   . PRO A 1 127 ? -13.407 9.401   0.005   1.00 20.19 ? 127 PRO A C   1 
ATOM   1018 O O   . PRO A 1 127 ? -13.701 9.070   1.152   1.00 21.15 ? 127 PRO A O   1 
ATOM   1019 C CB  . PRO A 1 127 ? -14.621 11.445  -0.818  1.00 21.28 ? 127 PRO A CB  1 
ATOM   1020 C CG  . PRO A 1 127 ? -14.282 12.494  -1.817  1.00 21.81 ? 127 PRO A CG  1 
ATOM   1021 C CD  . PRO A 1 127 ? -13.067 11.971  -2.526  1.00 21.25 ? 127 PRO A CD  1 
ATOM   1022 N N   . LEU A 1 128 ? -13.179 8.514   -0.960  1.00 19.05 ? 128 LEU A N   1 
ATOM   1023 C CA  . LEU A 1 128 ? -13.160 7.083   -0.694  1.00 18.63 ? 128 LEU A CA  1 
ATOM   1024 C C   . LEU A 1 128 ? -12.083 6.670   0.319   1.00 17.79 ? 128 LEU A C   1 
ATOM   1025 O O   . LEU A 1 128 ? -12.235 5.658   1.004   1.00 17.81 ? 128 LEU A O   1 
ATOM   1026 C CB  . LEU A 1 128 ? -12.927 6.302   -1.995  1.00 18.59 ? 128 LEU A CB  1 
ATOM   1027 C CG  . LEU A 1 128 ? -14.022 6.383   -3.059  1.00 19.54 ? 128 LEU A CG  1 
ATOM   1028 C CD1 . LEU A 1 128 ? -13.547 5.722   -4.344  1.00 20.05 ? 128 LEU A CD1 1 
ATOM   1029 C CD2 . LEU A 1 128 ? -15.307 5.758   -2.548  1.00 19.53 ? 128 LEU A CD2 1 
ATOM   1030 N N   . GLN A 1 129 ? -10.995 7.435   0.392   1.00 17.16 ? 129 GLN A N   1 
ATOM   1031 C CA  . GLN A 1 129 ? -9.857  7.043   1.218   1.00 17.34 ? 129 GLN A CA  1 
ATOM   1032 C C   . GLN A 1 129 ? -10.150 7.202   2.708   1.00 17.68 ? 129 GLN A C   1 
ATOM   1033 O O   . GLN A 1 129 ? -9.958  6.259   3.475   1.00 17.42 ? 129 GLN A O   1 
ATOM   1034 C CB  . GLN A 1 129 ? -8.607  7.817   0.813   1.00 17.07 ? 129 GLN A CB  1 
ATOM   1035 C CG  . GLN A 1 129 ? -7.342  7.303   1.479   1.00 17.04 ? 129 GLN A CG  1 
ATOM   1036 C CD  . GLN A 1 129 ? -6.151  7.373   0.560   1.00 16.70 ? 129 GLN A CD  1 
ATOM   1037 O OE1 . GLN A 1 129 ? -5.621  8.452   0.307   1.00 17.32 ? 129 GLN A OE1 1 
ATOM   1038 N NE2 . GLN A 1 129 ? -5.718  6.217   0.059   1.00 16.45 ? 129 GLN A NE2 1 
ATOM   1039 N N   . HIS A 1 130 ? -10.615 8.381   3.120   1.00 18.76 ? 130 HIS A N   1 
ATOM   1040 C CA  . HIS A 1 130 ? -10.967 8.592   4.534   1.00 19.97 ? 130 HIS A CA  1 
ATOM   1041 C C   . HIS A 1 130 ? -12.103 7.634   4.919   1.00 19.69 ? 130 HIS A C   1 
ATOM   1042 O O   . HIS A 1 130 ? -12.089 7.046   5.999   1.00 19.09 ? 130 HIS A O   1 
ATOM   1043 C CB  . HIS A 1 130 ? -11.340 10.055  4.812   1.00 21.75 ? 130 HIS A CB  1 
ATOM   1044 C CG  . HIS A 1 130 ? -11.562 10.367  6.263   1.00 23.69 ? 130 HIS A CG  1 
ATOM   1045 N ND1 . HIS A 1 130 ? -12.811 10.355  6.844   1.00 26.06 ? 130 HIS A ND1 1 
ATOM   1046 C CD2 . HIS A 1 130 ? -10.696 10.705  7.249   1.00 25.75 ? 130 HIS A CD2 1 
ATOM   1047 C CE1 . HIS A 1 130 ? -12.706 10.670  8.122   1.00 25.90 ? 130 HIS A CE1 1 
ATOM   1048 N NE2 . HIS A 1 130 ? -11.432 10.886  8.394   1.00 26.08 ? 130 HIS A NE2 1 
ATOM   1049 N N   . GLN A 1 131 ? -13.060 7.447   4.015   1.00 19.81 ? 131 GLN A N   1 
ATOM   1050 C CA  . GLN A 1 131 ? -14.156 6.499   4.231   1.00 20.52 ? 131 GLN A CA  1 
ATOM   1051 C C   . GLN A 1 131 ? -13.657 5.069   4.501   1.00 19.07 ? 131 GLN A C   1 
ATOM   1052 O O   . GLN A 1 131 ? -14.097 4.414   5.458   1.00 18.52 ? 131 GLN A O   1 
ATOM   1053 C CB  . GLN A 1 131 ? -15.097 6.510   3.019   1.00 22.57 ? 131 GLN A CB  1 
ATOM   1054 C CG  . GLN A 1 131 ? -16.370 5.711   3.201   1.00 25.16 ? 131 GLN A CG  1 
ATOM   1055 C CD  . GLN A 1 131 ? -17.250 5.757   1.966   1.00 27.15 ? 131 GLN A CD  1 
ATOM   1056 O OE1 . GLN A 1 131 ? -16.808 5.449   0.856   1.00 29.69 ? 131 GLN A OE1 1 
ATOM   1057 N NE2 . GLN A 1 131 ? -18.507 6.140   2.156   1.00 29.00 ? 131 GLN A NE2 1 
ATOM   1058 N N   . ALA A 1 132 ? -12.739 4.592   3.659   1.00 17.28 ? 132 ALA A N   1 
ATOM   1059 C CA  . ALA A 1 132 ? -12.148 3.259   3.817   1.00 17.48 ? 132 ALA A CA  1 
ATOM   1060 C C   . ALA A 1 132 ? -11.384 3.118   5.124   1.00 17.24 ? 132 ALA A C   1 
ATOM   1061 O O   . ALA A 1 132 ? -11.476 2.088   5.796   1.00 16.50 ? 132 ALA A O   1 
ATOM   1062 C CB  . ALA A 1 132 ? -11.227 2.948   2.644   1.00 17.51 ? 132 ALA A CB  1 
ATOM   1063 N N   . MET A 1 133 ? -10.623 4.149   5.471   1.00 17.73 ? 133 MET A N   1 
ATOM   1064 C CA  A MET A 1 133 ? -9.876  4.165   6.727   0.50 18.20 ? 133 MET A CA  1 
ATOM   1065 C CA  B MET A 1 133 ? -9.874  4.156   6.720   0.50 18.97 ? 133 MET A CA  1 
ATOM   1066 C C   . MET A 1 133 ? -10.820 4.013   7.913   1.00 18.50 ? 133 MET A C   1 
ATOM   1067 O O   . MET A 1 133 ? -10.534 3.257   8.845   1.00 17.52 ? 133 MET A O   1 
ATOM   1068 C CB  A MET A 1 133 ? -9.046  5.452   6.852   0.50 18.79 ? 133 MET A CB  1 
ATOM   1069 C CB  B MET A 1 133 ? -9.020  5.428   6.806   0.50 20.72 ? 133 MET A CB  1 
ATOM   1070 C CG  A MET A 1 133 ? -8.317  5.606   8.177   0.50 19.54 ? 133 MET A CG  1 
ATOM   1071 C CG  B MET A 1 133 ? -8.208  5.589   8.076   0.50 22.52 ? 133 MET A CG  1 
ATOM   1072 S SD  A MET A 1 133 ? -9.377  6.341   9.434   0.50 20.44 ? 133 MET A SD  1 
ATOM   1073 S SD  B MET A 1 133 ? -8.851  6.969   9.032   0.50 26.14 ? 133 MET A SD  1 
ATOM   1074 C CE  A MET A 1 133 ? -9.445  8.039   8.867   0.50 20.69 ? 133 MET A CE  1 
ATOM   1075 C CE  B MET A 1 133 ? -7.978  6.741   10.579  0.50 25.28 ? 133 MET A CE  1 
ATOM   1076 N N   . GLU A 1 134 ? -11.949 4.718   7.868   1.00 18.57 ? 134 GLU A N   1 
ATOM   1077 C CA  . GLU A 1 134 ? -12.921 4.649   8.964   1.00 19.39 ? 134 GLU A CA  1 
ATOM   1078 C C   . GLU A 1 134 ? -13.540 3.252   9.097   1.00 18.86 ? 134 GLU A C   1 
ATOM   1079 O O   . GLU A 1 134 ? -13.826 2.811   10.204  1.00 19.65 ? 134 GLU A O   1 
ATOM   1080 C CB  . GLU A 1 134 ? -13.995 5.736   8.829   1.00 21.24 ? 134 GLU A CB  1 
ATOM   1081 C CG  . GLU A 1 134 ? -13.476 7.164   9.020   1.00 23.01 ? 134 GLU A CG  1 
ATOM   1082 C CD  . GLU A 1 134 ? -12.927 7.470   10.412  1.00 25.36 ? 134 GLU A CD  1 
ATOM   1083 O OE1 . GLU A 1 134 ? -13.195 6.717   11.365  1.00 28.74 ? 134 GLU A OE1 1 
ATOM   1084 O OE2 . GLU A 1 134 ? -12.221 8.491   10.558  1.00 27.77 ? 134 GLU A OE2 1 
ATOM   1085 N N   . VAL A 1 135 ? -13.722 2.538   7.989   1.00 17.24 ? 135 VAL A N   1 
ATOM   1086 C CA  . VAL A 1 135 ? -14.178 1.144   8.042   1.00 17.14 ? 135 VAL A CA  1 
ATOM   1087 C C   . VAL A 1 135 ? -13.090 0.207   8.606   1.00 16.82 ? 135 VAL A C   1 
ATOM   1088 O O   . VAL A 1 135 ? -13.363 -0.631  9.480   1.00 16.81 ? 135 VAL A O   1 
ATOM   1089 C CB  . VAL A 1 135 ? -14.666 0.650   6.656   1.00 17.44 ? 135 VAL A CB  1 
ATOM   1090 C CG1 . VAL A 1 135 ? -14.975 -0.836  6.682   1.00 17.92 ? 135 VAL A CG1 1 
ATOM   1091 C CG2 . VAL A 1 135 ? -15.893 1.444   6.220   1.00 18.12 ? 135 VAL A CG2 1 
ATOM   1092 N N   . ALA A 1 136 ? -11.855 0.346   8.120   1.00 15.70 ? 136 ALA A N   1 
ATOM   1093 C CA  . ALA A 1 136 ? -10.755 -0.513  8.578   1.00 15.95 ? 136 ALA A CA  1 
ATOM   1094 C C   . ALA A 1 136 ? -10.487 -0.375  10.078  1.00 15.98 ? 136 ALA A C   1 
ATOM   1095 O O   . ALA A 1 136 ? -10.135 -1.354  10.737  1.00 15.13 ? 136 ALA A O   1 
ATOM   1096 C CB  . ALA A 1 136 ? -9.480  -0.231  7.791   1.00 15.91 ? 136 ALA A CB  1 
ATOM   1097 N N   . LYS A 1 137 ? -10.666 0.825   10.621  1.00 16.22 ? 137 LYS A N   1 
ATOM   1098 C CA  A LYS A 1 137 ? -10.476 1.060   12.059  0.50 16.69 ? 137 LYS A CA  1 
ATOM   1099 C CA  B LYS A 1 137 ? -10.431 1.014   12.055  0.50 17.01 ? 137 LYS A CA  1 
ATOM   1100 C C   . LYS A 1 137 ? -11.411 0.208   12.921  1.00 16.88 ? 137 LYS A C   1 
ATOM   1101 O O   . LYS A 1 137 ? -11.119 -0.043  14.096  1.00 17.16 ? 137 LYS A O   1 
ATOM   1102 C CB  A LYS A 1 137 ? -10.674 2.541   12.410  0.50 17.27 ? 137 LYS A CB  1 
ATOM   1103 C CB  B LYS A 1 137 ? -10.427 2.496   12.450  0.50 18.05 ? 137 LYS A CB  1 
ATOM   1104 C CG  A LYS A 1 137 ? -9.437  3.403   12.214  0.50 17.76 ? 137 LYS A CG  1 
ATOM   1105 C CG  B LYS A 1 137 ? -11.781 3.183   12.440  0.50 19.13 ? 137 LYS A CG  1 
ATOM   1106 C CD  A LYS A 1 137 ? -9.731  4.874   12.493  0.50 18.24 ? 137 LYS A CD  1 
ATOM   1107 C CD  B LYS A 1 137 ? -11.802 4.428   13.305  0.50 19.95 ? 137 LYS A CD  1 
ATOM   1108 C CE  A LYS A 1 137 ? -10.480 5.068   13.805  0.50 18.83 ? 137 LYS A CE  1 
ATOM   1109 C CE  B LYS A 1 137 ? -13.217 4.766   13.736  0.50 20.44 ? 137 LYS A CE  1 
ATOM   1110 N NZ  A LYS A 1 137 ? -9.668  4.708   15.001  0.50 19.27 ? 137 LYS A NZ  1 
ATOM   1111 N NZ  B LYS A 1 137 ? -13.338 6.180   14.179  0.50 21.13 ? 137 LYS A NZ  1 
ATOM   1112 N N   . THR A 1 138 ? -12.545 -0.211  12.346  1.00 16.24 ? 138 THR A N   1 
ATOM   1113 C CA  . THR A 1 138 ? -13.548 -0.977  13.105  1.00 16.28 ? 138 THR A CA  1 
ATOM   1114 C C   . THR A 1 138 ? -13.271 -2.470  13.257  1.00 16.22 ? 138 THR A C   1 
ATOM   1115 O O   . THR A 1 138 ? -13.976 -3.141  14.024  1.00 17.08 ? 138 THR A O   1 
ATOM   1116 C CB  . THR A 1 138 ? -14.973 -0.817  12.522  1.00 17.13 ? 138 THR A CB  1 
ATOM   1117 O OG1 . THR A 1 138 ? -15.082 -1.537  11.282  1.00 17.71 ? 138 THR A OG1 1 
ATOM   1118 C CG2 . THR A 1 138 ? -15.321 0.641   12.334  1.00 17.79 ? 138 THR A CG2 1 
ATOM   1119 N N   . VAL A 1 139 ? -12.283 -3.010  12.549  1.00 15.44 ? 139 VAL A N   1 
ATOM   1120 C CA  . VAL A 1 139 ? -11.921 -4.423  12.713  1.00 15.43 ? 139 VAL A CA  1 
ATOM   1121 C C   . VAL A 1 139 ? -10.934 -4.570  13.877  1.00 15.19 ? 139 VAL A C   1 
ATOM   1122 O O   . VAL A 1 139 ? -10.297 -3.581  14.260  1.00 15.08 ? 139 VAL A O   1 
ATOM   1123 C CB  . VAL A 1 139 ? -11.410 -5.089  11.406  1.00 15.93 ? 139 VAL A CB  1 
ATOM   1124 C CG1 . VAL A 1 139 ? -12.359 -4.762  10.254  1.00 16.06 ? 139 VAL A CG1 1 
ATOM   1125 C CG2 . VAL A 1 139 ? -9.965  -4.714  11.079  1.00 16.17 ? 139 VAL A CG2 1 
ATOM   1126 N N   . PRO A 1 140 ? -10.798 -5.785  14.439  1.00 15.15 ? 140 PRO A N   1 
ATOM   1127 C CA  . PRO A 1 140 ? -9.885  -5.966  15.581  1.00 15.03 ? 140 PRO A CA  1 
ATOM   1128 C C   . PRO A 1 140 ? -8.448  -5.554  15.246  1.00 15.06 ? 140 PRO A C   1 
ATOM   1129 O O   . PRO A 1 140 ? -7.916  -5.949  14.211  1.00 14.70 ? 140 PRO A O   1 
ATOM   1130 C CB  . PRO A 1 140 ? -9.989  -7.459  15.894  1.00 15.12 ? 140 PRO A CB  1 
ATOM   1131 C CG  . PRO A 1 140 ? -11.338 -7.845  15.391  1.00 15.27 ? 140 PRO A CG  1 
ATOM   1132 C CD  . PRO A 1 140 ? -11.541 -7.028  14.150  1.00 15.33 ? 140 PRO A CD  1 
ATOM   1133 N N   . ASN A 1 141 ? -7.868  -4.749  16.135  1.00 14.74 ? 141 ASN A N   1 
ATOM   1134 C CA  . ASN A 1 141 ? -6.557  -4.088  15.996  1.00 14.64 ? 141 ASN A CA  1 
ATOM   1135 C C   . ASN A 1 141 ? -6.539  -2.882  15.048  1.00 14.31 ? 141 ASN A C   1 
ATOM   1136 O O   . ASN A 1 141 ? -5.484  -2.250  14.881  1.00 13.88 ? 141 ASN A O   1 
ATOM   1137 C CB  . ASN A 1 141 ? -5.429  -5.060  15.633  1.00 14.64 ? 141 ASN A CB  1 
ATOM   1138 C CG  . ASN A 1 141 ? -4.071  -4.587  16.137  1.00 14.97 ? 141 ASN A CG  1 
ATOM   1139 O OD1 . ASN A 1 141 ? -3.952  -4.132  17.287  1.00 15.46 ? 141 ASN A OD1 1 
ATOM   1140 N ND2 . ASN A 1 141 ? -3.050  -4.666  15.285  1.00 15.09 ? 141 ASN A ND2 1 
ATOM   1141 N N   . GLY A 1 142 ? -7.682  -2.543  14.444  1.00 14.45 ? 142 GLY A N   1 
ATOM   1142 C CA  . GLY A 1 142 ? -7.776  -1.367  13.567  1.00 14.19 ? 142 GLY A CA  1 
ATOM   1143 C C   . GLY A 1 142 ? -7.605  -0.040  14.286  1.00 14.59 ? 142 GLY A C   1 
ATOM   1144 O O   . GLY A 1 142 ? -7.346  0.986   13.661  1.00 14.53 ? 142 GLY A O   1 
ATOM   1145 N N   . ASP A 1 143 ? -7.757  -0.062  15.607  1.00 14.89 ? 143 ASP A N   1 
ATOM   1146 C CA  . ASP A 1 143 ? -7.460  1.094   16.449  1.00 15.24 ? 143 ASP A CA  1 
ATOM   1147 C C   . ASP A 1 143 ? -6.054  1.661   16.261  1.00 15.05 ? 143 ASP A C   1 
ATOM   1148 O O   . ASP A 1 143 ? -5.827  2.822   16.574  1.00 15.74 ? 143 ASP A O   1 
ATOM   1149 C CB  . ASP A 1 143 ? -7.649  0.712   17.925  1.00 15.68 ? 143 ASP A CB  1 
ATOM   1150 C CG  . ASP A 1 143 ? -6.825  -0.499  18.328  1.00 16.48 ? 143 ASP A CG  1 
ATOM   1151 O OD1 . ASP A 1 143 ? -7.253  -1.633  18.035  1.00 17.17 ? 143 ASP A OD1 1 
ATOM   1152 O OD2 . ASP A 1 143 ? -5.741  -0.329  18.939  1.00 17.75 ? 143 ASP A OD2 1 
ATOM   1153 N N   . LYS A 1 144 ? -5.126  0.863   15.737  1.00 14.74 ? 144 LYS A N   1 
ATOM   1154 C CA  . LYS A 1 144 ? -3.747  1.321   15.534  1.00 15.37 ? 144 LYS A CA  1 
ATOM   1155 C C   . LYS A 1 144 ? -3.602  2.230   14.315  1.00 15.41 ? 144 LYS A C   1 
ATOM   1156 O O   . LYS A 1 144 ? -2.612  2.958   14.218  1.00 15.65 ? 144 LYS A O   1 
ATOM   1157 C CB  . LYS A 1 144 ? -2.806  0.128   15.378  1.00 15.77 ? 144 LYS A CB  1 
ATOM   1158 C CG  . LYS A 1 144 ? -2.798  -0.873  16.519  1.00 16.86 ? 144 LYS A CG  1 
ATOM   1159 C CD  . LYS A 1 144 ? -2.372  -0.249  17.832  1.00 17.13 ? 144 LYS A CD  1 
ATOM   1160 C CE  . LYS A 1 144 ? -2.242  -1.317  18.909  1.00 17.98 ? 144 LYS A CE  1 
ATOM   1161 N NZ  . LYS A 1 144 ? -3.533  -2.010  19.150  1.00 18.50 ? 144 LYS A NZ  1 
ATOM   1162 N N   . ILE A 1 145 ? -4.558  2.172   13.385  1.00 14.62 ? 145 ILE A N   1 
ATOM   1163 C CA  . ILE A 1 145 ? -4.458  2.924   12.132  1.00 14.85 ? 145 ILE A CA  1 
ATOM   1164 C C   . ILE A 1 145 ? -4.395  4.431   12.424  1.00 14.77 ? 145 ILE A C   1 
ATOM   1165 O O   . ILE A 1 145 ? -5.182  4.956   13.221  1.00 15.53 ? 145 ILE A O   1 
ATOM   1166 C CB  . ILE A 1 145 ? -5.617  2.582   11.170  1.00 14.92 ? 145 ILE A CB  1 
ATOM   1167 C CG1 . ILE A 1 145 ? -5.489  1.135   10.688  1.00 14.72 ? 145 ILE A CG1 1 
ATOM   1168 C CG2 . ILE A 1 145 ? -5.608  3.521   9.962   1.00 14.83 ? 145 ILE A CG2 1 
ATOM   1169 C CD1 . ILE A 1 145 ? -6.756  0.549   10.101  1.00 14.96 ? 145 ILE A CD1 1 
ATOM   1170 N N   . HIS A 1 146 ? -3.453  5.111   11.768  1.00 14.85 ? 146 HIS A N   1 
ATOM   1171 C CA  . HIS A 1 146 ? -3.198  6.518   12.025  1.00 14.96 ? 146 HIS A CA  1 
ATOM   1172 C C   . HIS A 1 146 ? -2.576  7.209   10.822  1.00 15.45 ? 146 HIS A C   1 
ATOM   1173 O O   . HIS A 1 146 ? -2.126  6.556   9.879   1.00 15.26 ? 146 HIS A O   1 
ATOM   1174 C CB  . HIS A 1 146 ? -2.276  6.643   13.251  1.00 14.89 ? 146 HIS A CB  1 
ATOM   1175 C CG  . HIS A 1 146 ? -0.912  6.053   13.048  1.00 15.05 ? 146 HIS A CG  1 
ATOM   1176 N ND1 . HIS A 1 146 ? -0.660  4.697   13.127  1.00 14.90 ? 146 HIS A ND1 1 
ATOM   1177 C CD2 . HIS A 1 146 ? 0.278   6.641   12.777  1.00 15.05 ? 146 HIS A CD2 1 
ATOM   1178 C CE1 . HIS A 1 146 ? 0.628   4.481   12.911  1.00 15.54 ? 146 HIS A CE1 1 
ATOM   1179 N NE2 . HIS A 1 146 ? 1.219   5.647   12.701  1.00 15.05 ? 146 HIS A NE2 1 
ATOM   1180 N N   . TYR A 1 147 ? -2.521  8.534   10.895  1.00 16.47 ? 147 TYR A N   1 
ATOM   1181 C CA  . TYR A 1 147 ? -1.980  9.364   9.820   1.00 16.45 ? 147 TYR A CA  1 
ATOM   1182 C C   . TYR A 1 147 ? -0.491  9.118   9.667   1.00 16.74 ? 147 TYR A C   1 
ATOM   1183 O O   . TYR A 1 147 ? 0.250   9.086   10.649  1.00 17.06 ? 147 TYR A O   1 
ATOM   1184 C CB  . TYR A 1 147 ? -2.273  10.832  10.121  1.00 16.97 ? 147 TYR A CB  1 
ATOM   1185 C CG  . TYR A 1 147 ? -1.854  11.812  9.052   1.00 17.44 ? 147 TYR A CG  1 
ATOM   1186 C CD1 . TYR A 1 147 ? -2.338  11.708  7.751   1.00 17.89 ? 147 TYR A CD1 1 
ATOM   1187 C CD2 . TYR A 1 147 ? -1.001  12.869  9.357   1.00 18.20 ? 147 TYR A CD2 1 
ATOM   1188 C CE1 . TYR A 1 147 ? -1.969  12.626  6.778   1.00 18.34 ? 147 TYR A CE1 1 
ATOM   1189 C CE2 . TYR A 1 147 ? -0.622  13.786  8.394   1.00 18.03 ? 147 TYR A CE2 1 
ATOM   1190 C CZ  . TYR A 1 147 ? -1.105  13.660  7.112   1.00 18.73 ? 147 TYR A CZ  1 
ATOM   1191 O OH  . TYR A 1 147 ? -0.719  14.595  6.171   1.00 19.95 ? 147 TYR A OH  1 
ATOM   1192 N N   . ALA A 1 148 ? -0.055  8.955   8.419   1.00 16.18 ? 148 ALA A N   1 
ATOM   1193 C CA  . ALA A 1 148 ? 1.300   8.517   8.107   1.00 16.69 ? 148 ALA A CA  1 
ATOM   1194 C C   . ALA A 1 148 ? 2.323   9.648   7.978   1.00 17.39 ? 148 ALA A C   1 
ATOM   1195 O O   . ALA A 1 148 ? 3.521   9.367   7.907   1.00 17.94 ? 148 ALA A O   1 
ATOM   1196 C CB  . ALA A 1 148 ? 1.275   7.696   6.824   1.00 16.34 ? 148 ALA A CB  1 
ATOM   1197 N N   . LYS A 1 149 ? 1.869   10.901  7.942   1.00 18.42 ? 149 LYS A N   1 
ATOM   1198 C CA  . LYS A 1 149 ? 2.742   12.046  7.613   1.00 20.29 ? 149 LYS A CA  1 
ATOM   1199 C C   . LYS A 1 149 ? 2.761   13.180  8.648   1.00 21.28 ? 149 LYS A C   1 
ATOM   1200 O O   . LYS A 1 149 ? 2.948   14.340  8.285   1.00 21.02 ? 149 LYS A O   1 
ATOM   1201 C CB  . LYS A 1 149 ? 2.365   12.582  6.227   1.00 21.38 ? 149 LYS A CB  1 
ATOM   1202 C CG  . LYS A 1 149 ? 2.483   11.526  5.132   1.00 23.17 ? 149 LYS A CG  1 
ATOM   1203 C CD  . LYS A 1 149 ? 2.449   12.121  3.733   1.00 24.77 ? 149 LYS A CD  1 
ATOM   1204 C CE  . LYS A 1 149 ? 1.104   12.722  3.395   1.00 25.44 ? 149 LYS A CE  1 
ATOM   1205 N NZ  . LYS A 1 149 ? 0.987   13.100  1.949   1.00 25.64 ? 149 LYS A NZ  1 
ATOM   1206 N N   A SER A 1 150 ? 2.602   12.848  9.925   0.67 22.61 ? 150 SER A N   1 
ATOM   1207 N N   B SER A 1 150 ? 2.596   12.834  9.925   0.33 22.52 ? 150 SER A N   1 
ATOM   1208 C CA  A SER A 1 150 ? 2.538   13.884  10.969  0.67 23.67 ? 150 SER A CA  1 
ATOM   1209 C CA  B SER A 1 150 ? 2.554   13.828  11.006  0.33 23.58 ? 150 SER A CA  1 
ATOM   1210 C C   A SER A 1 150 ? 3.892   14.526  11.291  0.67 25.36 ? 150 SER A C   1 
ATOM   1211 C C   B SER A 1 150 ? 3.890   14.536  11.235  0.33 24.79 ? 150 SER A C   1 
ATOM   1212 O O   A SER A 1 150 ? 3.926   15.665  11.768  0.67 26.75 ? 150 SER A O   1 
ATOM   1213 O O   B SER A 1 150 ? 3.910   15.727  11.560  0.33 25.65 ? 150 SER A O   1 
ATOM   1214 C CB  A SER A 1 150 ? 1.935   13.318  12.254  0.67 23.60 ? 150 SER A CB  1 
ATOM   1215 C CB  B SER A 1 150 ? 2.124   13.174  12.323  0.33 23.61 ? 150 SER A CB  1 
ATOM   1216 O OG  A SER A 1 150 ? 2.811   12.384  12.847  0.67 23.69 ? 150 SER A OG  1 
ATOM   1217 O OG  B SER A 1 150 ? 0.876   12.516  12.196  0.33 24.00 ? 150 SER A OG  1 
ATOM   1218 N N   . ASN A 1 151 ? 4.990   13.806  11.057  1.00 25.10 ? 151 ASN A N   1 
ATOM   1219 C CA  . ASN A 1 151 ? 6.312   14.266  11.489  1.00 25.99 ? 151 ASN A CA  1 
ATOM   1220 C C   . ASN A 1 151 ? 7.441   13.761  10.587  1.00 25.50 ? 151 ASN A C   1 
ATOM   1221 O O   . ASN A 1 151 ? 8.395   13.129  11.045  1.00 27.38 ? 151 ASN A O   1 
ATOM   1222 C CB  . ASN A 1 151 ? 6.511   13.792  12.940  1.00 27.58 ? 151 ASN A CB  1 
ATOM   1223 C CG  . ASN A 1 151 ? 7.794   14.301  13.560  1.00 28.07 ? 151 ASN A CG  1 
ATOM   1224 O OD1 . ASN A 1 151 ? 8.226   15.417  13.286  1.00 30.83 ? 151 ASN A OD1 1 
ATOM   1225 N ND2 . ASN A 1 151 ? 8.425   13.465  14.380  1.00 28.94 ? 151 ASN A ND2 1 
ATOM   1226 N N   . CYS A 1 152 ? 7.342   14.050  9.295   1.00 23.55 ? 152 CYS A N   1 
ATOM   1227 C CA  . CYS A 1 152 ? 8.342   13.540  8.364   1.00 23.20 ? 152 CYS A CA  1 
ATOM   1228 C C   . CYS A 1 152 ? 9.568   14.445  8.314   1.00 23.51 ? 152 CYS A C   1 
ATOM   1229 O O   . CYS A 1 152 ? 9.455   15.647  8.560   1.00 23.49 ? 152 CYS A O   1 
ATOM   1230 C CB  . CYS A 1 152 ? 7.745   13.328  6.982   1.00 22.70 ? 152 CYS A CB  1 
ATOM   1231 S SG  . CYS A 1 152 ? 6.375   12.147  6.982   1.00 22.74 ? 152 CYS A SG  1 
ATOM   1232 N N   . PRO A 1 153 ? 10.747  13.868  8.009   1.00 23.74 ? 153 PRO A N   1 
ATOM   1233 C CA  . PRO A 1 153 ? 11.961  14.679  7.910   1.00 25.28 ? 153 PRO A CA  1 
ATOM   1234 C C   . PRO A 1 153 ? 11.862  15.791  6.871   1.00 26.31 ? 153 PRO A C   1 
ATOM   1235 O O   . PRO A 1 153 ? 11.055  15.720  5.942   1.00 26.17 ? 153 PRO A O   1 
ATOM   1236 C CB  . PRO A 1 153 ? 13.027  13.653  7.511   1.00 24.74 ? 153 PRO A CB  1 
ATOM   1237 C CG  . PRO A 1 153 ? 12.527  12.372  8.070   1.00 24.60 ? 153 PRO A CG  1 
ATOM   1238 C CD  . PRO A 1 153 ? 11.048  12.432  7.849   1.00 24.20 ? 153 PRO A CD  1 
ATOM   1239 N N   . GLU A 1 154 ? 12.682  16.823  7.034   1.00 28.87 ? 154 GLU A N   1 
ATOM   1240 C CA  . GLU A 1 154 ? 12.701  17.903  6.066   1.00 31.00 ? 154 GLU A CA  1 
ATOM   1241 C C   . GLU A 1 154 ? 13.253  17.393  4.739   1.00 28.29 ? 154 GLU A C   1 
ATOM   1242 O O   . GLU A 1 154 ? 14.071  16.468  4.707   1.00 28.31 ? 154 GLU A O   1 
ATOM   1243 C CB  . GLU A 1 154 ? 13.527  19.095  6.563   1.00 35.17 ? 154 GLU A CB  1 
ATOM   1244 C CG  . GLU A 1 154 ? 13.310  20.383  5.770   1.00 39.46 ? 154 GLU A CG  1 
ATOM   1245 C CD  . GLU A 1 154 ? 11.853  20.821  5.731   1.00 42.78 ? 154 GLU A CD  1 
ATOM   1246 O OE1 . GLU A 1 154 ? 11.396  21.468  6.702   1.00 46.58 ? 154 GLU A OE1 1 
ATOM   1247 O OE2 . GLU A 1 154 ? 11.165  20.511  4.731   1.00 45.94 ? 154 GLU A OE2 1 
ATOM   1248 N N   . THR A 1 155 ? 12.760  17.986  3.662   1.00 28.56 ? 155 THR A N   1 
ATOM   1249 C CA  . THR A 1 155 ? 13.192  17.659  2.313   1.00 27.74 ? 155 THR A CA  1 
ATOM   1250 C C   . THR A 1 155 ? 14.440  18.465  1.962   1.00 25.92 ? 155 THR A C   1 
ATOM   1251 O O   . THR A 1 155 ? 14.804  19.407  2.668   1.00 25.33 ? 155 THR A O   1 
ATOM   1252 C CB  . THR A 1 155 ? 12.068  17.929  1.297   1.00 29.98 ? 155 THR A CB  1 
ATOM   1253 O OG1 . THR A 1 155 ? 11.649  19.294  1.385   1.00 32.48 ? 155 THR A OG1 1 
ATOM   1254 C CG2 . THR A 1 155 ? 10.867  17.038  1.593   1.00 31.22 ? 155 THR A CG2 1 
ATOM   1255 N N   . HIS A 1 156 ? 15.100  18.063  0.877   1.00 23.43 ? 156 HIS A N   1 
ATOM   1256 C CA  . HIS A 1 156 ? 16.285  18.755  0.366   1.00 23.79 ? 156 HIS A CA  1 
ATOM   1257 C C   . HIS A 1 156 ? 16.189  18.891  -1.149  1.00 22.37 ? 156 HIS A C   1 
ATOM   1258 O O   . HIS A 1 156 ? 17.113  18.513  -1.874  1.00 23.04 ? 156 HIS A O   1 
ATOM   1259 C CB  . HIS A 1 156 ? 17.560  18.009  0.765   1.00 24.87 ? 156 HIS A CB  1 
ATOM   1260 C CG  . HIS A 1 156 ? 17.916  18.147  2.212   1.00 27.36 ? 156 HIS A CG  1 
ATOM   1261 N ND1 . HIS A 1 156 ? 17.459  17.279  3.177   1.00 29.04 ? 156 HIS A ND1 1 
ATOM   1262 C CD2 . HIS A 1 156 ? 18.698  19.047  2.856   1.00 29.43 ? 156 HIS A CD2 1 
ATOM   1263 C CE1 . HIS A 1 156 ? 17.938  17.639  4.355   1.00 29.83 ? 156 HIS A CE1 1 
ATOM   1264 N NE2 . HIS A 1 156 ? 18.694  18.709  4.187   1.00 30.48 ? 156 HIS A NE2 1 
ATOM   1265 N N   . GLY A 1 157 ? 15.065  19.437  -1.608  1.00 21.44 ? 157 GLY A N   1 
ATOM   1266 C CA  . GLY A 1 157 ? 14.878  19.786  -3.015  1.00 21.56 ? 157 GLY A CA  1 
ATOM   1267 C C   . GLY A 1 157 ? 14.058  18.827  -3.864  1.00 20.72 ? 157 GLY A C   1 
ATOM   1268 O O   . GLY A 1 157 ? 13.727  19.167  -4.995  1.00 22.46 ? 157 GLY A O   1 
ATOM   1269 N N   . CYS A 1 158 ? 13.738  17.641  -3.343  1.00 18.86 ? 158 CYS A N   1 
ATOM   1270 C CA  . CYS A 1 158 ? 12.816  16.719  -4.030  1.00 17.66 ? 158 CYS A CA  1 
ATOM   1271 C C   . CYS A 1 158 ? 11.437  16.750  -3.385  1.00 17.62 ? 158 CYS A C   1 
ATOM   1272 O O   . CYS A 1 158 ? 11.195  17.526  -2.452  1.00 18.38 ? 158 CYS A O   1 
ATOM   1273 C CB  . CYS A 1 158 ? 13.394  15.305  -4.037  1.00 17.18 ? 158 CYS A CB  1 
ATOM   1274 S SG  . CYS A 1 158 ? 15.057  15.252  -4.748  1.00 17.59 ? 158 CYS A SG  1 
ATOM   1275 N N   . PHE A 1 159 ? 10.519  15.945  -3.920  1.00 16.78 ? 159 PHE A N   1 
ATOM   1276 C CA  . PHE A 1 159 ? 9.115   15.963  -3.497  1.00 17.03 ? 159 PHE A CA  1 
ATOM   1277 C C   . PHE A 1 159 ? 8.537   14.648  -3.021  1.00 16.76 ? 159 PHE A C   1 
ATOM   1278 O O   . PHE A 1 159 ? 7.604   14.664  -2.221  1.00 17.91 ? 159 PHE A O   1 
ATOM   1279 C CB  . PHE A 1 159 ? 8.262   16.557  -4.616  1.00 18.07 ? 159 PHE A CB  1 
ATOM   1280 C CG  . PHE A 1 159 ? 8.582   17.990  -4.867  1.00 18.75 ? 159 PHE A CG  1 
ATOM   1281 C CD1 . PHE A 1 159 ? 9.637   18.344  -5.703  1.00 19.60 ? 159 PHE A CD1 1 
ATOM   1282 C CD2 . PHE A 1 159 ? 7.884   18.990  -4.200  1.00 19.52 ? 159 PHE A CD2 1 
ATOM   1283 C CE1 . PHE A 1 159 ? 9.970   19.676  -5.889  1.00 20.41 ? 159 PHE A CE1 1 
ATOM   1284 C CE2 . PHE A 1 159 ? 8.206   20.327  -4.395  1.00 20.17 ? 159 PHE A CE2 1 
ATOM   1285 C CZ  . PHE A 1 159 ? 9.249   20.664  -5.236  1.00 20.47 ? 159 PHE A CZ  1 
ATOM   1286 N N   . ALA A 1 160 ? 9.067   13.527  -3.504  1.00 15.93 ? 160 ALA A N   1 
ATOM   1287 C CA  . ALA A 1 160 ? 8.628   12.200  -3.062  1.00 15.40 ? 160 ALA A CA  1 
ATOM   1288 C C   . ALA A 1 160 ? 9.739   11.438  -2.337  1.00 15.02 ? 160 ALA A C   1 
ATOM   1289 O O   . ALA A 1 160 ? 9.561   10.269  -1.990  1.00 15.04 ? 160 ALA A O   1 
ATOM   1290 C CB  . ALA A 1 160 ? 8.124   11.396  -4.250  1.00 15.80 ? 160 ALA A CB  1 
ATOM   1291 N N   . PHE A 1 161 ? 10.885  12.090  -2.120  1.00 14.50 ? 161 PHE A N   1 
ATOM   1292 C CA  . PHE A 1 161 ? 12.062  11.463  -1.516  1.00 15.00 ? 161 PHE A CA  1 
ATOM   1293 C C   . PHE A 1 161 ? 12.757  12.459  -0.605  1.00 15.59 ? 161 PHE A C   1 
ATOM   1294 O O   . PHE A 1 161 ? 12.653  13.669  -0.818  1.00 16.25 ? 161 PHE A O   1 
ATOM   1295 C CB  . PHE A 1 161 ? 13.009  10.942  -2.604  1.00 14.80 ? 161 PHE A CB  1 
ATOM   1296 C CG  . PHE A 1 161 ? 12.328  10.012  -3.564  1.00 14.66 ? 161 PHE A CG  1 
ATOM   1297 C CD1 . PHE A 1 161 ? 12.080  8.696   -3.214  1.00 15.12 ? 161 PHE A CD1 1 
ATOM   1298 C CD2 . PHE A 1 161 ? 11.826  10.487  -4.777  1.00 14.95 ? 161 PHE A CD2 1 
ATOM   1299 C CE1 . PHE A 1 161 ? 11.400  7.847   -4.077  1.00 15.02 ? 161 PHE A CE1 1 
ATOM   1300 C CE2 . PHE A 1 161 ? 11.135  9.646   -5.637  1.00 15.36 ? 161 PHE A CE2 1 
ATOM   1301 C CZ  . PHE A 1 161 ? 10.925  8.325   -5.292  1.00 15.48 ? 161 PHE A CZ  1 
ATOM   1302 N N   . TYR A 1 162 ? 13.453  11.954  0.412   1.00 15.69 ? 162 TYR A N   1 
ATOM   1303 C CA  . TYR A 1 162 ? 14.116  12.822  1.401   1.00 15.98 ? 162 TYR A CA  1 
ATOM   1304 C C   . TYR A 1 162 ? 15.320  12.140  2.034   1.00 16.25 ? 162 TYR A C   1 
ATOM   1305 O O   . TYR A 1 162 ? 15.615  10.972  1.769   1.00 17.29 ? 162 TYR A O   1 
ATOM   1306 C CB  . TYR A 1 162 ? 13.123  13.269  2.489   1.00 15.73 ? 162 TYR A CB  1 
ATOM   1307 C CG  . TYR A 1 162 ? 12.491  12.133  3.271   1.00 15.72 ? 162 TYR A CG  1 
ATOM   1308 C CD1 . TYR A 1 162 ? 13.167  11.514  4.323   1.00 15.59 ? 162 TYR A CD1 1 
ATOM   1309 C CD2 . TYR A 1 162 ? 11.220  11.665  2.946   1.00 16.43 ? 162 TYR A CD2 1 
ATOM   1310 C CE1 . TYR A 1 162 ? 12.598  10.463  5.028   1.00 15.70 ? 162 TYR A CE1 1 
ATOM   1311 C CE2 . TYR A 1 162 ? 10.638  10.626  3.654   1.00 16.41 ? 162 TYR A CE2 1 
ATOM   1312 C CZ  . TYR A 1 162 ? 11.335  10.030  4.695   1.00 16.11 ? 162 TYR A CZ  1 
ATOM   1313 O OH  . TYR A 1 162 ? 10.787  8.988   5.401   1.00 16.05 ? 162 TYR A OH  1 
ATOM   1314 O OXT . TYR A 1 162 ? 15.999  12.751  2.869   1.00 17.29 ? 162 TYR A OXT 1 
HETATM 1315 C C1  . 04E B 2 .   ? 0.982   -3.743  -0.643  0.59 27.70 ? 201 04E A C1  1 
HETATM 1316 O O1  . 04E B 2 .   ? 0.376   -2.707  -1.003  0.59 25.66 ? 201 04E A O1  1 
HETATM 1317 C CH3 . 04E B 2 .   ? 0.607   -5.041  -1.326  0.59 29.24 ? 201 04E A CH3 1 
HETATM 1318 I I1  . 04E B 2 .   ? 1.271   -5.102  -3.395  0.59 36.71 ? 201 04E A I1  1 
HETATM 1319 O OXT . 04E B 2 .   ? 1.873   -3.733  0.253   0.59 22.63 ? 201 04E A OXT 1 
HETATM 1320 C C1  . NAG C 3 .   ? -1.628  17.763  2.457   1.00 33.84 ? 202 NAG A C1  1 
HETATM 1321 C C2  . NAG C 3 .   ? -1.368  19.259  2.313   1.00 37.42 ? 202 NAG A C2  1 
HETATM 1322 C C3  . NAG C 3 .   ? -0.945  19.855  3.642   1.00 39.11 ? 202 NAG A C3  1 
HETATM 1323 C C4  . NAG C 3 .   ? -1.922  19.508  4.761   1.00 39.66 ? 202 NAG A C4  1 
HETATM 1324 C C5  . NAG C 3 .   ? -2.440  18.066  4.737   1.00 39.50 ? 202 NAG A C5  1 
HETATM 1325 C C6  . NAG C 3 .   ? -3.753  18.016  5.513   1.00 40.25 ? 202 NAG A C6  1 
HETATM 1326 C C7  . NAG C 3 .   ? -0.479  20.283  0.258   1.00 41.64 ? 202 NAG A C7  1 
HETATM 1327 C C8  . NAG C 3 .   ? 0.726   20.428  -0.629  1.00 41.88 ? 202 NAG A C8  1 
HETATM 1328 N N2  . NAG C 3 .   ? -0.319  19.509  1.339   1.00 39.22 ? 202 NAG A N2  1 
HETATM 1329 O O3  . NAG C 3 .   ? -0.867  21.279  3.485   1.00 40.78 ? 202 NAG A O3  1 
HETATM 1330 O O4  . NAG C 3 .   ? -1.263  19.717  6.013   1.00 42.31 ? 202 NAG A O4  1 
HETATM 1331 O O5  . NAG C 3 .   ? -2.674  17.567  3.410   1.00 36.39 ? 202 NAG A O5  1 
HETATM 1332 O O6  . NAG C 3 .   ? -4.102  16.667  5.838   1.00 44.48 ? 202 NAG A O6  1 
HETATM 1333 O O7  . NAG C 3 .   ? -1.527  20.849  -0.016  1.00 43.16 ? 202 NAG A O7  1 
HETATM 1334 C C1  . NAG D 3 .   ? -0.538  -14.858 13.279  1.00 44.72 ? 203 NAG A C1  1 
HETATM 1335 C C2  . NAG D 3 .   ? 0.976   -14.743 13.115  1.00 48.99 ? 203 NAG A C2  1 
HETATM 1336 C C3  . NAG D 3 .   ? 1.654   -16.044 13.536  1.00 50.92 ? 203 NAG A C3  1 
HETATM 1337 C C4  . NAG D 3 .   ? 1.205   -16.508 14.922  1.00 51.97 ? 203 NAG A C4  1 
HETATM 1338 C C5  . NAG D 3 .   ? -0.307  -16.369 15.135  1.00 51.46 ? 203 NAG A C5  1 
HETATM 1339 C C6  . NAG D 3 .   ? -0.673  -16.529 16.611  1.00 51.27 ? 203 NAG A C6  1 
HETATM 1340 C C7  . NAG D 3 .   ? 1.642   -13.193 11.304  1.00 53.45 ? 203 NAG A C7  1 
HETATM 1341 C C8  . NAG D 3 .   ? 1.990   -13.095 9.846   1.00 53.02 ? 203 NAG A C8  1 
HETATM 1342 N N2  . NAG D 3 .   ? 1.342   -14.427 11.740  1.00 51.14 ? 203 NAG A N2  1 
HETATM 1343 O O3  . NAG D 3 .   ? 3.069   -15.836 13.546  1.00 50.96 ? 203 NAG A O3  1 
HETATM 1344 O O4  . NAG D 3 .   ? 1.580   -17.882 15.084  1.00 54.61 ? 203 NAG A O4  1 
HETATM 1345 O O5  . NAG D 3 .   ? -0.787  -15.099 14.667  1.00 48.56 ? 203 NAG A O5  1 
HETATM 1346 O O6  . NAG D 3 .   ? -1.782  -17.426 16.747  1.00 52.19 ? 203 NAG A O6  1 
HETATM 1347 O O7  . NAG D 3 .   ? 1.640   -12.197 12.017  1.00 55.48 ? 203 NAG A O7  1 
HETATM 1348 O O   . HOH E 4 .   ? 15.884  15.421  2.911   1.00 33.24 ? 301 HOH A O   1 
HETATM 1349 O O   . HOH E 4 .   ? -1.603  22.117  6.578   1.00 45.92 ? 302 HOH A O   1 
HETATM 1350 O O   . HOH E 4 .   ? -0.636  10.406  -0.438  1.00 19.38 ? 303 HOH A O   1 
HETATM 1351 O O   . HOH E 4 .   ? -4.765  1.635   20.209  1.00 25.21 ? 304 HOH A O   1 
HETATM 1352 O O   . HOH E 4 .   ? 9.932   13.863  4.604   1.00 43.02 ? 305 HOH A O   1 
HETATM 1353 O O   . HOH E 4 .   ? 14.294  -5.280  3.878   1.00 40.95 ? 306 HOH A O   1 
HETATM 1354 O O   . HOH E 4 .   ? -7.106  4.694   15.134  1.00 38.16 ? 307 HOH A O   1 
HETATM 1355 O O   . HOH E 4 .   ? 0.521   -0.184  -0.502  1.00 27.70 ? 308 HOH A O   1 
HETATM 1356 O O   . HOH E 4 .   ? 13.008  20.778  -0.228  1.00 36.10 ? 309 HOH A O   1 
HETATM 1357 O O   . HOH E 4 .   ? -14.618 8.014   15.465  1.00 40.23 ? 310 HOH A O   1 
HETATM 1358 O O   . HOH E 4 .   ? 16.920  -0.732  6.306   1.00 38.74 ? 311 HOH A O   1 
HETATM 1359 O O   . HOH E 4 .   ? 11.062  -19.039 -11.365 1.00 40.41 ? 312 HOH A O   1 
HETATM 1360 O O   . HOH E 4 .   ? -13.539 -14.245 1.948   1.00 50.82 ? 313 HOH A O   1 
HETATM 1361 O O   . HOH E 4 .   ? -5.839  -14.872 3.301   1.00 35.94 ? 314 HOH A O   1 
HETATM 1362 O O   . HOH E 4 .   ? -2.029  -11.793 17.204  1.00 27.95 ? 315 HOH A O   1 
HETATM 1363 O O   . HOH E 4 .   ? -15.061 9.714   5.663   1.00 38.69 ? 316 HOH A O   1 
HETATM 1364 O O   . HOH E 4 .   ? -11.148 8.910   12.914  1.00 39.06 ? 317 HOH A O   1 
HETATM 1365 O O   . HOH E 4 .   ? 10.696  2.678   17.047  1.00 30.31 ? 318 HOH A O   1 
HETATM 1366 O O   . HOH E 4 .   ? 8.673   10.581  11.655  1.00 37.76 ? 319 HOH A O   1 
HETATM 1367 O O   . HOH E 4 .   ? 9.857   -13.305 -7.939  1.00 18.55 ? 320 HOH A O   1 
HETATM 1368 O O   . HOH E 4 .   ? 2.989   1.191   8.904   1.00 19.16 ? 321 HOH A O   1 
HETATM 1369 O O   . HOH E 4 .   ? -6.963  -15.438 -0.726  1.00 18.93 ? 322 HOH A O   1 
HETATM 1370 O O   . HOH E 4 .   ? -2.515  2.478   -17.342 1.00 26.57 ? 323 HOH A O   1 
HETATM 1371 O O   . HOH E 4 .   ? -2.246  -12.256 5.692   1.00 43.18 ? 324 HOH A O   1 
HETATM 1372 O O   . HOH E 4 .   ? 5.649   -0.886  -17.803 1.00 26.06 ? 325 HOH A O   1 
HETATM 1373 O O   . HOH E 4 .   ? -10.247 11.191  1.991   1.00 26.18 ? 326 HOH A O   1 
HETATM 1374 O O   . HOH E 4 .   ? 2.571   10.193  11.323  1.00 29.10 ? 327 HOH A O   1 
HETATM 1375 O O   . HOH E 4 .   ? -10.788 -2.081  -7.621  1.00 19.45 ? 328 HOH A O   1 
HETATM 1376 O O   . HOH E 4 .   ? -1.922  14.292  3.788   1.00 25.50 ? 329 HOH A O   1 
HETATM 1377 O O   . HOH E 4 .   ? 9.348   -17.156 -17.111 1.00 37.09 ? 330 HOH A O   1 
HETATM 1378 O O   . HOH E 4 .   ? -1.126  12.208  13.927  1.00 44.75 ? 331 HOH A O   1 
HETATM 1379 O O   . HOH E 4 .   ? 10.310  -10.502 -10.759 1.00 15.50 ? 332 HOH A O   1 
HETATM 1380 O O   . HOH E 4 .   ? 4.143   -4.681  9.000   1.00 19.93 ? 333 HOH A O   1 
HETATM 1381 O O   . HOH E 4 .   ? -14.570 10.758  3.039   1.00 35.78 ? 334 HOH A O   1 
HETATM 1382 O O   . HOH E 4 .   ? -13.877 9.401   -5.278  1.00 25.50 ? 335 HOH A O   1 
HETATM 1383 O O   . HOH E 4 .   ? 17.374  -14.931 -14.646 1.00 37.98 ? 336 HOH A O   1 
HETATM 1384 O O   . HOH E 4 .   ? -15.878 -12.787 12.045  1.00 35.85 ? 337 HOH A O   1 
HETATM 1385 O O   . HOH E 4 .   ? -4.424  -16.935 16.892  1.00 47.15 ? 338 HOH A O   1 
HETATM 1386 O O   . HOH E 4 .   ? -14.203 -12.374 -2.459  1.00 54.74 ? 339 HOH A O   1 
HETATM 1387 O O   . HOH E 4 .   ? -18.462 -9.656  12.173  1.00 40.69 ? 340 HOH A O   1 
HETATM 1388 O O   . HOH E 4 .   ? -6.804  10.165  -1.689  1.00 17.00 ? 341 HOH A O   1 
HETATM 1389 O O   . HOH E 4 .   ? -5.066  -12.200 -7.315  1.00 32.18 ? 342 HOH A O   1 
HETATM 1390 O O   . HOH E 4 .   ? 6.268   9.565   12.434  1.00 30.22 ? 343 HOH A O   1 
HETATM 1391 O O   . HOH E 4 .   ? -5.287  14.535  7.025   1.00 53.98 ? 344 HOH A O   1 
HETATM 1392 O O   . HOH E 4 .   ? 8.696   -6.269  -18.111 1.00 37.58 ? 345 HOH A O   1 
HETATM 1393 O O   . HOH E 4 .   ? 5.308   15.671  8.148   1.00 29.02 ? 346 HOH A O   1 
HETATM 1394 O O   . HOH E 4 .   ? 10.561  8.248   1.513   1.00 15.99 ? 347 HOH A O   1 
HETATM 1395 O O   . HOH E 4 .   ? -8.244  -13.101 7.295   1.00 22.80 ? 348 HOH A O   1 
HETATM 1396 O O   . HOH E 4 .   ? 14.347  5.273   7.000   1.00 30.89 ? 349 HOH A O   1 
HETATM 1397 O O   . HOH E 4 .   ? -9.435  -3.256  18.093  1.00 17.68 ? 350 HOH A O   1 
HETATM 1398 O O   . HOH E 4 .   ? -0.371  9.388   -12.449 1.00 34.82 ? 351 HOH A O   1 
HETATM 1399 O O   . HOH E 4 .   ? 0.457   3.234   -19.900 1.00 30.44 ? 352 HOH A O   1 
HETATM 1400 O O   . HOH E 4 .   ? 11.742  -16.791 -1.451  1.00 33.19 ? 353 HOH A O   1 
HETATM 1401 O O   . HOH E 4 .   ? 15.843  -11.284 -3.733  1.00 16.10 ? 354 HOH A O   1 
HETATM 1402 O O   . HOH E 4 .   ? 20.298  -7.559  6.710   1.00 42.89 ? 355 HOH A O   1 
HETATM 1403 O O   . HOH E 4 .   ? -8.285  -7.385  -3.032  1.00 17.13 ? 356 HOH A O   1 
HETATM 1404 O O   . HOH E 4 .   ? 4.092   -13.802 -13.785 1.00 21.33 ? 357 HOH A O   1 
HETATM 1405 O O   . HOH E 4 .   ? -5.504  6.502   15.445  1.00 25.55 ? 358 HOH A O   1 
HETATM 1406 O O   . HOH E 4 .   ? -14.273 -10.401 2.011   1.00 27.53 ? 359 HOH A O   1 
HETATM 1407 O O   . HOH E 4 .   ? -14.392 -2.491  -2.665  1.00 35.79 ? 360 HOH A O   1 
HETATM 1408 O O   . HOH E 4 .   ? -10.868 6.671   16.473  1.00 39.90 ? 361 HOH A O   1 
HETATM 1409 O O   . HOH E 4 .   ? -17.250 -5.746  4.086   1.00 30.88 ? 362 HOH A O   1 
HETATM 1410 O O   . HOH E 4 .   ? 11.145  20.246  -2.119  1.00 37.03 ? 363 HOH A O   1 
HETATM 1411 O O   . HOH E 4 .   ? 4.596   -4.989  4.120   1.00 17.37 ? 364 HOH A O   1 
HETATM 1412 O O   . HOH E 4 .   ? -11.657 -16.324 2.019   1.00 38.42 ? 365 HOH A O   1 
HETATM 1413 O O   . HOH E 4 .   ? 10.843  -5.728  -11.042 1.00 15.11 ? 366 HOH A O   1 
HETATM 1414 O O   . HOH E 4 .   ? -4.125  -10.742 4.615   1.00 25.29 ? 367 HOH A O   1 
HETATM 1415 O O   . HOH E 4 .   ? -10.661 -18.099 -1.515  1.00 36.42 ? 368 HOH A O   1 
HETATM 1416 O O   . HOH E 4 .   ? 2.056   -16.320 0.135   1.00 35.96 ? 369 HOH A O   1 
HETATM 1417 O O   . HOH E 4 .   ? -16.624 -3.905  14.107  1.00 20.96 ? 370 HOH A O   1 
HETATM 1418 O O   . HOH E 4 .   ? 14.585  -2.627  4.083   1.00 32.11 ? 371 HOH A O   1 
HETATM 1419 O O   . HOH E 4 .   ? -17.659 -1.284  10.320  1.00 29.52 ? 372 HOH A O   1 
HETATM 1420 O O   . HOH E 4 .   ? 8.454   6.313   11.407  1.00 20.65 ? 373 HOH A O   1 
HETATM 1421 O O   . HOH E 4 .   ? 3.986   13.147  15.231  1.00 31.58 ? 374 HOH A O   1 
HETATM 1422 O O   . HOH E 4 .   ? 1.435   16.328  6.236   1.00 41.12 ? 375 HOH A O   1 
HETATM 1423 O O   . HOH E 4 .   ? 4.303   -10.642 -16.008 1.00 18.10 ? 376 HOH A O   1 
HETATM 1424 O O   . HOH E 4 .   ? 0.836   1.518   15.662  1.00 22.77 ? 377 HOH A O   1 
HETATM 1425 O O   . HOH E 4 .   ? -3.767  18.859  -0.268  1.00 45.41 ? 378 HOH A O   1 
HETATM 1426 O O   . HOH E 4 .   ? -10.334 -9.850  3.989   1.00 17.90 ? 379 HOH A O   1 
HETATM 1427 O O   . HOH E 4 .   ? 8.572   2.086   4.928   1.00 16.58 ? 380 HOH A O   1 
HETATM 1428 O O   . HOH E 4 .   ? 5.139   14.850  0.614   1.00 41.11 ? 381 HOH A O   1 
HETATM 1429 O O   . HOH E 4 .   ? -6.115  -7.986  17.822  1.00 16.80 ? 382 HOH A O   1 
HETATM 1430 O O   . HOH E 4 .   ? 16.329  7.640   -1.218  1.00 30.79 ? 383 HOH A O   1 
HETATM 1431 O O   . HOH E 4 .   ? -5.606  -13.732 14.774  1.00 33.29 ? 384 HOH A O   1 
HETATM 1432 O O   . HOH E 4 .   ? -16.586 4.948   6.598   1.00 29.02 ? 385 HOH A O   1 
HETATM 1433 O O   . HOH E 4 .   ? 16.376  10.173  -0.795  1.00 28.03 ? 386 HOH A O   1 
HETATM 1434 O O   . HOH E 4 .   ? -12.912 -3.654  16.555  1.00 27.56 ? 387 HOH A O   1 
HETATM 1435 O O   . HOH E 4 .   ? 8.933   -0.719  12.340  1.00 30.94 ? 388 HOH A O   1 
HETATM 1436 O O   . HOH E 4 .   ? 8.145   9.774   1.357   1.00 16.18 ? 389 HOH A O   1 
HETATM 1437 O O   . HOH E 4 .   ? 6.265   -12.435 6.618   1.00 40.90 ? 390 HOH A O   1 
HETATM 1438 O O   . HOH E 4 .   ? 11.261  8.745   8.146   1.00 20.02 ? 391 HOH A O   1 
HETATM 1439 O O   . HOH E 4 .   ? -7.901  -13.412 -7.617  1.00 20.81 ? 392 HOH A O   1 
HETATM 1440 O O   . HOH E 4 .   ? -0.084  12.420  -2.386  1.00 19.83 ? 393 HOH A O   1 
HETATM 1441 O O   . HOH E 4 .   ? 8.308   1.648   -12.736 1.00 16.23 ? 394 HOH A O   1 
HETATM 1442 O O   . HOH E 4 .   ? -4.321  -16.420 -0.508  1.00 22.31 ? 395 HOH A O   1 
HETATM 1443 O O   . HOH E 4 .   ? -20.056 -5.470  11.754  1.00 33.72 ? 396 HOH A O   1 
HETATM 1444 O O   . HOH E 4 .   ? -8.712  -10.916 16.452  1.00 29.57 ? 397 HOH A O   1 
HETATM 1445 O O   . HOH E 4 .   ? 12.757  -8.490  -8.787  1.00 15.22 ? 398 HOH A O   1 
HETATM 1446 O O   . HOH E 4 .   ? -15.025 -6.734  15.474  1.00 31.96 ? 399 HOH A O   1 
HETATM 1447 O O   . HOH E 4 .   ? 18.101  -9.913  -23.356 1.00 38.94 ? 400 HOH A O   1 
HETATM 1448 O O   . HOH E 4 .   ? 3.917   8.679   3.916   1.00 17.61 ? 401 HOH A O   1 
HETATM 1449 O O   . HOH E 4 .   ? -2.538  -3.423  21.384  1.00 17.05 ? 402 HOH A O   1 
HETATM 1450 O O   . HOH E 4 .   ? 11.586  2.984   10.050  1.00 47.84 ? 403 HOH A O   1 
HETATM 1451 O O   . HOH E 4 .   ? 13.015  9.067   0.380   1.00 16.40 ? 404 HOH A O   1 
HETATM 1452 O O   . HOH E 4 .   ? -14.362 3.834   0.593   1.00 22.79 ? 405 HOH A O   1 
HETATM 1453 O O   . HOH E 4 .   ? -13.502 2.033   -6.087  1.00 42.77 ? 406 HOH A O   1 
HETATM 1454 O O   . HOH E 4 .   ? 3.893   -14.756 -0.989  1.00 28.03 ? 407 HOH A O   1 
HETATM 1455 O O   . HOH E 4 .   ? 2.558   -6.139  10.514  1.00 27.93 ? 408 HOH A O   1 
HETATM 1456 O O   . HOH E 4 .   ? 1.782   10.305  -10.955 1.00 28.78 ? 409 HOH A O   1 
HETATM 1457 O O   . HOH E 4 .   ? -10.685 5.025   -11.173 1.00 36.56 ? 410 HOH A O   1 
HETATM 1458 O O   . HOH E 4 .   ? -9.042  -8.701  -9.706  1.00 21.62 ? 411 HOH A O   1 
HETATM 1459 O O   . HOH E 4 .   ? -5.340  12.254  4.406   1.00 37.87 ? 412 HOH A O   1 
HETATM 1460 O O   . HOH E 4 .   ? -11.573 -14.284 3.945   1.00 36.34 ? 413 HOH A O   1 
HETATM 1461 O O   . HOH E 4 .   ? -17.513 -8.521  14.317  1.00 33.79 ? 414 HOH A O   1 
HETATM 1462 O O   . HOH E 4 .   ? -5.266  -14.317 7.573   1.00 26.84 ? 415 HOH A O   1 
HETATM 1463 O O   . HOH E 4 .   ? 10.028  14.555  -0.113  1.00 37.04 ? 416 HOH A O   1 
HETATM 1464 O O   . HOH E 4 .   ? 0.209   -5.372  13.853  1.00 20.34 ? 417 HOH A O   1 
HETATM 1465 O O   . HOH E 4 .   ? 2.324   11.298  -8.356  1.00 16.42 ? 418 HOH A O   1 
HETATM 1466 O O   . HOH E 4 .   ? -16.035 4.114   11.498  1.00 40.01 ? 419 HOH A O   1 
HETATM 1467 O O   . HOH E 4 .   ? 15.244  -18.494 -11.592 1.00 40.04 ? 420 HOH A O   1 
HETATM 1468 O O   . HOH E 4 .   ? -8.157  9.249   -6.469  1.00 20.57 ? 421 HOH A O   1 
HETATM 1469 O O   . HOH E 4 .   ? 11.450  -6.577  5.987   1.00 43.81 ? 422 HOH A O   1 
HETATM 1470 O O   . HOH E 4 .   ? -14.291 -0.514  0.011   1.00 26.06 ? 423 HOH A O   1 
HETATM 1471 O O   . HOH E 4 .   ? -1.051  15.928  -5.824  1.00 33.37 ? 424 HOH A O   1 
HETATM 1472 O O   . HOH E 4 .   ? -5.908  -7.531  -13.115 1.00 19.78 ? 425 HOH A O   1 
HETATM 1473 O O   . HOH E 4 .   ? -4.499  10.479  -12.802 1.00 32.99 ? 426 HOH A O   1 
HETATM 1474 O O   . HOH E 4 .   ? 3.342   -5.852  6.604   1.00 20.04 ? 427 HOH A O   1 
HETATM 1475 O O   . HOH E 4 .   ? 0.119   -11.758 14.555  1.00 44.39 ? 428 HOH A O   1 
HETATM 1476 O O   . HOH E 4 .   ? 10.818  0.904   3.852   1.00 20.95 ? 429 HOH A O   1 
HETATM 1477 O O   . HOH E 4 .   ? 4.636   4.612   -16.687 1.00 22.67 ? 430 HOH A O   1 
HETATM 1478 O O   . HOH E 4 .   ? -9.354  1.889   -9.872  1.00 17.87 ? 431 HOH A O   1 
HETATM 1479 O O   . HOH E 4 .   ? -8.508  2.989   -13.498 1.00 40.96 ? 432 HOH A O   1 
HETATM 1480 O O   . HOH E 4 .   ? 11.767  -8.242  -11.429 1.00 15.75 ? 433 HOH A O   1 
HETATM 1481 O O   . HOH E 4 .   ? -15.251 -8.147  -1.668  1.00 33.29 ? 434 HOH A O   1 
HETATM 1482 O O   . HOH E 4 .   ? -3.965  9.758   13.114  1.00 28.55 ? 435 HOH A O   1 
HETATM 1483 O O   . HOH E 4 .   ? 7.630   -10.180 6.161   1.00 30.59 ? 436 HOH A O   1 
HETATM 1484 O O   . HOH E 4 .   ? 8.406   12.507  0.590   1.00 22.73 ? 437 HOH A O   1 
HETATM 1485 O O   . HOH E 4 .   ? -2.708  9.281   -11.081 1.00 23.06 ? 438 HOH A O   1 
HETATM 1486 O O   . HOH E 4 .   ? -17.687 -9.807  3.657   1.00 47.09 ? 439 HOH A O   1 
HETATM 1487 O O   . HOH E 4 .   ? -13.980 -4.662  -6.859  1.00 24.26 ? 440 HOH A O   1 
HETATM 1488 O O   . HOH E 4 .   ? 2.369   -3.622  -17.492 1.00 21.56 ? 441 HOH A O   1 
HETATM 1489 O O   . HOH E 4 .   ? -8.222  -15.020 13.846  1.00 32.91 ? 442 HOH A O   1 
HETATM 1490 O O   . HOH E 4 .   ? 13.670  -5.538  0.793   1.00 21.28 ? 443 HOH A O   1 
HETATM 1491 O O   . HOH E 4 .   ? -13.273 9.442   -8.203  1.00 34.48 ? 444 HOH A O   1 
HETATM 1492 O O   . HOH E 4 .   ? 6.285   -8.498  8.265   1.00 37.22 ? 445 HOH A O   1 
HETATM 1493 O O   . HOH E 4 .   ? -12.183 11.155  -13.122 1.00 34.73 ? 446 HOH A O   1 
HETATM 1494 O O   . HOH E 4 .   ? 7.067   -5.545  5.391   1.00 18.73 ? 447 HOH A O   1 
HETATM 1495 O O   . HOH E 4 .   ? 10.594  -9.215  5.861   1.00 36.82 ? 448 HOH A O   1 
HETATM 1496 O O   . HOH E 4 .   ? 7.403   -16.248 5.345   1.00 27.59 ? 449 HOH A O   1 
HETATM 1497 O O   . HOH E 4 .   ? 0.343   -12.208 5.534   1.00 22.45 ? 450 HOH A O   1 
HETATM 1498 O O   . HOH E 4 .   ? -9.906  11.491  -6.079  1.00 28.05 ? 451 HOH A O   1 
HETATM 1499 O O   . HOH E 4 .   ? 5.826   -13.513 -4.672  1.00 28.73 ? 452 HOH A O   1 
HETATM 1500 O O   . HOH E 4 .   ? -9.448  -5.724  -12.593 1.00 37.91 ? 453 HOH A O   1 
HETATM 1501 O O   . HOH E 4 .   ? -14.513 -0.502  2.832   1.00 24.91 ? 454 HOH A O   1 
HETATM 1502 O O   . HOH E 4 .   ? 16.613  7.680   5.920   1.00 29.84 ? 455 HOH A O   1 
HETATM 1503 O O   . HOH E 4 .   ? -13.276 -8.957  -8.578  1.00 23.21 ? 456 HOH A O   1 
HETATM 1504 O O   . HOH E 4 .   ? -12.478 -0.753  -5.776  1.00 20.59 ? 457 HOH A O   1 
HETATM 1505 O O   . HOH E 4 .   ? 10.680  1.132   8.303   1.00 39.04 ? 458 HOH A O   1 
HETATM 1506 O O   . HOH E 4 .   ? -4.111  17.709  -3.368  1.00 41.84 ? 459 HOH A O   1 
HETATM 1507 O O   . HOH E 4 .   ? -9.013  -1.206  -14.309 1.00 39.08 ? 460 HOH A O   1 
HETATM 1508 O O   . HOH E 4 .   ? -0.061  -17.020 -5.178  1.00 39.30 ? 461 HOH A O   1 
HETATM 1509 O O   . HOH E 4 .   ? 4.952   10.762  10.391  1.00 23.64 ? 462 HOH A O   1 
HETATM 1510 O O   . HOH E 4 .   ? 11.899  -10.923 -21.540 1.00 49.53 ? 463 HOH A O   1 
HETATM 1511 O O   . HOH E 4 .   ? -13.782 3.630   -8.098  1.00 50.40 ? 464 HOH A O   1 
HETATM 1512 O O   . HOH E 4 .   ? -4.233  -7.623  -4.031  1.00 35.01 ? 465 HOH A O   1 
HETATM 1513 O O   . HOH E 4 .   ? -11.618 11.446  -8.147  1.00 36.02 ? 466 HOH A O   1 
HETATM 1514 O O   . HOH E 4 .   ? 3.082   -2.914  -20.105 1.00 35.37 ? 467 HOH A O   1 
HETATM 1515 O O   . HOH E 4 .   ? 12.897  22.257  -5.338  1.00 46.15 ? 468 HOH A O   1 
HETATM 1516 O O   . HOH E 4 .   ? -1.843  14.319  12.470  1.00 46.54 ? 469 HOH A O   1 
HETATM 1517 O O   . HOH E 4 .   ? 10.123  1.516   11.649  1.00 44.50 ? 470 HOH A O   1 
HETATM 1518 O O   . HOH E 4 .   ? 14.532  16.329  9.712   1.00 43.69 ? 471 HOH A O   1 
HETATM 1519 O O   . HOH E 4 .   ? 1.508   14.455  -1.342  1.00 29.44 ? 472 HOH A O   1 
HETATM 1520 O O   . HOH E 4 .   ? -6.561  -12.743 17.155  1.00 31.06 ? 473 HOH A O   1 
HETATM 1521 O O   . HOH E 4 .   ? 5.908   -6.093  -18.272 1.00 28.61 ? 474 HOH A O   1 
HETATM 1522 O O   . HOH E 4 .   ? 5.396   -15.634 -3.096  1.00 34.12 ? 475 HOH A O   1 
HETATM 1523 O O   . HOH E 4 .   ? 6.436   17.675  -1.213  1.00 38.71 ? 476 HOH A O   1 
HETATM 1524 O O   . HOH E 4 .   ? 18.138  21.471  -0.509  1.00 41.14 ? 477 HOH A O   1 
HETATM 1525 O O   . HOH E 4 .   ? -4.159  -12.720 18.586  1.00 29.68 ? 478 HOH A O   1 
HETATM 1526 O O   . HOH E 4 .   ? -3.143  -5.805  -2.111  1.00 37.93 ? 479 HOH A O   1 
HETATM 1527 O O   . HOH E 4 .   ? 5.658   10.589  2.829   1.00 21.83 ? 480 HOH A O   1 
HETATM 1528 O O   . HOH E 4 .   ? -15.338 2.277   2.765   1.00 24.01 ? 481 HOH A O   1 
HETATM 1529 O O   . HOH E 4 .   ? -6.736  -9.406  -10.999 1.00 22.96 ? 482 HOH A O   1 
HETATM 1530 O O   . HOH E 4 .   ? -17.222 3.709   9.088   1.00 40.42 ? 483 HOH A O   1 
HETATM 1531 O O   . HOH E 4 .   ? -17.904 2.619   3.218   1.00 33.01 ? 484 HOH A O   1 
HETATM 1532 O O   . HOH E 4 .   ? -9.670  -3.104  -12.031 1.00 47.25 ? 485 HOH A O   1 
HETATM 1533 O O   . HOH E 4 .   ? 1.940   18.556  7.658   1.00 46.22 ? 486 HOH A O   1 
HETATM 1534 O O   . HOH E 4 .   ? 5.812   13.385  3.210   1.00 30.29 ? 487 HOH A O   1 
HETATM 1535 O O   . HOH E 4 .   ? -8.611  -12.018 4.814   1.00 25.12 ? 488 HOH A O   1 
HETATM 1536 O O   . HOH E 4 .   ? -8.433  -17.717 -0.142  1.00 31.96 ? 489 HOH A O   1 
HETATM 1537 O O   . HOH E 4 .   ? 5.107   15.187  5.126   1.00 45.27 ? 490 HOH A O   1 
HETATM 1538 O O   . HOH E 4 .   ? 0.946   17.084  -1.527  1.00 45.41 ? 491 HOH A O   1 
HETATM 1539 O O   . HOH E 4 .   ? -18.459 -2.080  13.230  1.00 38.18 ? 492 HOH A O   1 
HETATM 1540 O O   . HOH E 4 .   ? -4.497  -13.614 5.106   1.00 33.94 ? 493 HOH A O   1 
HETATM 1541 O O   . HOH E 4 .   ? 5.734   -2.447  14.323  1.00 32.73 ? 494 HOH A O   1 
HETATM 1542 O O   . HOH E 4 .   ? 7.536   13.295  18.239  1.00 38.38 ? 495 HOH A O   1 
HETATM 1543 O O   . HOH E 4 .   ? -1.553  -9.036  -7.402  1.00 15.45 ? 496 HOH A O   1 
HETATM 1544 O O   . HOH E 4 .   ? -11.243 -1.845  -10.426 1.00 41.64 ? 497 HOH A O   1 
HETATM 1545 O O   . HOH E 4 .   ? 3.193   -8.497  11.760  1.00 34.91 ? 498 HOH A O   1 
HETATM 1546 O O   . HOH E 4 .   ? -1.413  17.292  -3.580  1.00 45.54 ? 499 HOH A O   1 
HETATM 1547 O O   . HOH E 4 .   ? 2.474   16.441  3.742   1.00 48.48 ? 500 HOH A O   1 
HETATM 1548 O O   . HOH E 4 .   ? 9.078   8.588   9.850   1.00 25.04 ? 501 HOH A O   1 
HETATM 1549 O O   . HOH E 4 .   ? -10.240 -5.750  19.427  1.00 20.26 ? 502 HOH A O   1 
HETATM 1550 O O   . HOH E 4 .   ? -18.683 3.670   5.657   1.00 37.01 ? 503 HOH A O   1 
HETATM 1551 O O   . HOH E 4 .   ? -15.020 -4.506  -4.337  1.00 44.93 ? 504 HOH A O   1 
HETATM 1552 O O   . HOH E 4 .   ? 7.358   -14.018 -6.761  1.00 27.70 ? 505 HOH A O   1 
HETATM 1553 O O   . HOH E 4 .   ? -2.440  -19.746 -2.834  1.00 43.52 ? 506 HOH A O   1 
HETATM 1554 O O   . HOH E 4 .   ? -7.673  -16.604 4.352   1.00 40.44 ? 507 HOH A O   1 
HETATM 1555 O O   . HOH E 4 .   ? -8.978  -15.732 7.327   1.00 41.98 ? 508 HOH A O   1 
HETATM 1556 O O   . HOH E 4 .   ? -4.185  -19.246 -0.851  1.00 37.14 ? 509 HOH A O   1 
HETATM 1557 O O   . HOH E 4 .   ? 6.793   -5.448  8.115   1.00 28.42 ? 510 HOH A O   1 
HETATM 1558 O O   . HOH E 4 .   ? 18.089  -14.003 -18.719 1.00 45.47 ? 511 HOH A O   1 
HETATM 1559 O O   . HOH E 4 .   ? -16.860 7.829   6.510   1.00 39.82 ? 512 HOH A O   1 
HETATM 1560 O O   . HOH E 4 .   ? -18.229 1.237   9.559   1.00 37.36 ? 513 HOH A O   1 
HETATM 1561 O O   . HOH E 4 .   ? -14.840 1.894   -1.245  1.00 25.71 ? 514 HOH A O   1 
HETATM 1562 O O   . HOH E 4 .   ? -3.740  -16.910 2.122   1.00 36.41 ? 515 HOH A O   1 
HETATM 1563 O O   . HOH E 4 .   ? -16.759 -2.525  -1.235  1.00 42.80 ? 516 HOH A O   1 
HETATM 1564 O O   . HOH E 4 .   ? 13.475  2.559   7.786   1.00 35.91 ? 517 HOH A O   1 
HETATM 1565 O O   . HOH E 4 .   ? 12.612  0.808   5.866   1.00 34.01 ? 518 HOH A O   1 
HETATM 1566 O O   . HOH E 4 .   ? -1.034  -4.197  -7.593  1.00 23.05 ? 519 HOH A O   1 
HETATM 1567 O O   . HOH E 4 .   ? 1.571   -8.031  14.123  1.00 33.60 ? 520 HOH A O   1 
HETATM 1568 O O   . HOH E 4 .   ? -16.896 -3.422  5.216   1.00 31.77 ? 521 HOH A O   1 
HETATM 1569 O O   . HOH E 4 .   ? 6.395   -16.597 -7.871  1.00 33.38 ? 522 HOH A O   1 
HETATM 1570 O O   . HOH E 4 .   ? -15.268 -13.586 14.928  1.00 41.09 ? 523 HOH A O   1 
HETATM 1571 O O   . HOH E 4 .   ? -0.896  0.428   22.826  1.00 35.97 ? 524 HOH A O   1 
HETATM 1572 O O   . HOH E 4 .   ? -15.078 1.991   -3.975  1.00 32.86 ? 525 HOH A O   1 
HETATM 1573 O O   . HOH E 4 .   ? 5.299   -5.027  14.056  1.00 36.49 ? 526 HOH A O   1 
HETATM 1574 O O   . HOH E 4 .   ? -16.954 -1.619  3.270   1.00 24.99 ? 527 HOH A O   1 
HETATM 1575 O O   . HOH E 4 .   ? -18.103 -2.852  1.103   1.00 39.36 ? 528 HOH A O   1 
HETATM 1576 O O   . HOH E 4 .   ? -18.544 -2.415  7.263   1.00 35.57 ? 529 HOH A O   1 
HETATM 1577 O O   . HOH E 4 .   ? -18.814 0.192   3.968   1.00 36.61 ? 530 HOH A O   1 
HETATM 1578 O O   . HOH E 4 .   ? -19.577 -0.063  6.687   1.00 40.24 ? 531 HOH A O   1 
# 
